data_6MGG
#
_entry.id   6MGG
#
_cell.length_a   66.911
_cell.length_b   158.338
_cell.length_c   73.585
_cell.angle_alpha   90.000
_cell.angle_beta   111.730
_cell.angle_gamma   90.000
#
_symmetry.space_group_name_H-M   'P 1 21 1'
#
loop_
_entity.id
_entity.type
_entity.pdbx_description
1 polymer 'Succinate--CoA ligase [ADP-forming] subunit alpha'
2 polymer 'Succinate--CoA ligase [ADP-forming] subunit beta'
3 non-polymer 'COENZYME A'
4 non-polymer 'MAGNESIUM ION'
5 non-polymer 1,2-ETHANEDIOL
6 water water
#
loop_
_entity_poly.entity_id
_entity_poly.type
_entity_poly.pdbx_seq_one_letter_code
_entity_poly.pdbx_strand_id
1 'polypeptide(L)'
;MSVLVDKNTKVLVQGFTGKNGTFHSEQAIAYGTNIVGGVTPGKGGTTHLDRPVFNTMAEAVAATGADASVIYVPAPFVKD
SAIEVIDSGVKLVVIITEGVPTLDMLVVKEYLKDKDVRVIGPNCPGIITPGECKIGIMPGHIHMKGKVGIISRSGTLTYE
AVAQTTKLGFGQSTCIGIGGDPIPGMNQIEALKLLENDPQTEAIILIGEIGGTAEEEAAEYIKHNVTKPVIGYIAGVTAP
PGKRMG(NEP)AGAIISGGKGTAEEKFAAFEAAGIAYTRSPAEIGKKLKEVTGWENLYFQ
;
A,C
2 'polypeptide(L)'
;MNLHEYQAKDLLESYGLKVQKGIVAHNPNEAAQAFDQLGGKFAVVKAQVHAGGRGKAGGVKVVKSSQETREVAESLIGKN
LVTFQTDAEGQPVNSVGVFEDVYPVTRELYLGAVVDRSSRKVTFMASTEGGVDIEEVAHNSPEKILKVEVDPLVGLQPFQ
AREVAFKLGLEGKQINDFVKTMLGAYKAFIECDFALFEINPLAVRENGEIVCVDGKINLDSNALYRHPKLLALRDKSQEN
AKELKASEHELNYVALEGNIGCMVNGAGLAMATMDIIQLYGGKPANFLDVGGGATKERVIEAFKLILDDENVKAILINIF
GGIVRCDMIAEAIIEAVKEVNVTVPVVVRLEGNNAEKGAKILADSGLKLIPADGLADAADKVVKSLG
;
B,D
#
loop_
_chem_comp.id
_chem_comp.type
_chem_comp.name
_chem_comp.formula
COA non-polymer 'COENZYME A' 'C21 H36 N7 O16 P3 S'
EDO non-polymer 1,2-ETHANEDIOL 'C2 H6 O2'
MG non-polymer 'MAGNESIUM ION' 'Mg 2'
#
# COMPACT_ATOMS: atom_id res chain seq x y z
N SER A 2 38.11 27.92 12.47
CA SER A 2 37.29 26.85 13.08
C SER A 2 36.80 27.31 14.45
N VAL A 3 35.76 26.64 14.94
CA VAL A 3 35.23 26.95 16.25
C VAL A 3 35.08 25.64 17.03
N LEU A 4 35.21 25.79 18.36
CA LEU A 4 34.86 24.80 19.43
C LEU A 4 35.79 23.59 19.45
N VAL A 5 36.17 23.04 18.28
CA VAL A 5 37.03 21.86 18.29
C VAL A 5 38.15 22.03 17.25
N ASP A 6 39.32 21.48 17.60
CA ASP A 6 40.51 21.47 16.74
C ASP A 6 41.41 20.31 17.16
N LYS A 7 42.64 20.31 16.62
CA LYS A 7 43.57 19.18 16.83
C LYS A 7 43.96 19.05 18.32
N ASN A 8 43.75 20.08 19.13
CA ASN A 8 44.13 20.02 20.54
C ASN A 8 42.97 19.52 21.40
N THR A 9 41.78 19.37 20.82
CA THR A 9 40.62 18.96 21.62
C THR A 9 40.84 17.53 22.15
N LYS A 10 40.63 17.32 23.46
CA LYS A 10 40.73 16.00 24.10
CA LYS A 10 40.73 16.00 24.10
C LYS A 10 39.30 15.58 24.45
N VAL A 11 38.88 14.41 23.91
CA VAL A 11 37.50 13.97 23.90
C VAL A 11 37.35 12.72 24.75
N LEU A 12 36.38 12.74 25.67
CA LEU A 12 35.90 11.58 26.39
C LEU A 12 34.62 11.07 25.72
N VAL A 13 34.35 9.77 25.88
CA VAL A 13 33.16 9.19 25.32
C VAL A 13 32.29 8.60 26.43
N GLN A 14 31.06 9.09 26.57
CA GLN A 14 30.10 8.48 27.49
C GLN A 14 29.37 7.42 26.68
N GLY A 15 29.33 6.20 27.22
CA GLY A 15 28.80 5.00 26.50
C GLY A 15 29.86 4.44 25.56
N PHE A 16 31.12 4.56 25.98
CA PHE A 16 32.28 4.24 25.20
C PHE A 16 32.31 2.77 24.80
N THR A 17 31.88 1.89 25.71
CA THR A 17 32.02 0.50 25.48
C THR A 17 30.84 -0.08 24.67
N GLY A 18 29.83 0.75 24.38
CA GLY A 18 28.61 0.30 23.71
C GLY A 18 28.85 0.11 22.23
N LYS A 19 27.83 -0.31 21.49
CA LYS A 19 28.06 -0.60 20.09
C LYS A 19 28.44 0.67 19.31
N ASN A 20 27.62 1.73 19.44
CA ASN A 20 27.87 2.91 18.64
C ASN A 20 29.03 3.70 19.20
N GLY A 21 29.17 3.73 20.53
CA GLY A 21 30.35 4.34 21.10
C GLY A 21 31.64 3.71 20.59
N THR A 22 31.64 2.39 20.47
CA THR A 22 32.84 1.68 20.03
C THR A 22 33.11 2.03 18.56
N PHE A 23 32.08 1.89 17.74
CA PHE A 23 32.26 2.02 16.31
C PHE A 23 32.73 3.45 15.95
N HIS A 24 32.03 4.46 16.47
CA HIS A 24 32.32 5.85 16.10
C HIS A 24 33.63 6.31 16.74
N SER A 25 33.98 5.74 17.89
CA SER A 25 35.27 6.06 18.52
C SER A 25 36.42 5.49 17.68
N GLU A 26 36.29 4.27 17.16
CA GLU A 26 37.31 3.68 16.26
C GLU A 26 37.54 4.61 15.06
N GLN A 27 36.45 5.07 14.45
CA GLN A 27 36.52 5.94 13.30
C GLN A 27 37.18 7.27 13.68
N ALA A 28 36.78 7.83 14.85
CA ALA A 28 37.29 9.10 15.31
C ALA A 28 38.82 9.00 15.51
N ILE A 29 39.26 7.93 16.15
CA ILE A 29 40.71 7.73 16.36
C ILE A 29 41.40 7.69 14.99
N ALA A 30 40.87 6.89 14.04
CA ALA A 30 41.44 6.78 12.67
C ALA A 30 41.48 8.15 11.99
N TYR A 31 40.47 8.99 12.25
CA TYR A 31 40.34 10.31 11.64
C TYR A 31 41.40 11.29 12.19
N GLY A 32 41.85 11.09 13.43
CA GLY A 32 42.78 12.03 14.02
C GLY A 32 42.23 12.74 15.24
N THR A 33 40.98 12.44 15.63
CA THR A 33 40.44 12.93 16.91
C THR A 33 41.20 12.31 18.09
N ASN A 34 41.54 13.13 19.07
CA ASN A 34 42.15 12.61 20.27
C ASN A 34 41.07 12.11 21.24
N ILE A 35 40.75 10.82 21.16
CA ILE A 35 39.88 10.16 22.15
C ILE A 35 40.77 9.77 23.31
N VAL A 36 40.54 10.32 24.51
CA VAL A 36 41.45 10.08 25.66
C VAL A 36 40.90 9.00 26.63
N GLY A 37 39.68 8.54 26.38
CA GLY A 37 39.06 7.52 27.20
C GLY A 37 37.56 7.70 27.25
N GLY A 38 36.93 7.00 28.19
CA GLY A 38 35.51 7.12 28.25
C GLY A 38 34.96 6.59 29.54
N VAL A 39 33.62 6.71 29.64
CA VAL A 39 32.93 6.38 30.83
C VAL A 39 31.82 5.37 30.50
N THR A 40 31.81 4.28 31.23
CA THR A 40 30.75 3.33 31.26
C THR A 40 30.68 2.79 32.68
N PRO A 41 29.65 3.18 33.44
CA PRO A 41 29.51 2.71 34.81
C PRO A 41 29.56 1.19 34.83
N GLY A 42 30.43 0.66 35.68
CA GLY A 42 30.60 -0.77 35.86
C GLY A 42 31.81 -1.33 35.14
N LYS A 43 32.47 -0.53 34.27
CA LYS A 43 33.66 -0.98 33.57
C LYS A 43 34.88 -0.12 33.90
N GLY A 44 34.77 0.73 34.95
CA GLY A 44 35.91 1.53 35.46
C GLY A 44 37.14 0.67 35.67
N GLY A 45 38.32 1.17 35.28
CA GLY A 45 39.59 0.47 35.48
C GLY A 45 39.94 -0.50 34.35
N THR A 46 39.05 -0.67 33.35
CA THR A 46 39.32 -1.47 32.14
C THR A 46 39.87 -0.55 31.05
N THR A 47 40.19 -1.14 29.91
CA THR A 47 40.62 -0.41 28.76
C THR A 47 39.73 -0.85 27.61
N HIS A 48 39.63 0.03 26.63
CA HIS A 48 38.82 -0.15 25.48
C HIS A 48 39.47 0.67 24.35
N LEU A 49 39.69 0.04 23.20
CA LEU A 49 40.38 0.70 22.08
C LEU A 49 41.69 1.31 22.57
N ASP A 50 42.33 0.62 23.51
CA ASP A 50 43.64 1.00 24.08
C ASP A 50 43.58 2.38 24.75
N ARG A 51 42.44 2.66 25.38
CA ARG A 51 42.21 3.89 26.14
C ARG A 51 41.55 3.54 27.47
N PRO A 52 41.74 4.36 28.53
CA PRO A 52 41.16 4.06 29.82
C PRO A 52 39.63 4.25 29.85
N VAL A 53 38.98 3.37 30.60
CA VAL A 53 37.59 3.46 30.93
C VAL A 53 37.44 3.79 32.42
N PHE A 54 36.50 4.70 32.70
CA PHE A 54 36.22 5.18 34.03
C PHE A 54 34.75 4.95 34.37
N ASN A 55 34.49 4.87 35.68
CA ASN A 55 33.14 4.71 36.18
C ASN A 55 32.41 6.05 36.20
N THR A 56 33.15 7.16 36.35
CA THR A 56 32.52 8.44 36.55
C THR A 56 33.22 9.50 35.68
N MET A 57 32.49 10.53 35.29
CA MET A 57 33.12 11.63 34.54
C MET A 57 34.12 12.38 35.46
N ALA A 58 33.86 12.44 36.76
CA ALA A 58 34.81 13.19 37.63
C ALA A 58 36.22 12.53 37.58
N GLU A 59 36.26 11.21 37.71
CA GLU A 59 37.52 10.42 37.64
C GLU A 59 38.17 10.62 36.28
N ALA A 60 37.35 10.54 35.21
CA ALA A 60 37.85 10.64 33.82
C ALA A 60 38.51 12.00 33.57
N VAL A 61 37.84 13.07 34.01
CA VAL A 61 38.32 14.39 33.73
C VAL A 61 39.60 14.62 34.56
N ALA A 62 39.60 14.17 35.82
CA ALA A 62 40.80 14.30 36.69
C ALA A 62 42.00 13.61 36.03
N ALA A 63 41.78 12.43 35.43
CA ALA A 63 42.86 11.63 34.84
C ALA A 63 43.36 12.21 33.51
N THR A 64 42.48 12.79 32.68
CA THR A 64 42.76 13.05 31.26
C THR A 64 42.86 14.54 30.92
N GLY A 65 42.27 15.41 31.76
CA GLY A 65 42.08 16.82 31.44
C GLY A 65 41.30 17.02 30.14
N ALA A 66 40.37 16.09 29.83
CA ALA A 66 39.50 16.20 28.65
C ALA A 66 38.75 17.54 28.65
N ASP A 67 38.53 18.12 27.48
CA ASP A 67 37.75 19.36 27.44
C ASP A 67 36.45 19.19 26.62
N ALA A 68 36.25 18.02 25.99
CA ALA A 68 35.01 17.72 25.28
C ALA A 68 34.54 16.31 25.65
N SER A 69 33.23 16.08 25.43
CA SER A 69 32.64 14.77 25.66
C SER A 69 31.54 14.53 24.61
N VAL A 70 31.41 13.28 24.16
CA VAL A 70 30.35 12.92 23.28
C VAL A 70 29.55 11.79 23.98
N ILE A 71 28.23 11.87 23.88
CA ILE A 71 27.29 10.98 24.56
C ILE A 71 26.62 10.07 23.53
N TYR A 72 26.81 8.76 23.70
CA TYR A 72 26.22 7.67 22.94
C TYR A 72 25.36 6.78 23.87
N VAL A 73 24.80 7.35 24.93
CA VAL A 73 24.03 6.56 25.89
C VAL A 73 22.56 6.55 25.45
N PRO A 74 21.81 5.47 25.68
CA PRO A 74 20.39 5.43 25.29
C PRO A 74 19.59 6.56 25.95
N ALA A 75 18.47 6.93 25.32
CA ALA A 75 17.68 8.14 25.71
C ALA A 75 17.38 8.19 27.19
N PRO A 76 16.95 7.09 27.83
CA PRO A 76 16.56 7.15 29.24
C PRO A 76 17.66 7.68 30.16
N PHE A 77 18.93 7.57 29.74
CA PHE A 77 20.03 7.91 30.64
C PHE A 77 20.70 9.22 30.22
N VAL A 78 20.14 9.92 29.26
CA VAL A 78 20.83 11.09 28.69
C VAL A 78 20.80 12.29 29.63
N LYS A 79 19.66 12.57 30.28
CA LYS A 79 19.56 13.70 31.20
C LYS A 79 20.62 13.54 32.32
N ASP A 80 20.68 12.34 32.92
CA ASP A 80 21.72 11.98 33.91
C ASP A 80 23.14 12.23 33.37
N SER A 81 23.47 11.69 32.20
CA SER A 81 24.79 11.79 31.58
C SER A 81 25.15 13.24 31.24
N ALA A 82 24.17 14.00 30.77
CA ALA A 82 24.40 15.40 30.40
C ALA A 82 24.70 16.25 31.65
N ILE A 83 23.92 16.07 32.71
CA ILE A 83 24.20 16.84 33.94
C ILE A 83 25.58 16.41 34.48
N GLU A 84 25.88 15.11 34.41
CA GLU A 84 27.16 14.60 34.93
C GLU A 84 28.30 15.33 34.23
N VAL A 85 28.23 15.43 32.91
CA VAL A 85 29.38 16.04 32.19
C VAL A 85 29.38 17.57 32.38
N ILE A 86 28.21 18.19 32.45
CA ILE A 86 28.11 19.61 32.75
C ILE A 86 28.81 19.92 34.08
N ASP A 87 28.63 19.06 35.10
CA ASP A 87 29.20 19.28 36.40
C ASP A 87 30.70 18.96 36.47
N SER A 88 31.28 18.38 35.42
CA SER A 88 32.61 17.73 35.50
C SER A 88 33.80 18.68 35.23
N GLY A 89 33.56 19.79 34.55
CA GLY A 89 34.58 20.73 34.10
C GLY A 89 34.82 20.69 32.61
N VAL A 90 34.29 19.67 31.93
CA VAL A 90 34.25 19.64 30.43
C VAL A 90 33.47 20.84 29.88
N LYS A 91 33.98 21.49 28.82
CA LYS A 91 33.37 22.73 28.29
C LYS A 91 32.44 22.49 27.09
N LEU A 92 32.53 21.33 26.46
CA LEU A 92 31.77 21.04 25.23
C LEU A 92 31.24 19.62 25.29
N VAL A 93 29.95 19.52 25.05
CA VAL A 93 29.24 18.26 25.13
C VAL A 93 28.48 18.10 23.81
N VAL A 94 28.65 16.95 23.17
CA VAL A 94 27.91 16.57 21.99
C VAL A 94 27.02 15.38 22.32
N ILE A 95 25.72 15.54 22.09
CA ILE A 95 24.75 14.47 22.41
C ILE A 95 24.20 13.91 21.10
N ILE A 96 24.55 12.67 20.77
CA ILE A 96 24.12 12.07 19.50
C ILE A 96 22.68 11.52 19.63
N THR A 97 22.36 11.01 20.82
CA THR A 97 21.22 10.15 21.08
C THR A 97 19.91 10.77 20.59
N GLU A 98 19.07 9.94 19.96
CA GLU A 98 17.71 10.28 19.55
C GLU A 98 16.71 9.71 20.56
N GLY A 99 15.61 10.43 20.73
CA GLY A 99 14.50 9.99 21.61
C GLY A 99 14.55 10.59 23.02
N VAL A 100 15.37 11.62 23.25
CA VAL A 100 15.42 12.22 24.61
C VAL A 100 14.12 12.99 24.86
N PRO A 101 13.38 12.73 25.95
CA PRO A 101 12.16 13.48 26.25
C PRO A 101 12.39 14.99 26.20
N THR A 102 11.41 15.70 25.65
CA THR A 102 11.48 17.09 25.51
C THR A 102 11.69 17.75 26.88
N LEU A 103 10.96 17.26 27.89
CA LEU A 103 11.02 17.93 29.20
C LEU A 103 12.40 17.72 29.85
N ASP A 104 13.12 16.65 29.49
CA ASP A 104 14.49 16.46 29.96
C ASP A 104 15.42 17.54 29.37
N MET A 105 15.33 17.81 28.07
CA MET A 105 16.12 18.90 27.50
C MET A 105 15.64 20.27 28.02
N LEU A 106 14.35 20.44 28.28
CA LEU A 106 13.89 21.73 28.86
C LEU A 106 14.65 22.02 30.16
N VAL A 107 14.80 21.01 31.01
CA VAL A 107 15.47 21.17 32.29
CA VAL A 107 15.45 21.26 32.28
C VAL A 107 16.97 21.34 32.09
N VAL A 108 17.57 20.54 31.20
CA VAL A 108 19.00 20.62 30.92
C VAL A 108 19.35 22.01 30.38
N LYS A 109 18.56 22.47 29.41
CA LYS A 109 18.81 23.78 28.80
C LYS A 109 18.75 24.90 29.87
N GLU A 110 17.74 24.83 30.76
CA GLU A 110 17.62 25.77 31.90
C GLU A 110 18.84 25.64 32.83
N TYR A 111 19.28 24.40 33.10
CA TYR A 111 20.42 24.17 34.01
C TYR A 111 21.68 24.84 33.43
N LEU A 112 21.82 24.84 32.11
CA LEU A 112 22.98 25.41 31.43
C LEU A 112 23.06 26.92 31.53
N LYS A 113 22.00 27.61 31.92
CA LYS A 113 21.95 29.03 31.66
C LYS A 113 23.05 29.78 32.43
N ASP A 114 23.53 29.27 33.58
CA ASP A 114 24.63 29.97 34.30
C ASP A 114 25.93 29.16 34.23
N LYS A 115 26.09 28.24 33.28
CA LYS A 115 27.23 27.36 33.31
C LYS A 115 28.18 27.84 32.20
N ASP A 116 29.41 27.35 32.20
CA ASP A 116 30.38 27.73 31.16
C ASP A 116 30.56 26.55 30.21
N VAL A 117 29.44 25.94 29.77
CA VAL A 117 29.43 24.67 29.05
C VAL A 117 28.51 24.82 27.84
N ARG A 118 28.98 24.41 26.66
CA ARG A 118 28.16 24.34 25.48
C ARG A 118 27.72 22.89 25.27
N VAL A 119 26.44 22.70 24.91
CA VAL A 119 25.90 21.41 24.62
C VAL A 119 25.31 21.44 23.19
N ILE A 120 25.79 20.53 22.33
CA ILE A 120 25.31 20.38 20.96
C ILE A 120 24.45 19.12 20.88
N GLY A 121 23.23 19.25 20.34
CA GLY A 121 22.32 18.11 20.30
C GLY A 121 21.15 18.29 21.25
N PRO A 122 20.35 17.26 21.55
CA PRO A 122 20.58 15.87 21.13
C PRO A 122 20.07 15.60 19.71
N ASN A 123 20.05 14.33 19.32
CA ASN A 123 19.51 13.90 18.02
C ASN A 123 20.22 14.64 16.88
N CYS A 124 21.54 14.54 16.90
CA CYS A 124 22.38 15.31 15.96
C CYS A 124 23.59 14.49 15.57
N PRO A 125 24.24 14.80 14.42
CA PRO A 125 25.41 14.04 14.00
C PRO A 125 26.71 14.56 14.65
N GLY A 126 26.65 15.71 15.33
CA GLY A 126 27.76 16.27 16.09
C GLY A 126 28.42 17.43 15.35
N ILE A 127 29.72 17.58 15.59
CA ILE A 127 30.54 18.72 15.15
C ILE A 127 31.85 18.17 14.56
N ILE A 128 32.28 18.81 13.46
CA ILE A 128 33.48 18.48 12.76
C ILE A 128 34.15 19.78 12.32
N THR A 129 35.44 19.81 12.61
CA THR A 129 36.40 20.76 12.03
C THR A 129 37.27 19.97 11.08
N PRO A 130 36.94 19.95 9.78
CA PRO A 130 37.59 19.02 8.87
C PRO A 130 39.11 19.28 8.85
N GLY A 131 39.86 18.18 8.92
CA GLY A 131 41.30 18.15 8.94
C GLY A 131 41.85 18.18 10.35
N GLU A 132 40.99 18.26 11.38
CA GLU A 132 41.48 18.56 12.74
C GLU A 132 40.81 17.66 13.79
N CYS A 133 39.48 17.67 13.84
CA CYS A 133 38.73 16.98 14.90
C CYS A 133 37.31 16.67 14.42
N LYS A 134 36.85 15.45 14.64
CA LYS A 134 35.46 15.11 14.46
C LYS A 134 34.92 14.49 15.76
N ILE A 135 33.77 15.01 16.19
CA ILE A 135 33.04 14.47 17.35
C ILE A 135 31.63 14.16 16.88
N GLY A 136 31.37 12.90 16.63
CA GLY A 136 30.09 12.47 16.15
C GLY A 136 30.19 11.41 15.09
N ILE A 137 29.14 11.29 14.28
CA ILE A 137 28.91 10.13 13.45
C ILE A 137 29.07 10.45 11.95
N MET A 138 29.44 11.66 11.60
CA MET A 138 29.52 12.09 10.23
C MET A 138 30.75 11.47 9.56
N PRO A 139 30.67 11.17 8.24
CA PRO A 139 31.81 10.56 7.54
C PRO A 139 32.87 11.62 7.22
N GLY A 140 34.09 11.39 7.70
CA GLY A 140 35.16 12.35 7.53
C GLY A 140 35.46 12.59 6.06
N HIS A 141 35.44 11.52 5.26
CA HIS A 141 36.02 11.52 3.91
C HIS A 141 35.29 12.48 2.94
N ILE A 142 34.03 12.88 3.22
CA ILE A 142 33.28 13.78 2.31
C ILE A 142 33.65 15.25 2.59
N HIS A 143 34.25 15.53 3.75
CA HIS A 143 34.63 16.87 4.18
C HIS A 143 36.01 17.25 3.65
N MET A 144 36.28 18.56 3.62
CA MET A 144 37.61 19.11 3.28
C MET A 144 37.84 20.42 4.03
N LYS A 145 39.01 20.55 4.65
CA LYS A 145 39.35 21.82 5.34
C LYS A 145 39.16 23.00 4.36
N GLY A 146 38.35 23.99 4.74
CA GLY A 146 38.00 25.16 3.90
C GLY A 146 37.38 26.30 4.70
N LYS A 147 36.46 27.03 4.06
CA LYS A 147 36.07 28.36 4.54
C LYS A 147 34.55 28.53 4.69
N VAL A 148 33.76 27.45 4.53
CA VAL A 148 32.31 27.56 4.67
C VAL A 148 31.91 26.93 6.02
N GLY A 149 31.26 27.72 6.88
CA GLY A 149 30.72 27.20 8.12
C GLY A 149 29.32 26.69 7.90
N ILE A 150 28.94 25.56 8.53
CA ILE A 150 27.61 25.00 8.23
C ILE A 150 26.90 24.77 9.55
N ILE A 151 25.62 25.20 9.64
CA ILE A 151 24.71 24.95 10.82
C ILE A 151 23.45 24.26 10.29
N SER A 152 23.07 23.15 10.92
CA SER A 152 21.99 22.36 10.35
C SER A 152 21.21 21.62 11.43
N ARG A 153 19.89 21.52 11.24
CA ARG A 153 19.05 20.70 12.13
C ARG A 153 19.00 19.24 11.65
N SER A 154 19.65 18.90 10.53
CA SER A 154 19.50 17.52 10.02
C SER A 154 20.85 16.81 9.98
N GLY A 155 20.81 15.52 9.69
CA GLY A 155 22.03 14.73 9.53
C GLY A 155 22.48 14.63 8.08
N THR A 156 21.89 13.67 7.36
CA THR A 156 22.35 13.38 6.01
C THR A 156 22.11 14.58 5.10
N LEU A 157 21.09 15.41 5.36
CA LEU A 157 20.89 16.59 4.50
C LEU A 157 22.10 17.52 4.62
N THR A 158 22.69 17.61 5.81
CA THR A 158 23.93 18.35 6.01
C THR A 158 25.05 17.82 5.09
N TYR A 159 25.14 16.49 4.95
CA TYR A 159 26.18 15.87 4.13
C TYR A 159 26.07 16.29 2.66
N GLU A 160 24.86 16.60 2.18
CA GLU A 160 24.70 17.10 0.78
C GLU A 160 25.36 18.48 0.66
N ALA A 161 25.12 19.36 1.64
CA ALA A 161 25.75 20.67 1.59
C ALA A 161 27.27 20.51 1.71
N VAL A 162 27.74 19.57 2.54
CA VAL A 162 29.19 19.30 2.67
C VAL A 162 29.73 18.81 1.31
N ALA A 163 29.08 17.79 0.71
CA ALA A 163 29.46 17.26 -0.62
C ALA A 163 29.59 18.40 -1.64
N GLN A 164 28.58 19.29 -1.67
CA GLN A 164 28.50 20.38 -2.69
C GLN A 164 29.65 21.40 -2.48
N THR A 165 29.88 21.81 -1.22
CA THR A 165 30.96 22.76 -0.91
C THR A 165 32.36 22.12 -1.06
N THR A 166 32.48 20.82 -0.82
CA THR A 166 33.74 20.12 -1.08
C THR A 166 34.01 20.13 -2.60
N LYS A 167 33.01 19.73 -3.40
CA LYS A 167 33.17 19.59 -4.86
C LYS A 167 33.46 20.94 -5.51
N LEU A 168 32.92 22.04 -4.95
CA LEU A 168 33.19 23.35 -5.50
C LEU A 168 34.57 23.85 -5.04
N GLY A 169 35.26 23.08 -4.18
CA GLY A 169 36.62 23.37 -3.73
C GLY A 169 36.69 24.38 -2.60
N PHE A 170 35.54 24.78 -2.04
CA PHE A 170 35.49 25.75 -0.95
C PHE A 170 35.80 25.11 0.42
N GLY A 171 35.31 23.88 0.62
CA GLY A 171 35.55 23.15 1.88
C GLY A 171 34.84 23.81 3.05
N GLN A 172 35.07 23.24 4.25
CA GLN A 172 34.31 23.64 5.46
C GLN A 172 35.26 24.07 6.58
N SER A 173 34.89 25.12 7.29
CA SER A 173 35.61 25.51 8.46
C SER A 173 35.21 24.58 9.62
N THR A 174 33.98 24.76 10.07
CA THR A 174 33.38 23.91 11.10
C THR A 174 31.92 23.68 10.69
N CYS A 175 31.44 22.42 10.87
CA CYS A 175 30.06 22.09 10.62
C CYS A 175 29.45 21.66 11.94
N ILE A 176 28.32 22.28 12.27
CA ILE A 176 27.66 22.11 13.55
C ILE A 176 26.28 21.56 13.24
N GLY A 177 26.03 20.31 13.67
CA GLY A 177 24.74 19.72 13.62
C GLY A 177 24.00 19.93 14.92
N ILE A 178 23.08 20.90 14.94
CA ILE A 178 22.45 21.26 16.18
C ILE A 178 21.31 20.29 16.52
N GLY A 179 20.92 19.43 15.57
CA GLY A 179 19.99 18.31 15.86
C GLY A 179 18.52 18.64 15.61
N GLY A 180 17.72 17.58 15.65
CA GLY A 180 16.36 17.58 15.15
C GLY A 180 15.31 17.71 16.24
N ASP A 181 15.71 18.08 17.46
CA ASP A 181 14.78 18.03 18.56
C ASP A 181 14.14 19.41 18.81
N PRO A 182 13.01 19.47 19.55
CA PRO A 182 12.28 20.74 19.78
C PRO A 182 13.03 21.79 20.62
N ILE A 183 13.84 21.32 21.56
CA ILE A 183 14.69 22.14 22.39
C ILE A 183 16.12 21.60 22.32
N PRO A 184 16.92 22.11 21.37
CA PRO A 184 18.35 21.80 21.32
C PRO A 184 19.16 22.47 22.43
N GLY A 185 20.33 21.92 22.74
CA GLY A 185 21.21 22.52 23.71
C GLY A 185 21.90 23.76 23.17
N MET A 186 22.11 23.81 21.86
CA MET A 186 22.72 24.94 21.16
C MET A 186 21.82 25.32 20.00
N ASN A 187 21.33 26.57 19.97
CA ASN A 187 20.43 27.01 18.93
C ASN A 187 21.23 27.69 17.82
N GLN A 188 20.52 28.10 16.77
CA GLN A 188 21.13 28.64 15.54
C GLN A 188 21.91 29.93 15.82
N ILE A 189 21.34 30.80 16.67
CA ILE A 189 21.93 32.09 17.00
C ILE A 189 23.26 31.88 17.71
N GLU A 190 23.32 30.92 18.66
CA GLU A 190 24.55 30.62 19.37
CA GLU A 190 24.57 30.67 19.36
C GLU A 190 25.64 30.24 18.34
N ALA A 191 25.27 29.40 17.38
CA ALA A 191 26.20 28.88 16.41
C ALA A 191 26.59 29.98 15.43
N LEU A 192 25.63 30.81 15.01
CA LEU A 192 25.94 31.94 14.11
C LEU A 192 26.94 32.90 14.75
N LYS A 193 26.75 33.20 16.04
CA LYS A 193 27.69 34.07 16.76
C LYS A 193 29.11 33.51 16.62
N LEU A 194 29.26 32.21 16.86
CA LEU A 194 30.60 31.59 16.84
C LEU A 194 31.21 31.68 15.44
N LEU A 195 30.41 31.41 14.40
CA LEU A 195 30.95 31.40 13.05
C LEU A 195 31.27 32.84 12.59
N GLU A 196 30.41 33.79 12.93
CA GLU A 196 30.65 35.22 12.60
C GLU A 196 32.02 35.69 13.13
N ASN A 197 32.45 35.13 14.27
CA ASN A 197 33.71 35.52 14.96
C ASN A 197 34.92 34.66 14.54
N ASP A 198 34.73 33.70 13.63
CA ASP A 198 35.78 32.74 13.27
C ASP A 198 36.46 33.19 11.97
N PRO A 199 37.74 33.61 11.93
CA PRO A 199 38.30 34.12 10.67
C PRO A 199 38.36 33.07 9.54
N GLN A 200 38.39 31.76 9.91
CA GLN A 200 38.42 30.70 8.91
C GLN A 200 37.11 30.64 8.12
N THR A 201 35.98 31.00 8.76
CA THR A 201 34.66 30.98 8.14
C THR A 201 34.44 32.27 7.32
N GLU A 202 34.32 32.11 6.00
CA GLU A 202 34.16 33.27 5.09
C GLU A 202 32.71 33.33 4.62
N ALA A 203 31.96 32.23 4.80
CA ALA A 203 30.54 32.24 4.46
C ALA A 203 29.87 31.13 5.25
N ILE A 204 28.56 31.25 5.41
CA ILE A 204 27.83 30.35 6.30
C ILE A 204 26.66 29.75 5.53
N ILE A 205 26.43 28.45 5.67
CA ILE A 205 25.21 27.82 5.21
C ILE A 205 24.34 27.52 6.43
N LEU A 206 23.06 27.92 6.37
CA LEU A 206 22.08 27.65 7.41
C LEU A 206 21.00 26.75 6.82
N ILE A 207 20.96 25.48 7.28
CA ILE A 207 19.98 24.50 6.86
C ILE A 207 18.94 24.35 7.98
N GLY A 208 17.66 24.46 7.60
CA GLY A 208 16.60 24.21 8.52
C GLY A 208 15.52 23.33 7.93
N GLU A 209 14.38 23.30 8.62
CA GLU A 209 13.26 22.46 8.25
C GLU A 209 12.03 22.98 8.98
N ILE A 210 10.89 22.34 8.69
CA ILE A 210 9.62 22.66 9.30
C ILE A 210 9.74 22.53 10.83
N GLY A 211 8.86 23.27 11.52
CA GLY A 211 8.68 23.23 12.96
C GLY A 211 9.45 24.35 13.64
N GLY A 212 8.83 24.90 14.70
CA GLY A 212 9.43 25.95 15.49
C GLY A 212 9.53 27.25 14.70
N THR A 213 10.15 28.25 15.31
CA THR A 213 10.38 29.58 14.68
C THR A 213 11.84 29.96 14.78
N ALA A 214 12.72 28.97 14.88
CA ALA A 214 14.12 29.26 15.13
C ALA A 214 14.75 29.95 13.91
N GLU A 215 14.38 29.50 12.71
CA GLU A 215 14.99 30.07 11.47
C GLU A 215 14.58 31.55 11.31
N GLU A 216 13.34 31.85 11.68
CA GLU A 216 12.80 33.24 11.59
C GLU A 216 13.55 34.15 12.58
N GLU A 217 13.78 33.63 13.81
CA GLU A 217 14.49 34.36 14.82
C GLU A 217 15.95 34.53 14.41
N ALA A 218 16.54 33.50 13.81
CA ALA A 218 17.91 33.53 13.33
C ALA A 218 18.01 34.55 12.19
N ALA A 219 16.95 34.65 11.38
CA ALA A 219 16.93 35.58 10.27
C ALA A 219 17.08 37.00 10.81
N GLU A 220 16.28 37.33 11.83
CA GLU A 220 16.20 38.68 12.44
C GLU A 220 17.56 39.01 13.07
N TYR A 221 18.18 38.00 13.70
CA TYR A 221 19.49 38.15 14.29
C TYR A 221 20.55 38.40 13.22
N ILE A 222 20.52 37.63 12.12
CA ILE A 222 21.48 37.80 11.02
C ILE A 222 21.38 39.22 10.45
N LYS A 223 20.16 39.68 10.23
CA LYS A 223 19.94 40.97 9.58
C LYS A 223 20.81 42.05 10.26
N HIS A 224 20.94 41.99 11.58
CA HIS A 224 21.51 43.09 12.37
C HIS A 224 22.92 42.81 12.89
N ASN A 225 23.39 41.56 12.80
CA ASN A 225 24.52 41.08 13.61
C ASN A 225 25.48 40.17 12.84
N VAL A 226 25.13 39.68 11.65
CA VAL A 226 26.02 38.81 10.90
C VAL A 226 26.43 39.52 9.60
N THR A 227 27.73 39.75 9.41
CA THR A 227 28.21 40.46 8.24
C THR A 227 28.61 39.49 7.12
N LYS A 228 28.98 38.26 7.48
CA LYS A 228 29.34 37.27 6.49
C LYS A 228 28.09 36.85 5.72
N PRO A 229 28.21 36.51 4.42
CA PRO A 229 27.08 36.02 3.63
C PRO A 229 26.55 34.71 4.22
N VAL A 230 25.24 34.63 4.38
CA VAL A 230 24.50 33.47 4.81
C VAL A 230 23.64 32.99 3.65
N ILE A 231 23.73 31.68 3.35
CA ILE A 231 22.88 30.99 2.39
C ILE A 231 21.96 30.01 3.15
N GLY A 232 20.65 30.18 3.01
CA GLY A 232 19.70 29.34 3.65
C GLY A 232 19.10 28.29 2.73
N TYR A 233 18.67 27.19 3.33
CA TYR A 233 17.82 26.22 2.69
C TYR A 233 16.91 25.59 3.76
N ILE A 234 15.63 25.38 3.41
CA ILE A 234 14.57 24.83 4.32
C ILE A 234 13.96 23.58 3.65
N ALA A 235 14.03 22.44 4.33
CA ALA A 235 13.38 21.20 3.92
C ALA A 235 11.96 21.14 4.50
N GLY A 236 11.02 20.59 3.72
CA GLY A 236 9.66 20.25 4.15
C GLY A 236 8.56 21.13 3.58
N VAL A 237 8.81 21.74 2.43
CA VAL A 237 7.80 22.42 1.67
C VAL A 237 6.58 21.51 1.46
N THR A 238 6.82 20.23 1.14
CA THR A 238 5.74 19.34 0.76
C THR A 238 5.20 18.59 1.99
N ALA A 239 5.67 18.90 3.20
CA ALA A 239 5.22 18.10 4.37
C ALA A 239 3.75 18.38 4.70
N PRO A 240 2.94 17.35 5.05
CA PRO A 240 1.57 17.56 5.47
C PRO A 240 1.57 18.18 6.87
N PRO A 241 0.58 19.02 7.21
CA PRO A 241 0.50 19.57 8.57
C PRO A 241 0.13 18.52 9.64
N GLY A 242 0.63 18.74 10.87
CA GLY A 242 0.23 17.99 12.03
C GLY A 242 0.83 16.59 12.08
N LYS A 243 1.96 16.39 11.38
CA LYS A 243 2.61 15.09 11.27
C LYS A 243 4.10 15.21 11.58
N ARG A 244 4.60 14.32 12.46
CA ARG A 244 6.02 14.26 12.74
C ARG A 244 6.69 13.68 11.49
N MET A 245 7.59 14.46 10.90
CA MET A 245 8.39 13.99 9.77
C MET A 245 9.74 13.48 10.30
N GLY A 246 9.70 12.35 11.00
CA GLY A 246 10.93 11.69 11.47
C GLY A 246 11.50 12.34 12.73
N NEP A 247 12.14 13.50 12.58
CA NEP A 247 12.68 14.24 13.70
C NEP A 247 11.51 14.70 14.57
O NEP A 247 10.52 15.24 14.07
CB NEP A 247 13.39 15.52 13.23
CG NEP A 247 14.64 15.32 12.40
ND1 NEP A 247 15.11 16.30 11.60
CD2 NEP A 247 15.54 14.24 12.31
CE1 NEP A 247 16.20 15.87 10.96
NE2 NEP A 247 16.45 14.64 11.41
P NEP A 247 17.87 13.70 10.76
O1P NEP A 247 18.26 14.23 9.41
O2P NEP A 247 17.48 12.17 10.57
O3P NEP A 247 19.09 13.85 11.85
N ALA A 248 11.69 14.63 15.88
CA ALA A 248 10.71 15.07 16.88
C ALA A 248 10.28 16.52 16.63
N GLY A 249 11.22 17.38 16.23
CA GLY A 249 10.90 18.80 16.07
C GLY A 249 10.35 19.18 14.69
N ALA A 250 10.28 18.23 13.76
CA ALA A 250 9.89 18.51 12.38
C ALA A 250 8.38 18.28 12.25
N ILE A 251 7.60 19.29 12.62
CA ILE A 251 6.14 19.15 12.61
C ILE A 251 5.53 20.56 12.53
N ILE A 252 4.56 20.70 11.62
CA ILE A 252 3.75 21.92 11.44
C ILE A 252 2.54 21.79 12.38
N SER A 253 2.30 22.77 13.23
CA SER A 253 1.11 22.70 14.09
C SER A 253 0.71 24.11 14.49
N GLY A 254 -0.62 24.29 14.61
CA GLY A 254 -1.24 25.62 14.65
C GLY A 254 -0.84 26.43 13.42
N GLY A 255 -0.86 25.79 12.25
CA GLY A 255 -0.52 26.38 10.93
C GLY A 255 0.79 27.15 10.92
N LYS A 256 1.67 26.85 11.87
CA LYS A 256 2.93 27.53 12.04
C LYS A 256 4.05 26.47 11.90
N GLY A 257 5.27 26.94 11.66
CA GLY A 257 6.41 26.08 11.43
C GLY A 257 6.48 25.60 9.99
N THR A 258 5.80 26.30 9.07
CA THR A 258 5.88 25.91 7.64
C THR A 258 7.21 26.37 7.04
N ALA A 259 7.63 25.65 5.99
CA ALA A 259 8.83 25.99 5.23
C ALA A 259 8.69 27.37 4.58
N GLU A 260 7.49 27.68 4.07
CA GLU A 260 7.30 28.93 3.31
C GLU A 260 7.51 30.15 4.22
N GLU A 261 7.02 30.11 5.47
CA GLU A 261 7.19 31.29 6.30
C GLU A 261 8.67 31.47 6.63
N LYS A 262 9.46 30.38 6.57
CA LYS A 262 10.90 30.46 6.80
C LYS A 262 11.60 31.11 5.60
N PHE A 263 11.30 30.64 4.39
CA PHE A 263 11.83 31.30 3.18
C PHE A 263 11.47 32.79 3.18
N ALA A 264 10.20 33.11 3.48
CA ALA A 264 9.74 34.49 3.50
C ALA A 264 10.51 35.32 4.54
N ALA A 265 10.89 34.73 5.67
CA ALA A 265 11.66 35.45 6.68
C ALA A 265 13.07 35.74 6.16
N PHE A 266 13.66 34.80 5.41
CA PHE A 266 14.98 35.01 4.85
C PHE A 266 14.86 36.19 3.87
N GLU A 267 13.81 36.15 3.06
CA GLU A 267 13.48 37.20 2.10
C GLU A 267 13.58 38.56 2.78
N ALA A 268 12.77 38.74 3.83
CA ALA A 268 12.55 40.01 4.49
C ALA A 268 13.83 40.50 5.17
N ALA A 269 14.78 39.58 5.42
CA ALA A 269 15.99 39.92 6.13
C ALA A 269 17.16 40.12 5.16
N GLY A 270 16.90 40.00 3.85
CA GLY A 270 17.93 40.13 2.82
C GLY A 270 18.91 38.96 2.81
N ILE A 271 18.48 37.82 3.35
CA ILE A 271 19.33 36.61 3.39
C ILE A 271 19.09 35.78 2.13
N ALA A 272 20.17 35.41 1.44
CA ALA A 272 20.08 34.63 0.24
C ALA A 272 19.67 33.18 0.60
N TYR A 273 18.96 32.52 -0.29
CA TYR A 273 18.53 31.14 -0.06
C TYR A 273 18.26 30.47 -1.39
N THR A 274 18.22 29.15 -1.35
CA THR A 274 17.78 28.37 -2.47
C THR A 274 16.58 27.51 -2.04
N ARG A 275 15.76 27.17 -3.03
CA ARG A 275 14.59 26.32 -2.86
C ARG A 275 14.91 24.88 -3.28
N SER A 276 16.10 24.62 -3.83
CA SER A 276 16.52 23.27 -4.24
C SER A 276 17.68 22.81 -3.38
N PRO A 277 17.62 21.60 -2.77
CA PRO A 277 18.71 21.09 -1.96
C PRO A 277 19.98 20.82 -2.79
N ALA A 278 19.82 20.71 -4.11
CA ALA A 278 20.91 20.39 -5.00
C ALA A 278 21.77 21.64 -5.24
N GLU A 279 21.23 22.83 -4.95
CA GLU A 279 21.80 24.13 -5.41
C GLU A 279 22.33 24.98 -4.24
N ILE A 280 22.60 24.34 -3.09
CA ILE A 280 23.08 25.07 -1.91
C ILE A 280 24.45 25.64 -2.23
N GLY A 281 25.37 24.76 -2.63
CA GLY A 281 26.72 25.20 -2.99
C GLY A 281 26.70 26.24 -4.10
N LYS A 282 25.88 25.96 -5.11
CA LYS A 282 25.75 26.80 -6.30
C LYS A 282 25.26 28.22 -5.92
N LYS A 283 24.29 28.30 -5.00
CA LYS A 283 23.78 29.57 -4.54
C LYS A 283 24.87 30.34 -3.80
N LEU A 284 25.67 29.61 -3.00
CA LEU A 284 26.77 30.19 -2.26
C LEU A 284 27.79 30.77 -3.26
N LYS A 285 28.06 30.00 -4.32
CA LYS A 285 28.98 30.41 -5.40
C LYS A 285 28.48 31.72 -6.02
N GLU A 286 27.18 31.82 -6.32
CA GLU A 286 26.61 33.02 -6.93
C GLU A 286 26.78 34.23 -6.01
N VAL A 287 26.56 34.01 -4.71
CA VAL A 287 26.51 35.08 -3.76
C VAL A 287 27.94 35.57 -3.50
N THR A 288 28.88 34.64 -3.43
CA THR A 288 30.23 35.02 -3.06
C THR A 288 31.00 35.57 -4.27
N GLY A 289 30.65 35.09 -5.47
CA GLY A 289 31.43 35.28 -6.66
C GLY A 289 32.70 34.45 -6.65
N TRP A 290 32.80 33.46 -5.74
CA TRP A 290 33.98 32.61 -5.71
C TRP A 290 34.06 31.76 -6.99
N GLU A 291 35.29 31.54 -7.44
CA GLU A 291 35.58 30.90 -8.74
C GLU A 291 36.92 30.17 -8.65
N ASN A 292 37.06 29.14 -9.49
CA ASN A 292 38.17 28.21 -9.53
C ASN A 292 37.92 27.27 -10.71
N LEU A 293 38.79 27.29 -11.72
CA LEU A 293 38.62 26.44 -12.94
C LEU A 293 38.49 24.97 -12.51
N TYR A 294 39.19 24.59 -11.43
CA TYR A 294 38.96 23.37 -10.67
C TYR A 294 37.65 23.60 -9.87
N MET B 1 1.81 10.43 21.54
CA MET B 1 0.62 9.52 21.73
C MET B 1 -0.57 10.34 22.21
N ASN B 2 -1.71 10.15 21.52
CA ASN B 2 -2.96 10.75 21.94
C ASN B 2 -3.72 9.84 22.90
N LEU B 3 -4.53 10.46 23.75
CA LEU B 3 -5.42 9.73 24.66
C LEU B 3 -6.86 9.90 24.18
N HIS B 4 -7.70 8.90 24.52
CA HIS B 4 -9.11 9.03 24.38
C HIS B 4 -9.63 10.07 25.38
N GLU B 5 -10.80 10.65 25.08
CA GLU B 5 -11.50 11.54 26.00
C GLU B 5 -11.62 10.91 27.40
N TYR B 6 -12.03 9.64 27.49
CA TYR B 6 -12.29 9.11 28.82
C TYR B 6 -10.97 8.90 29.57
N GLN B 7 -9.90 8.55 28.84
CA GLN B 7 -8.58 8.36 29.43
C GLN B 7 -8.01 9.72 29.91
N ALA B 8 -8.17 10.77 29.09
CA ALA B 8 -7.71 12.10 29.48
C ALA B 8 -8.44 12.56 30.74
N LYS B 9 -9.77 12.30 30.77
CA LYS B 9 -10.54 12.69 31.95
C LYS B 9 -10.08 11.91 33.19
N ASP B 10 -9.92 10.58 33.06
CA ASP B 10 -9.44 9.75 34.18
C ASP B 10 -8.11 10.28 34.69
N LEU B 11 -7.22 10.70 33.77
CA LEU B 11 -5.89 11.17 34.18
C LEU B 11 -6.04 12.51 34.94
N LEU B 12 -6.80 13.44 34.36
CA LEU B 12 -6.96 14.74 34.97
C LEU B 12 -7.70 14.64 36.32
N GLU B 13 -8.70 13.77 36.38
CA GLU B 13 -9.39 13.56 37.66
C GLU B 13 -8.39 13.11 38.75
N SER B 14 -7.42 12.27 38.38
CA SER B 14 -6.49 11.75 39.36
C SER B 14 -5.58 12.83 39.93
N TYR B 15 -5.46 13.99 39.25
CA TYR B 15 -4.73 15.14 39.72
C TYR B 15 -5.67 16.18 40.35
N GLY B 16 -6.91 15.78 40.63
CA GLY B 16 -7.84 16.58 41.39
C GLY B 16 -8.70 17.52 40.56
N LEU B 17 -8.70 17.44 39.22
CA LEU B 17 -9.57 18.28 38.42
C LEU B 17 -10.96 17.65 38.40
N LYS B 18 -11.98 18.47 38.23
CA LYS B 18 -13.32 17.95 38.07
C LYS B 18 -13.59 17.74 36.60
N VAL B 19 -14.27 16.64 36.29
CA VAL B 19 -14.56 16.26 34.90
C VAL B 19 -16.05 15.91 34.73
N GLN B 20 -16.51 16.03 33.49
CA GLN B 20 -17.75 15.41 33.10
C GLN B 20 -17.48 13.91 33.04
N LYS B 21 -17.93 13.17 34.05
CA LYS B 21 -17.66 11.74 34.17
C LYS B 21 -18.49 10.90 33.19
N GLY B 22 -17.94 9.78 32.75
CA GLY B 22 -18.68 8.82 31.94
C GLY B 22 -18.28 7.36 32.17
N ILE B 23 -19.00 6.48 31.48
CA ILE B 23 -18.75 5.04 31.47
C ILE B 23 -18.49 4.61 30.04
N VAL B 24 -17.44 3.81 29.85
CA VAL B 24 -17.08 3.28 28.55
C VAL B 24 -17.82 1.98 28.30
N ALA B 25 -18.38 1.89 27.11
CA ALA B 25 -19.13 0.74 26.63
C ALA B 25 -18.57 0.27 25.28
N HIS B 26 -18.30 -1.04 25.20
CA HIS B 26 -17.79 -1.66 23.99
C HIS B 26 -18.90 -2.34 23.16
N ASN B 27 -20.15 -2.32 23.66
CA ASN B 27 -21.24 -2.86 22.86
C ASN B 27 -22.54 -2.14 23.24
N PRO B 28 -23.62 -2.25 22.44
CA PRO B 28 -24.81 -1.44 22.71
C PRO B 28 -25.49 -1.77 24.04
N ASN B 29 -25.50 -3.06 24.42
CA ASN B 29 -26.09 -3.46 25.72
C ASN B 29 -25.33 -2.79 26.88
N GLU B 30 -23.99 -2.78 26.78
CA GLU B 30 -23.16 -2.11 27.79
C GLU B 30 -23.47 -0.61 27.85
N ALA B 31 -23.74 -0.01 26.69
CA ALA B 31 -24.09 1.43 26.60
C ALA B 31 -25.45 1.69 27.29
N ALA B 32 -26.50 0.92 26.93
CA ALA B 32 -27.79 0.99 27.61
C ALA B 32 -27.59 0.88 29.13
N GLN B 33 -26.76 -0.06 29.59
CA GLN B 33 -26.58 -0.31 31.03
C GLN B 33 -25.90 0.88 31.71
N ALA B 34 -24.97 1.51 30.99
CA ALA B 34 -24.31 2.72 31.48
C ALA B 34 -25.32 3.84 31.77
N PHE B 35 -26.28 4.02 30.86
CA PHE B 35 -27.24 5.07 30.98
C PHE B 35 -28.02 4.94 32.29
N ASP B 36 -28.47 3.70 32.56
CA ASP B 36 -29.20 3.38 33.78
C ASP B 36 -28.27 3.54 35.00
N GLN B 37 -26.98 3.17 34.85
CA GLN B 37 -26.01 3.30 35.95
C GLN B 37 -25.83 4.78 36.34
N LEU B 38 -25.76 5.69 35.36
CA LEU B 38 -25.57 7.13 35.64
C LEU B 38 -26.79 7.68 36.39
N GLY B 39 -27.99 7.24 35.98
CA GLY B 39 -29.27 7.54 36.68
C GLY B 39 -29.70 9.00 36.56
N GLY B 40 -29.49 9.60 35.37
CA GLY B 40 -29.86 10.96 35.10
C GLY B 40 -30.86 11.04 33.96
N LYS B 41 -31.66 12.11 33.95
CA LYS B 41 -32.67 12.32 32.95
C LYS B 41 -32.04 12.31 31.55
N PHE B 42 -30.85 12.93 31.42
CA PHE B 42 -30.13 12.98 30.14
C PHE B 42 -28.68 12.46 30.33
N ALA B 43 -28.16 11.82 29.29
CA ALA B 43 -26.73 11.55 29.19
C ALA B 43 -26.25 11.95 27.79
N VAL B 44 -24.94 12.04 27.63
CA VAL B 44 -24.37 12.32 26.35
C VAL B 44 -23.51 11.11 25.93
N VAL B 45 -23.86 10.51 24.79
CA VAL B 45 -23.12 9.40 24.26
C VAL B 45 -22.09 9.97 23.28
N LYS B 46 -20.82 9.54 23.42
CA LYS B 46 -19.73 10.09 22.59
C LYS B 46 -18.85 8.96 22.06
N ALA B 47 -18.73 8.89 20.73
CA ALA B 47 -17.75 7.99 20.11
C ALA B 47 -16.36 8.28 20.70
N GLN B 48 -15.64 7.24 21.11
CA GLN B 48 -14.26 7.40 21.59
C GLN B 48 -13.32 7.16 20.41
N VAL B 49 -12.90 8.25 19.79
CA VAL B 49 -11.88 8.27 18.73
C VAL B 49 -10.90 9.41 19.01
N HIS B 50 -9.65 9.23 18.55
CA HIS B 50 -8.68 10.31 18.64
C HIS B 50 -8.93 11.33 17.55
N ALA B 51 -9.91 12.18 17.77
CA ALA B 51 -10.16 13.23 16.82
C ALA B 51 -11.15 14.19 17.43
N GLY B 52 -11.06 15.45 17.05
CA GLY B 52 -12.13 16.43 17.27
C GLY B 52 -13.19 16.34 16.17
N GLY B 53 -14.20 17.23 16.25
CA GLY B 53 -15.24 17.27 15.22
C GLY B 53 -16.17 16.07 15.26
N ARG B 54 -16.22 15.40 16.41
CA ARG B 54 -17.00 14.15 16.53
C ARG B 54 -18.50 14.42 16.42
N GLY B 55 -18.97 15.56 16.96
CA GLY B 55 -20.40 15.88 17.00
C GLY B 55 -20.97 16.18 15.64
N LYS B 56 -20.27 17.05 14.89
CA LYS B 56 -20.58 17.37 13.48
C LYS B 56 -20.71 16.09 12.65
N ALA B 57 -19.87 15.09 12.91
CA ALA B 57 -19.86 13.84 12.17
C ALA B 57 -20.93 12.84 12.66
N GLY B 58 -21.72 13.17 13.68
CA GLY B 58 -22.76 12.26 14.16
C GLY B 58 -22.33 11.36 15.30
N GLY B 59 -21.18 11.66 15.92
CA GLY B 59 -20.65 10.83 16.99
C GLY B 59 -20.94 11.33 18.40
N VAL B 60 -21.86 12.30 18.58
CA VAL B 60 -22.20 12.83 19.91
C VAL B 60 -23.71 13.06 19.94
N LYS B 61 -24.43 12.32 20.81
CA LYS B 61 -25.86 12.43 20.87
C LYS B 61 -26.29 12.53 22.33
N VAL B 62 -27.19 13.48 22.60
CA VAL B 62 -27.90 13.49 23.86
C VAL B 62 -29.02 12.44 23.80
N VAL B 63 -29.20 11.74 24.91
CA VAL B 63 -30.12 10.59 25.08
C VAL B 63 -30.88 10.73 26.40
N LYS B 64 -32.10 10.16 26.46
CA LYS B 64 -32.94 10.25 27.65
C LYS B 64 -33.44 8.87 28.10
N SER B 65 -32.99 7.79 27.44
CA SER B 65 -33.34 6.45 27.85
C SER B 65 -32.21 5.48 27.53
N SER B 66 -32.23 4.32 28.20
CA SER B 66 -31.34 3.22 27.89
C SER B 66 -31.54 2.78 26.43
N GLN B 67 -32.80 2.87 25.98
CA GLN B 67 -33.18 2.43 24.65
CA GLN B 67 -33.19 2.44 24.63
C GLN B 67 -32.52 3.34 23.59
N GLU B 68 -32.63 4.66 23.79
CA GLU B 68 -32.02 5.63 22.90
C GLU B 68 -30.49 5.44 22.90
N THR B 69 -29.94 5.06 24.05
CA THR B 69 -28.49 4.92 24.23
C THR B 69 -28.05 3.71 23.41
N ARG B 70 -28.79 2.60 23.53
CA ARG B 70 -28.47 1.38 22.79
CA ARG B 70 -28.49 1.37 22.80
C ARG B 70 -28.53 1.68 21.30
N GLU B 71 -29.54 2.42 20.88
CA GLU B 71 -29.70 2.78 19.49
C GLU B 71 -28.48 3.56 19.02
N VAL B 72 -28.07 4.56 19.79
CA VAL B 72 -26.95 5.40 19.38
C VAL B 72 -25.68 4.54 19.36
N ALA B 73 -25.45 3.74 20.40
CA ALA B 73 -24.22 2.92 20.43
C ALA B 73 -24.22 1.98 19.23
N GLU B 74 -25.36 1.34 18.99
CA GLU B 74 -25.47 0.42 17.86
C GLU B 74 -25.16 1.15 16.54
N SER B 75 -25.57 2.41 16.42
CA SER B 75 -25.31 3.16 15.22
C SER B 75 -23.82 3.44 15.03
N LEU B 76 -23.05 3.51 16.13
CA LEU B 76 -21.66 4.05 16.10
C LEU B 76 -20.61 2.93 16.15
N ILE B 77 -20.77 1.97 17.08
CA ILE B 77 -19.74 0.99 17.36
C ILE B 77 -19.55 0.07 16.15
N GLY B 78 -18.29 -0.09 15.74
CA GLY B 78 -17.90 -1.02 14.70
C GLY B 78 -17.85 -0.38 13.33
N LYS B 79 -18.19 0.91 13.23
CA LYS B 79 -18.03 1.71 12.00
C LYS B 79 -16.94 2.75 12.23
N ASN B 80 -16.27 3.19 11.16
CA ASN B 80 -15.27 4.27 11.29
C ASN B 80 -15.98 5.63 11.24
N LEU B 81 -15.48 6.59 12.02
CA LEU B 81 -16.04 7.93 12.05
C LEU B 81 -15.08 8.87 11.33
N VAL B 82 -15.59 9.56 10.30
CA VAL B 82 -14.79 10.51 9.56
C VAL B 82 -15.17 11.87 10.11
N THR B 83 -14.18 12.64 10.56
CA THR B 83 -14.45 14.01 11.02
C THR B 83 -13.57 14.95 10.19
N PHE B 84 -13.81 16.26 10.34
CA PHE B 84 -12.97 17.28 9.66
C PHE B 84 -11.50 17.13 10.10
N GLN B 85 -11.22 16.39 11.18
CA GLN B 85 -9.82 16.21 11.68
C GLN B 85 -9.29 14.77 11.49
N THR B 86 -9.97 13.94 10.68
CA THR B 86 -9.45 12.60 10.40
C THR B 86 -9.05 12.58 8.91
N ASP B 87 -8.37 11.52 8.46
CA ASP B 87 -8.20 11.33 7.01
C ASP B 87 -9.52 10.74 6.51
N ALA B 88 -9.57 10.37 5.21
CA ALA B 88 -10.83 10.06 4.57
C ALA B 88 -11.37 8.72 5.07
N GLU B 89 -10.52 7.83 5.62
CA GLU B 89 -10.99 6.53 6.12
C GLU B 89 -11.63 6.68 7.50
N GLY B 90 -11.30 7.76 8.20
CA GLY B 90 -11.80 8.02 9.55
C GLY B 90 -11.14 7.11 10.58
N GLN B 91 -11.65 7.15 11.83
CA GLN B 91 -11.12 6.42 12.95
C GLN B 91 -12.12 5.38 13.38
N PRO B 92 -11.67 4.16 13.69
CA PRO B 92 -12.58 3.13 14.17
C PRO B 92 -13.19 3.44 15.54
N VAL B 93 -14.50 3.21 15.63
CA VAL B 93 -15.23 3.39 16.85
C VAL B 93 -15.41 2.01 17.48
N ASN B 94 -14.59 1.70 18.47
CA ASN B 94 -14.67 0.43 19.14
C ASN B 94 -15.45 0.56 20.44
N SER B 95 -15.69 1.80 20.87
CA SER B 95 -16.35 2.06 22.12
C SER B 95 -16.99 3.43 22.05
N VAL B 96 -18.00 3.61 22.91
CA VAL B 96 -18.56 4.92 23.18
C VAL B 96 -18.41 5.16 24.67
N GLY B 97 -18.38 6.44 25.03
CA GLY B 97 -18.53 6.82 26.42
C GLY B 97 -19.93 7.37 26.64
N VAL B 98 -20.54 6.99 27.76
CA VAL B 98 -21.85 7.48 28.16
C VAL B 98 -21.59 8.42 29.35
N PHE B 99 -21.81 9.71 29.14
CA PHE B 99 -21.37 10.75 30.08
C PHE B 99 -22.57 11.39 30.79
N GLU B 100 -22.31 11.78 32.03
CA GLU B 100 -23.26 12.54 32.85
C GLU B 100 -23.51 13.90 32.19
N ASP B 101 -24.72 14.41 32.37
CA ASP B 101 -25.11 15.73 31.88
C ASP B 101 -24.69 16.79 32.89
N VAL B 102 -23.87 17.78 32.48
CA VAL B 102 -23.42 18.81 33.41
C VAL B 102 -23.96 20.18 33.01
N TYR B 103 -24.86 20.24 32.03
CA TYR B 103 -25.44 21.50 31.56
C TYR B 103 -26.85 21.64 32.13
N PRO B 104 -27.43 22.85 32.16
CA PRO B 104 -26.78 24.07 31.67
C PRO B 104 -25.63 24.59 32.54
N VAL B 105 -24.82 25.49 31.96
CA VAL B 105 -23.69 26.10 32.65
C VAL B 105 -23.78 27.63 32.55
N THR B 106 -23.00 28.30 33.40
CA THR B 106 -22.91 29.76 33.43
C THR B 106 -22.11 30.26 32.22
N ARG B 107 -20.94 29.63 31.96
CA ARG B 107 -20.03 30.10 30.90
C ARG B 107 -19.03 28.99 30.57
N GLU B 108 -18.25 29.17 29.49
CA GLU B 108 -17.26 28.18 29.05
C GLU B 108 -15.95 28.91 28.81
N LEU B 109 -14.87 28.32 29.34
CA LEU B 109 -13.54 28.81 29.22
C LEU B 109 -12.71 27.85 28.36
N TYR B 110 -11.54 28.35 27.96
CA TYR B 110 -10.47 27.56 27.36
C TYR B 110 -9.27 27.52 28.30
N LEU B 111 -8.70 26.33 28.46
CA LEU B 111 -7.40 26.22 29.19
C LEU B 111 -6.55 25.18 28.49
N GLY B 112 -5.30 25.52 28.24
CA GLY B 112 -4.36 24.54 27.62
C GLY B 112 -2.92 24.89 27.92
N ALA B 113 -2.01 24.01 27.50
CA ALA B 113 -0.58 24.27 27.65
C ALA B 113 0.21 23.50 26.61
N VAL B 114 1.38 24.06 26.24
CA VAL B 114 2.33 23.51 25.31
C VAL B 114 3.73 23.68 25.90
N VAL B 115 4.70 22.98 25.34
CA VAL B 115 6.09 23.33 25.50
C VAL B 115 6.46 24.34 24.42
N ASP B 116 6.64 25.61 24.78
CA ASP B 116 6.89 26.63 23.79
C ASP B 116 8.36 26.57 23.39
N ARG B 117 8.61 26.37 22.09
CA ARG B 117 9.96 26.09 21.63
C ARG B 117 10.82 27.35 21.58
N SER B 118 10.21 28.54 21.48
CA SER B 118 10.96 29.78 21.36
C SER B 118 11.45 30.21 22.75
N SER B 119 10.58 30.12 23.77
CA SER B 119 10.90 30.48 25.15
C SER B 119 11.58 29.31 25.89
N ARG B 120 11.37 28.09 25.38
CA ARG B 120 11.90 26.85 26.02
C ARG B 120 11.23 26.63 27.38
N LYS B 121 9.95 27.02 27.52
CA LYS B 121 9.22 26.90 28.77
C LYS B 121 7.83 26.30 28.53
N VAL B 122 7.36 25.54 29.51
CA VAL B 122 5.98 25.17 29.55
C VAL B 122 5.16 26.46 29.64
N THR B 123 4.18 26.60 28.75
CA THR B 123 3.36 27.81 28.65
C THR B 123 1.88 27.44 28.65
N PHE B 124 1.14 28.07 29.56
CA PHE B 124 -0.30 27.92 29.63
C PHE B 124 -0.97 29.02 28.84
N MET B 125 -2.14 28.69 28.30
CA MET B 125 -2.99 29.60 27.59
CA MET B 125 -3.01 29.60 27.57
C MET B 125 -4.42 29.43 28.13
N ALA B 126 -5.10 30.55 28.32
CA ALA B 126 -6.46 30.54 28.84
C ALA B 126 -7.23 31.64 28.13
N SER B 127 -8.56 31.46 28.07
CA SER B 127 -9.41 32.44 27.41
C SER B 127 -10.83 32.35 27.95
N THR B 128 -11.54 33.49 27.90
CA THR B 128 -12.96 33.56 28.09
C THR B 128 -13.71 32.88 26.92
N GLU B 129 -13.01 32.62 25.81
CA GLU B 129 -13.65 32.12 24.64
C GLU B 129 -13.69 30.60 24.59
N GLY B 130 -14.27 29.91 25.60
CA GLY B 130 -14.45 28.49 25.53
C GLY B 130 -15.51 28.13 24.51
N GLY B 131 -15.42 26.94 23.93
CA GLY B 131 -16.35 26.42 22.91
C GLY B 131 -16.19 27.10 21.55
N VAL B 132 -15.08 27.82 21.39
CA VAL B 132 -14.62 28.41 20.11
C VAL B 132 -13.31 27.68 19.76
N ASP B 133 -13.07 27.41 18.47
CA ASP B 133 -11.75 26.94 18.12
C ASP B 133 -10.76 28.05 18.50
N ILE B 134 -9.78 27.68 19.30
CA ILE B 134 -8.87 28.65 19.89
C ILE B 134 -7.91 29.21 18.82
N GLU B 135 -7.68 28.47 17.72
CA GLU B 135 -6.87 28.96 16.57
CA GLU B 135 -6.85 28.96 16.59
C GLU B 135 -7.54 30.19 15.98
N GLU B 136 -8.87 30.12 15.81
CA GLU B 136 -9.63 31.25 15.28
C GLU B 136 -9.50 32.44 16.23
N VAL B 137 -9.63 32.16 17.53
CA VAL B 137 -9.52 33.24 18.54
C VAL B 137 -8.13 33.87 18.44
N ALA B 138 -7.09 33.02 18.31
CA ALA B 138 -5.71 33.45 18.31
C ALA B 138 -5.47 34.42 17.13
N HIS B 139 -6.00 34.03 15.97
CA HIS B 139 -5.82 34.74 14.71
C HIS B 139 -6.60 36.07 14.75
N ASN B 140 -7.87 36.01 15.10
CA ASN B 140 -8.81 37.16 15.04
C ASN B 140 -8.65 38.10 16.25
N SER B 141 -8.67 37.53 17.47
CA SER B 141 -8.50 38.36 18.68
C SER B 141 -7.42 37.78 19.58
N PRO B 142 -6.13 37.94 19.20
CA PRO B 142 -5.01 37.51 20.04
C PRO B 142 -5.05 38.06 21.47
N GLU B 143 -5.64 39.24 21.69
CA GLU B 143 -5.65 39.86 23.00
C GLU B 143 -6.53 39.07 23.99
N LYS B 144 -7.34 38.14 23.48
CA LYS B 144 -8.21 37.32 24.35
C LYS B 144 -7.50 36.05 24.81
N ILE B 145 -6.28 35.78 24.33
CA ILE B 145 -5.55 34.62 24.78
C ILE B 145 -4.58 35.08 25.88
N LEU B 146 -4.79 34.63 27.12
CA LEU B 146 -3.92 34.96 28.22
C LEU B 146 -2.84 33.88 28.27
N LYS B 147 -1.58 34.28 28.48
CA LYS B 147 -0.46 33.32 28.48
C LYS B 147 0.31 33.44 29.80
N VAL B 148 0.74 32.28 30.32
CA VAL B 148 1.55 32.22 31.51
C VAL B 148 2.74 31.29 31.20
N GLU B 149 3.94 31.86 31.21
CA GLU B 149 5.16 31.12 31.05
C GLU B 149 5.61 30.60 32.43
N VAL B 150 5.89 29.31 32.52
CA VAL B 150 6.26 28.74 33.81
C VAL B 150 7.78 28.65 33.97
N ASP B 151 8.29 29.14 35.11
CA ASP B 151 9.68 28.99 35.43
C ASP B 151 9.96 27.57 35.92
N PRO B 152 10.96 26.87 35.33
CA PRO B 152 11.19 25.46 35.64
C PRO B 152 11.53 25.20 37.11
N LEU B 153 12.22 26.14 37.76
CA LEU B 153 12.62 25.92 39.14
C LEU B 153 11.40 25.97 40.09
N VAL B 154 10.58 27.02 39.99
CA VAL B 154 9.52 27.26 40.92
C VAL B 154 8.22 26.59 40.48
N GLY B 155 8.04 26.32 39.19
CA GLY B 155 6.79 25.82 38.69
C GLY B 155 5.70 26.87 38.68
N LEU B 156 4.50 26.44 38.36
CA LEU B 156 3.37 27.34 38.33
C LEU B 156 2.99 27.73 39.77
N GLN B 157 2.90 29.02 40.01
CA GLN B 157 2.56 29.50 41.31
C GLN B 157 1.10 29.92 41.34
N PRO B 158 0.43 29.83 42.50
CA PRO B 158 -0.95 30.28 42.64
C PRO B 158 -1.16 31.72 42.14
N PHE B 159 -0.20 32.62 42.39
CA PHE B 159 -0.44 34.03 41.94
C PHE B 159 -0.59 34.13 40.41
N GLN B 160 0.10 33.28 39.63
CA GLN B 160 0.01 33.30 38.19
C GLN B 160 -1.38 32.83 37.77
N ALA B 161 -1.90 31.78 38.42
CA ALA B 161 -3.25 31.34 38.10
C ALA B 161 -4.29 32.38 38.54
N ARG B 162 -4.06 33.08 39.66
CA ARG B 162 -4.99 34.13 40.09
C ARG B 162 -4.98 35.30 39.10
N GLU B 163 -3.82 35.67 38.56
CA GLU B 163 -3.76 36.76 37.55
C GLU B 163 -4.73 36.41 36.40
N VAL B 164 -4.66 35.16 35.95
CA VAL B 164 -5.52 34.68 34.87
C VAL B 164 -6.99 34.70 35.33
N ALA B 165 -7.27 34.16 36.52
CA ALA B 165 -8.66 34.08 37.02
C ALA B 165 -9.31 35.46 37.07
N PHE B 166 -8.54 36.49 37.49
CA PHE B 166 -9.07 37.84 37.56
C PHE B 166 -9.31 38.40 36.15
N LYS B 167 -8.40 38.14 35.23
CA LYS B 167 -8.57 38.66 33.86
C LYS B 167 -9.73 37.94 33.15
N LEU B 168 -10.04 36.70 33.55
CA LEU B 168 -11.18 35.96 33.02
C LEU B 168 -12.51 36.44 33.64
N GLY B 169 -12.44 37.27 34.69
CA GLY B 169 -13.64 37.76 35.38
C GLY B 169 -14.30 36.67 36.22
N LEU B 170 -13.51 35.70 36.71
CA LEU B 170 -14.08 34.75 37.64
C LEU B 170 -14.35 35.45 38.98
N GLU B 171 -15.28 34.87 39.74
CA GLU B 171 -15.70 35.42 41.02
C GLU B 171 -15.90 34.31 42.04
N GLY B 172 -15.76 34.65 43.30
CA GLY B 172 -16.10 33.75 44.38
C GLY B 172 -15.23 32.51 44.37
N LYS B 173 -15.83 31.35 44.68
CA LYS B 173 -15.13 30.11 44.73
C LYS B 173 -14.59 29.73 43.34
N GLN B 174 -15.09 30.35 42.28
CA GLN B 174 -14.63 30.04 40.91
C GLN B 174 -13.12 30.31 40.83
N ILE B 175 -12.65 31.36 41.50
CA ILE B 175 -11.24 31.73 41.45
C ILE B 175 -10.39 30.61 42.05
N ASN B 176 -10.74 30.15 43.27
CA ASN B 176 -9.87 29.17 43.92
C ASN B 176 -9.97 27.83 43.19
N ASP B 177 -11.13 27.53 42.61
CA ASP B 177 -11.30 26.27 41.87
C ASP B 177 -10.50 26.32 40.56
N PHE B 178 -10.45 27.48 39.92
CA PHE B 178 -9.68 27.63 38.70
C PHE B 178 -8.18 27.52 39.01
N VAL B 179 -7.75 28.17 40.09
CA VAL B 179 -6.36 28.06 40.54
C VAL B 179 -6.01 26.60 40.77
N LYS B 180 -6.82 25.85 41.53
CA LYS B 180 -6.50 24.44 41.77
C LYS B 180 -6.49 23.63 40.45
N THR B 181 -7.40 23.95 39.52
CA THR B 181 -7.42 23.34 38.21
C THR B 181 -6.06 23.57 37.48
N MET B 182 -5.59 24.82 37.42
CA MET B 182 -4.36 25.10 36.69
C MET B 182 -3.16 24.44 37.38
N LEU B 183 -3.12 24.48 38.71
CA LEU B 183 -1.99 23.88 39.44
C LEU B 183 -1.94 22.36 39.22
N GLY B 184 -3.13 21.73 39.23
CA GLY B 184 -3.19 20.28 39.02
C GLY B 184 -2.80 19.92 37.61
N ALA B 185 -3.19 20.76 36.64
CA ALA B 185 -2.83 20.51 35.24
C ALA B 185 -1.31 20.59 35.05
N TYR B 186 -0.67 21.53 35.72
CA TYR B 186 0.79 21.70 35.65
C TYR B 186 1.50 20.47 36.23
N LYS B 187 1.00 19.99 37.38
CA LYS B 187 1.59 18.83 38.00
CA LYS B 187 1.58 18.83 38.01
C LYS B 187 1.48 17.64 37.06
N ALA B 188 0.31 17.46 36.47
CA ALA B 188 0.10 16.38 35.49
C ALA B 188 1.03 16.53 34.30
N PHE B 189 1.16 17.76 33.82
CA PHE B 189 1.94 18.04 32.62
C PHE B 189 3.35 17.47 32.82
N ILE B 190 3.96 17.84 33.94
CA ILE B 190 5.35 17.45 34.20
C ILE B 190 5.41 15.96 34.54
N GLU B 191 4.52 15.52 35.41
CA GLU B 191 4.60 14.15 35.92
C GLU B 191 4.30 13.11 34.86
N CYS B 192 3.56 13.48 33.81
CA CYS B 192 3.13 12.55 32.76
C CYS B 192 3.87 12.81 31.45
N ASP B 193 4.81 13.75 31.45
CA ASP B 193 5.43 14.20 30.16
C ASP B 193 4.38 14.48 29.08
N PHE B 194 3.44 15.37 29.36
CA PHE B 194 2.59 15.83 28.34
C PHE B 194 3.44 16.58 27.30
N ALA B 195 3.04 16.52 26.04
CA ALA B 195 3.51 17.48 25.01
C ALA B 195 2.56 18.66 24.94
N LEU B 196 1.26 18.38 25.02
CA LEU B 196 0.26 19.44 25.11
C LEU B 196 -1.07 18.92 25.62
N PHE B 197 -1.88 19.86 26.13
CA PHE B 197 -3.23 19.50 26.49
C PHE B 197 -4.11 20.72 26.21
N GLU B 198 -5.40 20.44 26.02
CA GLU B 198 -6.41 21.44 25.90
C GLU B 198 -7.64 20.93 26.65
N ILE B 199 -8.26 21.82 27.41
CA ILE B 199 -9.58 21.59 27.91
C ILE B 199 -10.48 22.65 27.28
N ASN B 200 -11.43 22.20 26.44
CA ASN B 200 -12.29 23.13 25.71
C ASN B 200 -13.59 22.40 25.38
N PRO B 201 -14.72 22.69 26.07
CA PRO B 201 -14.78 23.70 27.13
C PRO B 201 -14.42 23.23 28.55
N LEU B 202 -13.84 24.17 29.29
CA LEU B 202 -13.75 24.16 30.72
C LEU B 202 -14.94 24.99 31.23
N ALA B 203 -15.98 24.26 31.64
CA ALA B 203 -17.27 24.86 31.97
C ALA B 203 -17.26 25.41 33.40
N VAL B 204 -17.87 26.58 33.59
CA VAL B 204 -18.23 27.08 34.91
C VAL B 204 -19.73 26.75 35.07
N ARG B 205 -20.02 25.73 35.88
CA ARG B 205 -21.39 25.23 36.07
C ARG B 205 -22.19 26.29 36.87
N GLU B 206 -23.52 26.13 36.94
CA GLU B 206 -24.43 27.12 37.63
C GLU B 206 -24.10 27.25 39.12
N ASN B 207 -23.53 26.19 39.72
CA ASN B 207 -23.14 26.17 41.13
C ASN B 207 -21.68 26.58 41.31
N GLY B 208 -21.03 27.01 40.21
CA GLY B 208 -19.70 27.56 40.22
C GLY B 208 -18.60 26.53 40.03
N GLU B 209 -18.91 25.24 39.92
CA GLU B 209 -17.87 24.26 39.77
C GLU B 209 -17.17 24.42 38.42
N ILE B 210 -15.86 24.19 38.40
CA ILE B 210 -15.00 24.29 37.18
C ILE B 210 -14.77 22.87 36.67
N VAL B 211 -15.36 22.56 35.49
CA VAL B 211 -15.47 21.20 35.02
C VAL B 211 -14.94 21.04 33.60
N CYS B 212 -14.06 20.04 33.42
CA CYS B 212 -13.56 19.63 32.15
C CYS B 212 -14.61 18.83 31.39
N VAL B 213 -15.16 19.42 30.31
CA VAL B 213 -16.26 18.77 29.54
C VAL B 213 -15.69 17.96 28.39
N ASP B 214 -14.75 18.55 27.66
CA ASP B 214 -14.01 17.84 26.62
C ASP B 214 -12.56 18.32 26.69
N GLY B 215 -11.67 17.34 26.54
CA GLY B 215 -10.26 17.48 26.80
C GLY B 215 -9.43 16.58 25.89
N LYS B 216 -8.28 17.11 25.44
CA LYS B 216 -7.33 16.30 24.73
C LYS B 216 -5.96 16.43 25.39
N ILE B 217 -5.26 15.31 25.40
CA ILE B 217 -3.90 15.25 25.93
C ILE B 217 -3.07 14.51 24.89
N ASN B 218 -1.97 15.15 24.46
CA ASN B 218 -0.97 14.49 23.64
C ASN B 218 0.28 14.32 24.53
N LEU B 219 0.70 13.07 24.74
CA LEU B 219 1.87 12.71 25.51
C LEU B 219 3.11 12.68 24.62
N ASP B 220 4.28 12.98 25.21
CA ASP B 220 5.53 12.81 24.58
C ASP B 220 5.78 11.29 24.52
N SER B 221 5.64 10.73 23.31
CA SER B 221 5.83 9.28 23.11
C SER B 221 7.23 8.84 23.55
N ASN B 222 8.21 9.73 23.43
CA ASN B 222 9.60 9.38 23.74
C ASN B 222 9.84 9.28 25.25
N ALA B 223 8.87 9.71 26.08
CA ALA B 223 8.95 9.56 27.52
C ALA B 223 8.14 8.37 28.03
N LEU B 224 7.44 7.66 27.16
CA LEU B 224 6.53 6.59 27.67
C LEU B 224 7.27 5.41 28.29
N TYR B 225 8.58 5.25 28.01
CA TYR B 225 9.41 4.21 28.70
C TYR B 225 9.39 4.37 30.23
N ARG B 226 9.13 5.58 30.75
CA ARG B 226 9.14 5.76 32.20
C ARG B 226 7.71 5.93 32.77
N HIS B 227 6.68 5.70 31.93
CA HIS B 227 5.27 5.81 32.38
C HIS B 227 4.48 4.56 31.98
N PRO B 228 4.74 3.41 32.63
CA PRO B 228 4.09 2.16 32.20
C PRO B 228 2.56 2.27 32.18
N LYS B 229 1.98 2.98 33.14
CA LYS B 229 0.50 3.08 33.21
C LYS B 229 -0.05 3.92 32.04
N LEU B 230 0.74 4.89 31.55
CA LEU B 230 0.31 5.65 30.39
C LEU B 230 0.53 4.86 29.09
N LEU B 231 1.65 4.14 28.98
CA LEU B 231 1.89 3.32 27.81
C LEU B 231 0.76 2.28 27.64
N ALA B 232 0.23 1.77 28.76
CA ALA B 232 -0.85 0.78 28.75
C ALA B 232 -2.16 1.35 28.19
N LEU B 233 -2.29 2.68 28.07
CA LEU B 233 -3.49 3.29 27.51
C LEU B 233 -3.46 3.29 25.97
N ARG B 234 -2.32 2.95 25.36
CA ARG B 234 -2.17 3.10 23.94
C ARG B 234 -3.27 2.37 23.18
N ASP B 235 -3.92 3.07 22.24
CA ASP B 235 -4.90 2.46 21.35
C ASP B 235 -4.38 2.47 19.92
N LYS B 236 -3.78 1.35 19.51
CA LYS B 236 -3.18 1.22 18.19
C LYS B 236 -4.20 1.33 17.05
N SER B 237 -5.50 1.06 17.33
CA SER B 237 -6.52 1.16 16.31
C SER B 237 -6.64 2.59 15.76
N GLN B 238 -6.20 3.59 16.56
CA GLN B 238 -6.34 5.00 16.21
C GLN B 238 -5.13 5.47 15.39
N GLU B 239 -4.11 4.64 15.28
CA GLU B 239 -2.90 4.97 14.53
C GLU B 239 -3.02 4.47 13.09
N ASN B 240 -2.36 5.16 12.16
CA ASN B 240 -2.42 4.77 10.77
C ASN B 240 -1.73 3.40 10.62
N ALA B 241 -2.35 2.47 9.92
CA ALA B 241 -1.82 1.11 9.84
C ALA B 241 -0.39 1.08 9.25
N LYS B 242 -0.15 1.89 8.22
CA LYS B 242 1.17 1.88 7.57
C LYS B 242 2.21 2.55 8.45
N GLU B 243 1.84 3.68 9.07
CA GLU B 243 2.77 4.38 9.96
C GLU B 243 3.15 3.43 11.08
N LEU B 244 2.17 2.67 11.57
CA LEU B 244 2.44 1.80 12.69
C LEU B 244 3.36 0.65 12.26
N LYS B 245 3.03 0.05 11.13
CA LYS B 245 3.82 -1.02 10.57
C LYS B 245 5.27 -0.58 10.34
N ALA B 246 5.46 0.62 9.80
CA ALA B 246 6.81 1.15 9.52
C ALA B 246 7.60 1.22 10.82
N SER B 247 6.98 1.80 11.85
CA SER B 247 7.56 1.89 13.17
C SER B 247 8.06 0.51 13.66
N GLU B 248 7.36 -0.58 13.35
CA GLU B 248 7.76 -1.92 13.80
C GLU B 248 9.00 -2.43 13.03
N HIS B 249 9.44 -1.74 11.96
CA HIS B 249 10.58 -2.19 11.17
C HIS B 249 11.68 -1.12 11.14
N GLU B 250 11.69 -0.24 12.15
CA GLU B 250 12.66 0.82 12.31
C GLU B 250 12.61 1.77 11.10
N LEU B 251 11.42 1.94 10.54
CA LEU B 251 11.17 2.90 9.46
C LEU B 251 10.25 4.01 9.97
N ASN B 252 10.31 5.18 9.36
CA ASN B 252 9.39 6.27 9.60
C ASN B 252 8.70 6.63 8.29
N TYR B 253 7.38 6.44 8.23
CA TYR B 253 6.62 6.55 6.97
C TYR B 253 5.41 7.48 7.17
N VAL B 254 5.25 8.42 6.23
CA VAL B 254 4.02 9.22 6.13
C VAL B 254 3.55 9.17 4.69
N ALA B 255 2.26 8.87 4.46
CA ALA B 255 1.63 8.89 3.12
C ALA B 255 1.23 10.31 2.74
N LEU B 256 1.44 10.65 1.46
CA LEU B 256 0.90 11.85 0.76
C LEU B 256 0.03 11.39 -0.41
N GLU B 257 -0.54 12.37 -1.12
CA GLU B 257 -1.24 12.12 -2.39
CA GLU B 257 -1.25 12.15 -2.39
C GLU B 257 -0.30 12.57 -3.52
N GLY B 258 0.29 11.58 -4.20
CA GLY B 258 1.22 11.82 -5.29
C GLY B 258 1.52 10.50 -5.97
N ASN B 259 2.47 10.49 -6.91
CA ASN B 259 2.66 9.33 -7.77
C ASN B 259 4.13 8.90 -7.84
N ILE B 260 5.01 9.56 -7.09
CA ILE B 260 6.41 9.17 -7.02
C ILE B 260 6.73 8.83 -5.57
N GLY B 261 7.00 7.54 -5.32
CA GLY B 261 7.47 7.10 -3.99
C GLY B 261 8.92 7.47 -3.78
N CYS B 262 9.34 7.60 -2.52
CA CYS B 262 10.68 7.98 -2.10
CA CYS B 262 10.74 7.77 -2.25
C CYS B 262 11.13 7.07 -0.95
N MET B 263 12.42 6.74 -0.92
CA MET B 263 13.05 5.98 0.11
C MET B 263 14.41 6.62 0.40
N VAL B 264 14.60 7.17 1.60
CA VAL B 264 15.75 8.04 1.91
C VAL B 264 16.25 7.72 3.32
N ASN B 265 17.55 7.86 3.55
CA ASN B 265 18.10 7.82 4.90
C ASN B 265 18.23 9.23 5.45
N GLY B 266 17.55 9.48 6.58
CA GLY B 266 17.57 10.75 7.29
C GLY B 266 16.35 11.60 6.98
N ALA B 267 15.77 12.20 8.01
CA ALA B 267 14.48 12.89 7.91
C ALA B 267 14.60 14.20 7.10
N GLY B 268 15.66 14.95 7.37
CA GLY B 268 15.99 16.18 6.61
C GLY B 268 16.08 15.89 5.12
N LEU B 269 16.91 14.91 4.78
CA LEU B 269 17.12 14.53 3.38
C LEU B 269 15.84 13.95 2.76
N ALA B 270 15.04 13.20 3.53
CA ALA B 270 13.77 12.65 3.01
C ALA B 270 12.81 13.78 2.64
N MET B 271 12.70 14.82 3.49
CA MET B 271 11.85 15.95 3.17
C MET B 271 12.44 16.75 2.00
N ALA B 272 13.77 16.97 1.98
CA ALA B 272 14.43 17.64 0.83
C ALA B 272 14.18 16.89 -0.50
N THR B 273 14.17 15.56 -0.46
CA THR B 273 13.99 14.74 -1.65
C THR B 273 12.57 14.90 -2.19
N MET B 274 11.60 14.81 -1.29
CA MET B 274 10.20 15.07 -1.61
C MET B 274 10.09 16.45 -2.27
N ASP B 275 10.77 17.44 -1.69
CA ASP B 275 10.71 18.84 -2.18
C ASP B 275 11.32 18.96 -3.60
N ILE B 276 12.46 18.33 -3.89
CA ILE B 276 13.08 18.49 -5.20
C ILE B 276 12.27 17.72 -6.27
N ILE B 277 11.65 16.61 -5.87
CA ILE B 277 10.76 15.91 -6.75
C ILE B 277 9.67 16.87 -7.22
N GLN B 278 9.05 17.60 -6.30
CA GLN B 278 7.97 18.50 -6.68
C GLN B 278 8.52 19.66 -7.53
N LEU B 279 9.74 20.11 -7.26
CA LEU B 279 10.37 21.18 -8.04
C LEU B 279 10.46 20.78 -9.52
N TYR B 280 10.69 19.48 -9.78
CA TYR B 280 10.96 18.96 -11.12
C TYR B 280 9.69 18.39 -11.78
N GLY B 281 8.51 18.72 -11.22
CA GLY B 281 7.20 18.46 -11.84
C GLY B 281 6.46 17.24 -11.29
N GLY B 282 7.11 16.50 -10.37
CA GLY B 282 6.55 15.26 -9.77
C GLY B 282 5.69 15.56 -8.55
N LYS B 283 4.97 14.55 -8.07
CA LYS B 283 4.13 14.69 -6.89
C LYS B 283 4.56 13.62 -5.88
N PRO B 284 5.33 13.96 -4.81
CA PRO B 284 5.83 12.96 -3.86
C PRO B 284 4.63 12.20 -3.29
N ALA B 285 4.74 10.86 -3.19
CA ALA B 285 3.68 10.00 -2.73
C ALA B 285 3.83 9.69 -1.24
N ASN B 286 5.02 9.96 -0.68
CA ASN B 286 5.31 9.55 0.70
C ASN B 286 6.63 10.15 1.18
N PHE B 287 6.68 10.28 2.51
CA PHE B 287 7.90 10.44 3.30
C PHE B 287 8.34 9.06 3.78
N LEU B 288 9.61 8.71 3.60
CA LEU B 288 10.08 7.47 4.22
C LEU B 288 11.57 7.58 4.54
N ASP B 289 11.86 7.53 5.84
CA ASP B 289 13.20 7.51 6.37
C ASP B 289 13.59 6.08 6.75
N VAL B 290 14.57 5.51 6.04
CA VAL B 290 14.97 4.11 6.25
C VAL B 290 16.03 4.03 7.36
N GLY B 291 16.45 5.16 7.93
CA GLY B 291 17.46 5.19 8.97
C GLY B 291 18.84 4.77 8.46
N GLY B 292 19.75 4.52 9.43
CA GLY B 292 21.13 4.04 9.16
C GLY B 292 21.19 2.51 9.09
N GLY B 293 22.08 2.01 8.23
CA GLY B 293 22.37 0.56 8.10
C GLY B 293 21.18 -0.24 7.60
N ALA B 294 20.41 0.34 6.67
CA ALA B 294 19.31 -0.32 6.00
C ALA B 294 19.75 -1.70 5.47
N THR B 295 19.11 -2.75 5.98
CA THR B 295 19.35 -4.12 5.57
C THR B 295 18.43 -4.48 4.38
N LYS B 296 18.67 -5.65 3.78
CA LYS B 296 17.75 -6.23 2.82
C LYS B 296 16.33 -6.18 3.38
N GLU B 297 16.15 -6.75 4.59
CA GLU B 297 14.81 -6.95 5.17
C GLU B 297 14.10 -5.60 5.29
N ARG B 298 14.84 -4.58 5.71
CA ARG B 298 14.30 -3.26 5.96
C ARG B 298 13.92 -2.62 4.61
N VAL B 299 14.72 -2.84 3.57
CA VAL B 299 14.40 -2.27 2.23
C VAL B 299 13.16 -2.96 1.65
N ILE B 300 13.03 -4.28 1.89
CA ILE B 300 11.82 -5.02 1.46
C ILE B 300 10.59 -4.34 2.07
N GLU B 301 10.64 -4.06 3.37
CA GLU B 301 9.44 -3.52 4.05
C GLU B 301 9.13 -2.10 3.51
N ALA B 302 10.20 -1.34 3.24
CA ALA B 302 10.07 0.01 2.61
C ALA B 302 9.39 -0.11 1.23
N PHE B 303 9.81 -1.07 0.42
CA PHE B 303 9.16 -1.28 -0.91
C PHE B 303 7.66 -1.56 -0.70
N LYS B 304 7.34 -2.42 0.25
CA LYS B 304 5.96 -2.85 0.44
C LYS B 304 5.08 -1.68 0.88
N LEU B 305 5.62 -0.83 1.78
CA LEU B 305 4.92 0.36 2.25
C LEU B 305 4.62 1.31 1.09
N ILE B 306 5.63 1.56 0.24
CA ILE B 306 5.46 2.51 -0.84
C ILE B 306 4.45 1.98 -1.86
N LEU B 307 4.66 0.75 -2.33
CA LEU B 307 3.92 0.21 -3.48
C LEU B 307 2.50 -0.22 -3.09
N ASP B 308 2.21 -0.34 -1.79
CA ASP B 308 0.85 -0.60 -1.36
C ASP B 308 -0.07 0.53 -1.90
N ASP B 309 0.49 1.69 -2.24
CA ASP B 309 -0.24 2.78 -2.89
C ASP B 309 -0.22 2.55 -4.40
N GLU B 310 -1.39 2.21 -4.92
CA GLU B 310 -1.64 1.95 -6.34
C GLU B 310 -1.23 3.17 -7.19
N ASN B 311 -1.32 4.37 -6.61
CA ASN B 311 -1.04 5.64 -7.31
C ASN B 311 0.46 5.85 -7.57
N VAL B 312 1.30 5.00 -6.97
CA VAL B 312 2.74 5.14 -7.14
C VAL B 312 3.12 4.58 -8.51
N LYS B 313 3.79 5.40 -9.33
CA LYS B 313 4.11 5.06 -10.74
C LYS B 313 5.63 5.05 -10.99
N ALA B 314 6.41 5.48 -10.00
CA ALA B 314 7.89 5.45 -10.00
C ALA B 314 8.37 5.61 -8.54
N ILE B 315 9.58 5.13 -8.27
CA ILE B 315 10.23 5.26 -6.99
C ILE B 315 11.62 5.88 -7.17
N LEU B 316 11.98 6.81 -6.27
CA LEU B 316 13.35 7.31 -6.12
C LEU B 316 13.92 6.82 -4.79
N ILE B 317 14.98 6.02 -4.85
CA ILE B 317 15.81 5.71 -3.71
C ILE B 317 16.98 6.69 -3.73
N ASN B 318 17.14 7.42 -2.61
CA ASN B 318 18.18 8.43 -2.42
C ASN B 318 18.85 8.16 -1.09
N ILE B 319 20.04 7.56 -1.12
CA ILE B 319 20.74 7.22 0.07
C ILE B 319 22.13 7.82 0.02
N PHE B 320 22.48 8.55 1.10
CA PHE B 320 23.79 9.12 1.27
C PHE B 320 24.49 8.26 2.32
N GLY B 321 25.34 7.35 1.82
CA GLY B 321 26.15 6.45 2.60
C GLY B 321 27.41 7.15 3.08
N GLY B 322 27.53 7.26 4.40
CA GLY B 322 28.71 7.83 5.03
C GLY B 322 29.55 6.74 5.66
N ILE B 323 29.07 6.23 6.80
CA ILE B 323 29.77 5.17 7.53
C ILE B 323 29.54 3.82 6.84
N VAL B 324 28.38 3.65 6.18
CA VAL B 324 28.05 2.42 5.44
C VAL B 324 28.48 2.58 3.97
N ARG B 325 29.13 1.55 3.45
CA ARG B 325 29.67 1.54 2.09
C ARG B 325 28.52 1.45 1.08
N CYS B 326 28.65 2.18 -0.04
CA CYS B 326 27.59 2.31 -1.06
C CYS B 326 27.39 0.99 -1.82
N ASP B 327 28.47 0.22 -2.01
CA ASP B 327 28.39 -1.06 -2.71
C ASP B 327 27.63 -2.09 -1.84
N MET B 328 27.77 -2.01 -0.50
CA MET B 328 27.02 -2.88 0.42
C MET B 328 25.52 -2.53 0.42
N ILE B 329 25.23 -1.22 0.39
CA ILE B 329 23.88 -0.72 0.29
C ILE B 329 23.29 -1.19 -1.07
N ALA B 330 24.07 -1.09 -2.14
CA ALA B 330 23.56 -1.52 -3.47
C ALA B 330 23.18 -3.01 -3.42
N GLU B 331 24.04 -3.83 -2.80
CA GLU B 331 23.78 -5.27 -2.57
C GLU B 331 22.41 -5.44 -1.90
N ALA B 332 22.15 -4.70 -0.82
CA ALA B 332 20.90 -4.86 -0.03
C ALA B 332 19.68 -4.46 -0.87
N ILE B 333 19.81 -3.38 -1.66
CA ILE B 333 18.75 -2.93 -2.55
C ILE B 333 18.44 -4.01 -3.60
N ILE B 334 19.47 -4.57 -4.21
CA ILE B 334 19.31 -5.63 -5.24
C ILE B 334 18.62 -6.87 -4.64
N GLU B 335 19.08 -7.32 -3.47
CA GLU B 335 18.50 -8.48 -2.81
C GLU B 335 17.03 -8.19 -2.48
N ALA B 336 16.75 -6.95 -2.08
CA ALA B 336 15.39 -6.60 -1.71
C ALA B 336 14.48 -6.65 -2.95
N VAL B 337 14.95 -6.05 -4.06
CA VAL B 337 14.12 -5.97 -5.28
C VAL B 337 13.75 -7.37 -5.73
N LYS B 338 14.67 -8.32 -5.53
CA LYS B 338 14.49 -9.72 -5.97
C LYS B 338 13.38 -10.43 -5.19
N GLU B 339 12.95 -9.87 -4.06
CA GLU B 339 11.96 -10.55 -3.22
C GLU B 339 10.57 -9.89 -3.33
N VAL B 340 10.49 -8.79 -4.07
CA VAL B 340 9.29 -7.93 -4.06
C VAL B 340 8.82 -7.80 -5.51
N ASN B 341 7.52 -7.57 -5.70
CA ASN B 341 6.99 -7.23 -7.03
C ASN B 341 7.22 -5.74 -7.31
N VAL B 342 8.26 -5.41 -8.09
CA VAL B 342 8.57 -4.02 -8.33
C VAL B 342 8.21 -3.73 -9.78
N THR B 343 7.06 -3.07 -9.94
CA THR B 343 6.32 -2.96 -11.20
CA THR B 343 6.32 -2.96 -11.21
C THR B 343 6.54 -1.59 -11.86
N VAL B 344 7.29 -0.70 -11.19
CA VAL B 344 7.43 0.68 -11.63
C VAL B 344 8.91 0.96 -11.84
N PRO B 345 9.28 2.01 -12.59
CA PRO B 345 10.69 2.36 -12.72
C PRO B 345 11.23 2.79 -11.35
N VAL B 346 12.48 2.42 -11.09
CA VAL B 346 13.17 2.76 -9.89
C VAL B 346 14.45 3.50 -10.26
N VAL B 347 14.54 4.76 -9.85
CA VAL B 347 15.76 5.54 -9.94
C VAL B 347 16.50 5.44 -8.61
N VAL B 348 17.81 5.17 -8.68
CA VAL B 348 18.63 5.00 -7.47
C VAL B 348 19.80 6.01 -7.49
N ARG B 349 19.85 6.83 -6.45
CA ARG B 349 20.96 7.75 -6.19
C ARG B 349 21.67 7.28 -4.92
N LEU B 350 22.93 6.84 -5.08
CA LEU B 350 23.79 6.39 -4.02
C LEU B 350 25.02 7.30 -4.00
N GLU B 351 25.25 7.98 -2.87
CA GLU B 351 26.35 8.92 -2.79
C GLU B 351 27.11 8.66 -1.50
N GLY B 352 28.37 9.12 -1.50
CA GLY B 352 29.29 9.06 -0.39
C GLY B 352 30.29 7.93 -0.55
N ASN B 353 30.25 7.01 0.40
CA ASN B 353 31.28 6.01 0.61
C ASN B 353 31.23 4.96 -0.51
N ASN B 354 32.10 5.11 -1.51
CA ASN B 354 32.28 4.16 -2.59
C ASN B 354 31.11 4.23 -3.58
N ALA B 355 30.63 5.47 -3.81
CA ALA B 355 29.49 5.74 -4.68
C ALA B 355 29.69 5.04 -6.04
N GLU B 356 30.95 4.95 -6.48
CA GLU B 356 31.32 4.43 -7.80
C GLU B 356 31.14 2.90 -7.87
N LYS B 357 31.75 2.16 -6.95
CA LYS B 357 31.61 0.69 -6.89
C LYS B 357 30.13 0.29 -6.70
N GLY B 358 29.36 1.14 -5.98
CA GLY B 358 27.92 0.91 -5.76
C GLY B 358 27.11 1.08 -7.03
N ALA B 359 27.40 2.16 -7.77
CA ALA B 359 26.66 2.55 -8.98
C ALA B 359 26.82 1.47 -10.07
N LYS B 360 28.02 0.86 -10.10
CA LYS B 360 28.35 -0.18 -11.06
C LYS B 360 27.59 -1.46 -10.70
N ILE B 361 27.57 -1.82 -9.41
CA ILE B 361 26.85 -3.03 -8.99
C ILE B 361 25.37 -2.89 -9.40
N LEU B 362 24.81 -1.69 -9.20
CA LEU B 362 23.41 -1.43 -9.59
C LEU B 362 23.26 -1.66 -11.10
N ALA B 363 24.20 -1.07 -11.86
CA ALA B 363 24.17 -1.07 -13.33
C ALA B 363 24.26 -2.48 -13.92
N ASP B 364 24.86 -3.43 -13.18
CA ASP B 364 25.10 -4.80 -13.68
C ASP B 364 24.20 -5.84 -12.99
N SER B 365 23.18 -5.41 -12.24
CA SER B 365 22.31 -6.34 -11.49
C SER B 365 21.22 -6.93 -12.37
N GLY B 366 20.98 -6.28 -13.52
CA GLY B 366 19.98 -6.68 -14.51
C GLY B 366 18.56 -6.56 -13.97
N LEU B 367 18.28 -5.45 -13.26
CA LEU B 367 16.96 -5.18 -12.70
C LEU B 367 16.39 -3.86 -13.23
N LYS B 368 17.05 -3.27 -14.23
CA LYS B 368 16.59 -2.03 -14.90
C LYS B 368 16.57 -0.85 -13.91
N LEU B 369 17.39 -0.92 -12.87
CA LEU B 369 17.57 0.23 -11.96
C LEU B 369 18.22 1.39 -12.72
N ILE B 370 17.67 2.59 -12.58
CA ILE B 370 18.12 3.78 -13.32
C ILE B 370 19.08 4.55 -12.41
N PRO B 371 20.43 4.53 -12.65
CA PRO B 371 21.38 5.15 -11.73
C PRO B 371 21.39 6.66 -11.97
N ALA B 372 21.54 7.43 -10.89
CA ALA B 372 21.52 8.89 -10.96
C ALA B 372 22.72 9.42 -10.18
N ASP B 373 23.25 10.54 -10.66
CA ASP B 373 24.53 11.06 -10.21
C ASP B 373 24.27 11.95 -8.97
N GLY B 374 23.70 13.13 -9.19
CA GLY B 374 23.40 14.04 -8.08
C GLY B 374 21.92 14.09 -7.77
N LEU B 375 21.57 14.95 -6.82
CA LEU B 375 20.21 15.12 -6.37
C LEU B 375 19.35 15.64 -7.55
N ALA B 376 19.88 16.62 -8.32
CA ALA B 376 19.12 17.24 -9.42
C ALA B 376 18.81 16.19 -10.50
N ASP B 377 19.84 15.39 -10.84
CA ASP B 377 19.79 14.25 -11.81
C ASP B 377 18.69 13.24 -11.42
N ALA B 378 18.69 12.87 -10.13
CA ALA B 378 17.75 11.88 -9.57
C ALA B 378 16.30 12.36 -9.72
N ALA B 379 16.02 13.60 -9.28
CA ALA B 379 14.69 14.22 -9.45
C ALA B 379 14.26 14.22 -10.93
N ASP B 380 15.13 14.78 -11.78
CA ASP B 380 14.87 14.90 -13.21
C ASP B 380 14.45 13.52 -13.77
N LYS B 381 15.25 12.50 -13.51
CA LYS B 381 15.05 11.14 -14.03
C LYS B 381 13.77 10.47 -13.49
N VAL B 382 13.48 10.62 -12.19
CA VAL B 382 12.31 9.90 -11.67
C VAL B 382 11.04 10.53 -12.25
N VAL B 383 10.97 11.87 -12.37
CA VAL B 383 9.77 12.51 -12.96
C VAL B 383 9.66 12.05 -14.43
N LYS B 384 10.78 12.02 -15.14
CA LYS B 384 10.79 11.63 -16.58
C LYS B 384 10.32 10.18 -16.78
N SER B 385 10.56 9.30 -15.80
CA SER B 385 10.14 7.90 -15.87
C SER B 385 8.61 7.75 -15.90
N LEU B 386 7.86 8.78 -15.49
CA LEU B 386 6.38 8.74 -15.54
C LEU B 386 5.87 8.77 -17.00
N GLY B 387 6.72 9.21 -17.94
CA GLY B 387 6.33 9.40 -19.34
C GLY B 387 5.56 10.70 -19.52
N SER C 2 -12.01 -42.68 -0.60
CA SER C 2 -12.15 -41.87 -1.84
C SER C 2 -13.52 -41.18 -1.81
N VAL C 3 -13.73 -40.20 -2.69
CA VAL C 3 -15.05 -39.62 -2.81
C VAL C 3 -15.50 -39.64 -4.27
N LEU C 4 -16.83 -39.70 -4.43
CA LEU C 4 -17.61 -39.42 -5.66
C LEU C 4 -17.47 -40.49 -6.74
N VAL C 5 -16.24 -40.98 -6.99
CA VAL C 5 -15.94 -41.96 -8.09
C VAL C 5 -15.07 -43.07 -7.53
N ASP C 6 -15.35 -44.31 -7.98
CA ASP C 6 -14.61 -45.49 -7.55
C ASP C 6 -14.79 -46.58 -8.60
N LYS C 7 -14.34 -47.80 -8.31
CA LYS C 7 -14.33 -48.86 -9.32
C LYS C 7 -15.77 -49.20 -9.79
N ASN C 8 -16.81 -48.81 -9.03
CA ASN C 8 -18.15 -49.16 -9.40
C ASN C 8 -18.81 -48.09 -10.28
N THR C 9 -18.15 -46.93 -10.47
CA THR C 9 -18.72 -45.86 -11.22
C THR C 9 -18.89 -46.21 -12.71
N LYS C 10 -20.09 -46.02 -13.22
CA LYS C 10 -20.40 -46.24 -14.63
C LYS C 10 -20.52 -44.89 -15.36
N VAL C 11 -19.69 -44.70 -16.39
CA VAL C 11 -19.43 -43.38 -17.00
C VAL C 11 -19.92 -43.34 -18.45
N LEU C 12 -20.76 -42.34 -18.75
CA LEU C 12 -21.09 -41.97 -20.09
C LEU C 12 -20.23 -40.78 -20.52
N VAL C 13 -20.07 -40.65 -21.83
CA VAL C 13 -19.27 -39.57 -22.44
C VAL C 13 -20.13 -38.78 -23.41
N GLN C 14 -20.26 -37.47 -23.15
CA GLN C 14 -20.92 -36.56 -24.04
C GLN C 14 -19.88 -36.00 -25.01
N GLY C 15 -20.13 -36.15 -26.31
CA GLY C 15 -19.13 -35.88 -27.34
C GLY C 15 -18.16 -37.04 -27.46
N PHE C 16 -18.68 -38.25 -27.22
CA PHE C 16 -17.94 -39.50 -27.23
C PHE C 16 -17.18 -39.75 -28.55
N THR C 17 -17.80 -39.43 -29.67
CA THR C 17 -17.22 -39.77 -30.99
C THR C 17 -16.23 -38.71 -31.50
N GLY C 18 -16.13 -37.58 -30.79
CA GLY C 18 -15.21 -36.52 -31.11
C GLY C 18 -13.76 -36.87 -30.83
N LYS C 19 -12.87 -35.97 -31.26
CA LYS C 19 -11.41 -36.13 -31.15
C LYS C 19 -11.00 -36.34 -29.69
N ASN C 20 -11.41 -35.41 -28.81
CA ASN C 20 -11.02 -35.48 -27.41
C ASN C 20 -11.83 -36.53 -26.66
N GLY C 21 -13.13 -36.66 -26.92
CA GLY C 21 -13.94 -37.74 -26.32
C GLY C 21 -13.32 -39.10 -26.60
N THR C 22 -12.86 -39.26 -27.83
CA THR C 22 -12.28 -40.55 -28.25
C THR C 22 -10.95 -40.82 -27.51
N PHE C 23 -10.01 -39.89 -27.62
CA PHE C 23 -8.69 -40.04 -27.07
C PHE C 23 -8.78 -40.30 -25.56
N HIS C 24 -9.51 -39.43 -24.84
CA HIS C 24 -9.61 -39.56 -23.36
C HIS C 24 -10.44 -40.79 -22.92
N SER C 25 -11.43 -41.19 -23.71
CA SER C 25 -12.18 -42.41 -23.40
C SER C 25 -11.26 -43.63 -23.56
N GLU C 26 -10.36 -43.61 -24.55
CA GLU C 26 -9.39 -44.72 -24.74
C GLU C 26 -8.49 -44.82 -23.50
N GLN C 27 -8.01 -43.66 -23.02
CA GLN C 27 -7.10 -43.63 -21.89
C GLN C 27 -7.82 -44.10 -20.63
N ALA C 28 -9.07 -43.66 -20.48
CA ALA C 28 -9.87 -44.03 -19.31
C ALA C 28 -10.08 -45.55 -19.28
N ILE C 29 -10.45 -46.13 -20.43
CA ILE C 29 -10.68 -47.56 -20.52
C ILE C 29 -9.41 -48.29 -20.12
N ALA C 30 -8.29 -47.81 -20.64
CA ALA C 30 -6.98 -48.46 -20.33
C ALA C 30 -6.67 -48.33 -18.83
N TYR C 31 -7.15 -47.25 -18.20
CA TYR C 31 -6.84 -47.01 -16.81
C TYR C 31 -7.70 -47.88 -15.88
N GLY C 32 -8.84 -48.36 -16.37
CA GLY C 32 -9.79 -49.21 -15.60
C GLY C 32 -11.10 -48.47 -15.27
N THR C 33 -11.30 -47.29 -15.84
CA THR C 33 -12.58 -46.58 -15.78
C THR C 33 -13.62 -47.36 -16.58
N ASN C 34 -14.82 -47.52 -16.02
CA ASN C 34 -15.91 -48.19 -16.69
C ASN C 34 -16.64 -47.21 -17.61
N ILE C 35 -16.20 -47.09 -18.87
CA ILE C 35 -16.89 -46.30 -19.88
C ILE C 35 -18.00 -47.18 -20.45
N VAL C 36 -19.27 -46.83 -20.19
CA VAL C 36 -20.42 -47.69 -20.64
C VAL C 36 -20.99 -47.25 -21.98
N GLY C 37 -20.58 -46.11 -22.50
CA GLY C 37 -21.03 -45.66 -23.77
C GLY C 37 -20.99 -44.16 -23.85
N GLY C 38 -21.72 -43.61 -24.82
CA GLY C 38 -21.77 -42.14 -24.91
C GLY C 38 -22.86 -41.64 -25.80
N VAL C 39 -22.90 -40.28 -25.92
CA VAL C 39 -23.91 -39.59 -26.64
C VAL C 39 -23.22 -38.65 -27.65
N THR C 40 -23.56 -38.84 -28.90
CA THR C 40 -23.35 -37.87 -29.98
C THR C 40 -24.66 -37.85 -30.78
N PRO C 41 -25.39 -36.72 -30.77
CA PRO C 41 -26.66 -36.66 -31.48
C PRO C 41 -26.40 -36.99 -32.96
N GLY C 42 -27.21 -37.91 -33.50
CA GLY C 42 -27.11 -38.32 -34.87
C GLY C 42 -26.41 -39.66 -35.04
N LYS C 43 -25.59 -40.07 -34.07
CA LYS C 43 -24.84 -41.34 -34.18
C LYS C 43 -25.41 -42.40 -33.25
N GLY C 44 -26.64 -42.19 -32.76
CA GLY C 44 -27.39 -43.22 -32.01
C GLY C 44 -27.47 -44.55 -32.74
N GLY C 45 -27.14 -45.64 -32.04
CA GLY C 45 -27.28 -46.98 -32.60
C GLY C 45 -25.99 -47.50 -33.21
N THR C 46 -24.95 -46.68 -33.22
CA THR C 46 -23.62 -47.08 -33.66
C THR C 46 -22.81 -47.55 -32.44
N THR C 47 -21.61 -48.07 -32.72
CA THR C 47 -20.67 -48.55 -31.76
C THR C 47 -19.39 -47.73 -31.91
N HIS C 48 -18.80 -47.36 -30.78
CA HIS C 48 -17.57 -46.57 -30.78
C HIS C 48 -16.73 -47.06 -29.62
N LEU C 49 -15.48 -47.45 -29.90
CA LEU C 49 -14.59 -48.01 -28.88
C LEU C 49 -15.25 -49.24 -28.24
N ASP C 50 -15.98 -50.01 -29.04
CA ASP C 50 -16.72 -51.19 -28.59
C ASP C 50 -17.71 -50.90 -27.45
N ARG C 51 -18.34 -49.72 -27.52
CA ARG C 51 -19.32 -49.30 -26.56
C ARG C 51 -20.47 -48.67 -27.35
N PRO C 52 -21.71 -48.74 -26.82
CA PRO C 52 -22.84 -48.17 -27.55
C PRO C 52 -22.88 -46.63 -27.55
N VAL C 53 -23.30 -46.07 -28.69
CA VAL C 53 -23.55 -44.64 -28.86
C VAL C 53 -25.06 -44.42 -28.91
N PHE C 54 -25.53 -43.36 -28.26
CA PHE C 54 -26.92 -42.97 -28.19
C PHE C 54 -27.14 -41.54 -28.71
N ASN C 55 -28.38 -41.28 -29.16
CA ASN C 55 -28.72 -39.96 -29.64
C ASN C 55 -28.97 -38.99 -28.47
N THR C 56 -29.44 -39.53 -27.35
CA THR C 56 -29.87 -38.66 -26.24
C THR C 56 -29.36 -39.23 -24.93
N MET C 57 -29.16 -38.36 -23.95
CA MET C 57 -28.75 -38.86 -22.64
C MET C 57 -29.87 -39.69 -21.99
N ALA C 58 -31.14 -39.36 -22.26
CA ALA C 58 -32.26 -40.15 -21.68
C ALA C 58 -32.14 -41.61 -22.12
N GLU C 59 -31.89 -41.81 -23.42
CA GLU C 59 -31.73 -43.18 -23.99
C GLU C 59 -30.50 -43.88 -23.40
N ALA C 60 -29.39 -43.12 -23.27
CA ALA C 60 -28.14 -43.67 -22.73
C ALA C 60 -28.29 -44.14 -21.27
N VAL C 61 -28.91 -43.33 -20.42
CA VAL C 61 -29.14 -43.69 -19.02
C VAL C 61 -30.11 -44.87 -18.91
N ALA C 62 -31.19 -44.87 -19.70
CA ALA C 62 -32.17 -46.01 -19.65
C ALA C 62 -31.47 -47.32 -19.99
N ALA C 63 -30.53 -47.29 -20.94
CA ALA C 63 -29.81 -48.49 -21.45
C ALA C 63 -28.70 -48.95 -20.51
N THR C 64 -27.98 -48.00 -19.88
CA THR C 64 -26.76 -48.32 -19.17
C THR C 64 -26.85 -48.18 -17.66
N GLY C 65 -27.79 -47.39 -17.12
CA GLY C 65 -27.82 -47.10 -15.67
C GLY C 65 -26.60 -46.31 -15.21
N ALA C 66 -26.02 -45.50 -16.09
CA ALA C 66 -24.81 -44.75 -15.74
C ALA C 66 -25.05 -43.84 -14.54
N ASP C 67 -24.01 -43.60 -13.74
CA ASP C 67 -24.21 -42.61 -12.70
C ASP C 67 -23.26 -41.42 -12.81
N ALA C 68 -22.45 -41.37 -13.85
CA ALA C 68 -21.56 -40.20 -14.08
C ALA C 68 -21.43 -39.95 -15.58
N SER C 69 -21.13 -38.71 -15.96
CA SER C 69 -20.94 -38.40 -17.34
C SER C 69 -19.81 -37.38 -17.41
N VAL C 70 -19.10 -37.35 -18.53
CA VAL C 70 -18.07 -36.38 -18.74
C VAL C 70 -18.34 -35.71 -20.08
N ILE C 71 -18.18 -34.38 -20.11
CA ILE C 71 -18.53 -33.58 -21.26
C ILE C 71 -17.24 -33.10 -21.95
N TYR C 72 -17.10 -33.46 -23.23
CA TYR C 72 -16.08 -33.00 -24.15
C TYR C 72 -16.67 -32.26 -25.34
N VAL C 73 -17.83 -31.60 -25.17
CA VAL C 73 -18.47 -30.90 -26.25
C VAL C 73 -17.90 -29.49 -26.31
N PRO C 74 -17.81 -28.89 -27.51
CA PRO C 74 -17.32 -27.52 -27.63
C PRO C 74 -18.18 -26.53 -26.82
N ALA C 75 -17.53 -25.43 -26.37
CA ALA C 75 -18.10 -24.42 -25.46
C ALA C 75 -19.52 -24.01 -25.86
N PRO C 76 -19.86 -23.71 -27.13
CA PRO C 76 -21.21 -23.22 -27.41
C PRO C 76 -22.32 -24.22 -27.07
N PHE C 77 -22.02 -25.49 -26.93
CA PHE C 77 -23.00 -26.52 -26.69
C PHE C 77 -23.03 -26.98 -25.23
N VAL C 78 -22.13 -26.46 -24.38
CA VAL C 78 -21.99 -27.03 -23.05
C VAL C 78 -23.26 -26.80 -22.21
N LYS C 79 -23.81 -25.58 -22.20
CA LYS C 79 -25.00 -25.32 -21.39
C LYS C 79 -26.11 -26.36 -21.67
N ASP C 80 -26.40 -26.55 -22.95
CA ASP C 80 -27.41 -27.50 -23.41
C ASP C 80 -27.04 -28.93 -22.93
N SER C 81 -25.78 -29.30 -23.10
CA SER C 81 -25.29 -30.61 -22.73
CA SER C 81 -25.27 -30.62 -22.73
C SER C 81 -25.38 -30.81 -21.22
N ALA C 82 -25.02 -29.77 -20.46
CA ALA C 82 -25.08 -29.87 -19.03
C ALA C 82 -26.53 -30.05 -18.54
N ILE C 83 -27.42 -29.18 -18.99
CA ILE C 83 -28.83 -29.33 -18.61
C ILE C 83 -29.36 -30.72 -18.99
N GLU C 84 -29.00 -31.20 -20.18
CA GLU C 84 -29.41 -32.53 -20.61
C GLU C 84 -29.03 -33.61 -19.60
N VAL C 85 -27.76 -33.64 -19.18
CA VAL C 85 -27.35 -34.66 -18.24
C VAL C 85 -27.95 -34.43 -16.84
N ILE C 86 -28.06 -33.17 -16.38
CA ILE C 86 -28.69 -32.91 -15.08
C ILE C 86 -30.13 -33.46 -15.05
N ASP C 87 -30.84 -33.38 -16.17
CA ASP C 87 -32.22 -33.85 -16.30
C ASP C 87 -32.29 -35.39 -16.45
N SER C 88 -31.17 -36.10 -16.67
CA SER C 88 -31.15 -37.49 -17.08
C SER C 88 -31.26 -38.52 -15.94
N GLY C 89 -30.86 -38.19 -14.72
CA GLY C 89 -30.73 -39.20 -13.64
C GLY C 89 -29.27 -39.44 -13.23
N VAL C 90 -28.33 -38.94 -14.03
CA VAL C 90 -26.92 -39.01 -13.68
C VAL C 90 -26.67 -38.11 -12.46
N LYS C 91 -25.80 -38.57 -11.55
CA LYS C 91 -25.53 -37.90 -10.28
C LYS C 91 -24.25 -37.06 -10.29
N LEU C 92 -23.33 -37.32 -11.22
CA LEU C 92 -22.06 -36.60 -11.28
C LEU C 92 -21.78 -36.26 -12.73
N VAL C 93 -21.46 -34.99 -12.95
CA VAL C 93 -21.12 -34.49 -14.25
C VAL C 93 -19.74 -33.84 -14.16
N VAL C 94 -18.86 -34.14 -15.10
CA VAL C 94 -17.55 -33.52 -15.20
C VAL C 94 -17.47 -32.78 -16.53
N ILE C 95 -17.21 -31.49 -16.50
CA ILE C 95 -17.16 -30.70 -17.71
C ILE C 95 -15.72 -30.25 -17.96
N ILE C 96 -15.12 -30.77 -19.02
CA ILE C 96 -13.71 -30.51 -19.30
C ILE C 96 -13.57 -29.18 -20.05
N THR C 97 -14.52 -28.92 -20.95
CA THR C 97 -14.47 -27.79 -21.94
C THR C 97 -14.08 -26.43 -21.33
N GLU C 98 -13.15 -25.75 -22.03
CA GLU C 98 -12.77 -24.38 -21.75
C GLU C 98 -13.55 -23.48 -22.70
N GLY C 99 -13.83 -22.26 -22.24
CA GLY C 99 -14.49 -21.20 -23.05
C GLY C 99 -16.00 -21.09 -22.87
N VAL C 100 -16.55 -21.74 -21.85
CA VAL C 100 -17.96 -21.63 -21.59
C VAL C 100 -18.28 -20.23 -21.06
N PRO C 101 -19.23 -19.50 -21.67
CA PRO C 101 -19.60 -18.18 -21.16
C PRO C 101 -19.94 -18.21 -19.67
N THR C 102 -19.47 -17.18 -18.95
CA THR C 102 -19.71 -17.08 -17.49
C THR C 102 -21.22 -17.17 -17.20
N LEU C 103 -22.02 -16.43 -17.98
CA LEU C 103 -23.45 -16.37 -17.70
C LEU C 103 -24.12 -17.74 -17.91
N ASP C 104 -23.57 -18.61 -18.78
CA ASP C 104 -24.09 -19.96 -18.97
C ASP C 104 -23.89 -20.76 -17.67
N MET C 105 -22.69 -20.65 -17.08
CA MET C 105 -22.46 -21.35 -15.81
C MET C 105 -23.27 -20.74 -14.67
N LEU C 106 -23.48 -19.41 -14.67
CA LEU C 106 -24.33 -18.79 -13.67
C LEU C 106 -25.70 -19.49 -13.65
N VAL C 107 -26.28 -19.68 -14.84
CA VAL C 107 -27.58 -20.32 -14.95
C VAL C 107 -27.50 -21.80 -14.55
N VAL C 108 -26.48 -22.52 -15.02
CA VAL C 108 -26.35 -23.95 -14.69
C VAL C 108 -26.22 -24.13 -13.18
N LYS C 109 -25.34 -23.33 -12.55
CA LYS C 109 -25.16 -23.40 -11.10
C LYS C 109 -26.49 -23.15 -10.35
N GLU C 110 -27.25 -22.15 -10.75
CA GLU C 110 -28.53 -21.89 -10.12
C GLU C 110 -29.51 -23.04 -10.32
N TYR C 111 -29.50 -23.63 -11.52
CA TYR C 111 -30.35 -24.73 -11.83
C TYR C 111 -30.08 -25.94 -10.93
N LEU C 112 -28.84 -26.09 -10.47
CA LEU C 112 -28.47 -27.20 -9.61
C LEU C 112 -29.03 -27.11 -8.21
N LYS C 113 -29.57 -25.97 -7.77
CA LYS C 113 -29.75 -25.71 -6.35
C LYS C 113 -30.79 -26.67 -5.74
N ASP C 114 -31.72 -27.17 -6.54
CA ASP C 114 -32.75 -28.10 -6.01
C ASP C 114 -32.65 -29.47 -6.69
N LYS C 115 -31.44 -29.84 -7.14
CA LYS C 115 -31.24 -31.11 -7.82
C LYS C 115 -30.29 -31.98 -6.99
N ASP C 116 -30.28 -33.27 -7.27
CA ASP C 116 -29.38 -34.19 -6.59
C ASP C 116 -28.23 -34.54 -7.54
N VAL C 117 -27.52 -33.52 -8.06
CA VAL C 117 -26.51 -33.69 -9.07
C VAL C 117 -25.34 -32.78 -8.69
N ARG C 118 -24.11 -33.31 -8.74
CA ARG C 118 -22.92 -32.51 -8.62
C ARG C 118 -22.27 -32.34 -10.00
N VAL C 119 -21.75 -31.16 -10.23
CA VAL C 119 -21.10 -30.77 -11.48
C VAL C 119 -19.70 -30.29 -11.12
N ILE C 120 -18.68 -30.91 -11.73
CA ILE C 120 -17.30 -30.50 -11.56
C ILE C 120 -16.86 -29.85 -12.87
N GLY C 121 -16.32 -28.64 -12.77
CA GLY C 121 -15.87 -27.93 -13.96
C GLY C 121 -16.72 -26.69 -14.12
N PRO C 122 -16.69 -25.99 -15.27
CA PRO C 122 -15.95 -26.44 -16.46
C PRO C 122 -14.46 -26.03 -16.43
N ASN C 123 -13.81 -26.13 -17.58
CA ASN C 123 -12.38 -25.73 -17.72
C ASN C 123 -11.52 -26.43 -16.68
N CYS C 124 -11.63 -27.76 -16.60
CA CYS C 124 -11.02 -28.50 -15.51
C CYS C 124 -10.48 -29.82 -16.03
N PRO C 125 -9.51 -30.43 -15.35
CA PRO C 125 -8.98 -31.70 -15.80
C PRO C 125 -9.81 -32.92 -15.38
N GLY C 126 -10.70 -32.73 -14.42
CA GLY C 126 -11.61 -33.72 -13.97
C GLY C 126 -11.31 -34.24 -12.58
N ILE C 127 -11.73 -35.49 -12.33
CA ILE C 127 -11.67 -36.11 -11.00
C ILE C 127 -11.01 -37.49 -11.15
N ILE C 128 -10.16 -37.85 -10.19
CA ILE C 128 -9.56 -39.20 -10.22
C ILE C 128 -9.49 -39.75 -8.80
N THR C 129 -9.84 -41.03 -8.68
CA THR C 129 -9.59 -41.81 -7.49
C THR C 129 -8.53 -42.82 -7.89
N PRO C 130 -7.24 -42.52 -7.69
CA PRO C 130 -6.18 -43.38 -8.21
C PRO C 130 -6.36 -44.84 -7.79
N GLY C 131 -6.15 -45.72 -8.79
CA GLY C 131 -6.31 -47.15 -8.64
C GLY C 131 -7.72 -47.63 -8.95
N GLU C 132 -8.70 -46.73 -9.16
CA GLU C 132 -10.11 -47.14 -9.26
C GLU C 132 -10.83 -46.48 -10.43
N CYS C 133 -10.70 -45.15 -10.61
CA CYS C 133 -11.53 -44.49 -11.61
C CYS C 133 -10.95 -43.12 -11.97
N LYS C 134 -10.84 -42.84 -13.26
CA LYS C 134 -10.48 -41.51 -13.71
C LYS C 134 -11.54 -40.98 -14.70
N ILE C 135 -12.04 -39.79 -14.39
CA ILE C 135 -12.94 -39.08 -15.28
C ILE C 135 -12.29 -37.76 -15.65
N GLY C 136 -11.66 -37.73 -16.82
CA GLY C 136 -11.03 -36.49 -17.31
C GLY C 136 -9.71 -36.76 -18.03
N ILE C 137 -8.85 -35.74 -18.06
CA ILE C 137 -7.73 -35.72 -19.00
C ILE C 137 -6.38 -35.92 -18.28
N MET C 138 -6.38 -36.23 -16.96
CA MET C 138 -5.13 -36.27 -16.18
C MET C 138 -4.37 -37.55 -16.52
N PRO C 139 -3.02 -37.52 -16.54
CA PRO C 139 -2.26 -38.75 -16.77
C PRO C 139 -2.32 -39.73 -15.58
N GLY C 140 -2.80 -40.95 -15.81
CA GLY C 140 -3.05 -41.88 -14.75
C GLY C 140 -1.75 -42.26 -14.03
N HIS C 141 -0.68 -42.37 -14.80
CA HIS C 141 0.53 -43.03 -14.34
C HIS C 141 1.25 -42.23 -13.25
N ILE C 142 1.02 -40.90 -13.17
CA ILE C 142 1.70 -40.05 -12.17
C ILE C 142 1.03 -40.18 -10.79
N HIS C 143 -0.17 -40.75 -10.74
CA HIS C 143 -0.94 -40.90 -9.52
C HIS C 143 -0.61 -42.22 -8.83
N MET C 144 -1.03 -42.32 -7.57
CA MET C 144 -0.88 -43.56 -6.86
C MET C 144 -1.91 -43.60 -5.75
N LYS C 145 -2.57 -44.74 -5.55
CA LYS C 145 -3.58 -44.84 -4.48
CA LYS C 145 -3.58 -44.83 -4.49
C LYS C 145 -2.94 -44.51 -3.13
N GLY C 146 -3.53 -43.58 -2.38
CA GLY C 146 -2.98 -43.24 -1.11
C GLY C 146 -3.86 -42.28 -0.31
N LYS C 147 -3.25 -41.36 0.45
CA LYS C 147 -4.01 -40.77 1.56
C LYS C 147 -4.14 -39.23 1.49
N VAL C 148 -3.72 -38.59 0.41
CA VAL C 148 -3.81 -37.15 0.27
C VAL C 148 -4.96 -36.81 -0.69
N GLY C 149 -5.85 -35.95 -0.25
CA GLY C 149 -6.93 -35.44 -1.04
C GLY C 149 -6.49 -34.12 -1.63
N ILE C 150 -6.83 -33.85 -2.90
CA ILE C 150 -6.32 -32.62 -3.56
C ILE C 150 -7.48 -31.88 -4.21
N ILE C 151 -7.54 -30.55 -3.98
CA ILE C 151 -8.54 -29.69 -4.60
C ILE C 151 -7.77 -28.58 -5.31
N SER C 152 -8.09 -28.33 -6.56
CA SER C 152 -7.28 -27.37 -7.35
C SER C 152 -8.14 -26.66 -8.39
N ARG C 153 -7.82 -25.38 -8.65
CA ARG C 153 -8.37 -24.64 -9.80
C ARG C 153 -7.54 -24.82 -11.09
N SER C 154 -6.44 -25.57 -11.07
CA SER C 154 -5.58 -25.65 -12.29
C SER C 154 -5.42 -27.09 -12.82
N GLY C 155 -4.77 -27.20 -13.98
CA GLY C 155 -4.58 -28.51 -14.63
C GLY C 155 -3.22 -29.07 -14.29
N THR C 156 -2.23 -28.70 -15.11
CA THR C 156 -0.89 -29.27 -14.96
C THR C 156 -0.28 -28.91 -13.60
N LEU C 157 -0.70 -27.81 -12.96
CA LEU C 157 -0.10 -27.42 -11.69
C LEU C 157 -0.51 -28.47 -10.65
N THR C 158 -1.73 -28.99 -10.79
CA THR C 158 -2.26 -30.07 -9.93
C THR C 158 -1.37 -31.32 -10.07
N TYR C 159 -0.91 -31.58 -11.29
CA TYR C 159 -0.07 -32.75 -11.56
C TYR C 159 1.27 -32.63 -10.81
N GLU C 160 1.78 -31.42 -10.62
CA GLU C 160 3.03 -31.20 -9.82
C GLU C 160 2.78 -31.72 -8.40
N ALA C 161 1.68 -31.33 -7.78
CA ALA C 161 1.34 -31.77 -6.41
C ALA C 161 1.15 -33.29 -6.37
N VAL C 162 0.49 -33.85 -7.40
CA VAL C 162 0.29 -35.28 -7.51
C VAL C 162 1.67 -35.95 -7.57
N ALA C 163 2.52 -35.50 -8.51
CA ALA C 163 3.86 -36.09 -8.62
C ALA C 163 4.61 -36.02 -7.29
N GLN C 164 4.49 -34.90 -6.56
CA GLN C 164 5.27 -34.73 -5.35
C GLN C 164 4.78 -35.73 -4.29
N THR C 165 3.46 -35.92 -4.21
CA THR C 165 2.87 -36.80 -3.18
C THR C 165 3.03 -38.28 -3.57
N THR C 166 3.07 -38.56 -4.88
CA THR C 166 3.44 -39.88 -5.36
C THR C 166 4.91 -40.18 -4.97
N LYS C 167 5.79 -39.26 -5.28
CA LYS C 167 7.27 -39.48 -5.07
C LYS C 167 7.62 -39.61 -3.59
N LEU C 168 6.80 -39.02 -2.71
CA LEU C 168 7.02 -39.14 -1.23
C LEU C 168 6.35 -40.41 -0.69
N GLY C 169 5.69 -41.19 -1.56
CA GLY C 169 5.01 -42.41 -1.17
C GLY C 169 3.68 -42.19 -0.43
N PHE C 170 3.16 -40.96 -0.40
CA PHE C 170 1.88 -40.69 0.28
C PHE C 170 0.69 -41.15 -0.58
N GLY C 171 0.79 -40.82 -1.84
CA GLY C 171 -0.29 -41.09 -2.78
C GLY C 171 -1.51 -40.21 -2.54
N GLN C 172 -2.55 -40.46 -3.33
CA GLN C 172 -3.76 -39.60 -3.32
C GLN C 172 -4.99 -40.49 -3.11
N SER C 173 -5.97 -39.92 -2.43
CA SER C 173 -7.26 -40.55 -2.22
C SER C 173 -8.14 -40.25 -3.43
N THR C 174 -8.58 -38.99 -3.53
CA THR C 174 -9.28 -38.47 -4.70
C THR C 174 -8.69 -37.10 -4.99
N CYS C 175 -8.50 -36.79 -6.26
CA CYS C 175 -8.11 -35.48 -6.65
C CYS C 175 -9.25 -34.83 -7.44
N ILE C 176 -9.59 -33.59 -7.06
CA ILE C 176 -10.73 -32.88 -7.67
C ILE C 176 -10.23 -31.60 -8.30
N GLY C 177 -10.25 -31.54 -9.63
CA GLY C 177 -9.92 -30.30 -10.31
C GLY C 177 -11.19 -29.52 -10.54
N ILE C 178 -11.44 -28.48 -9.76
CA ILE C 178 -12.74 -27.74 -9.85
C ILE C 178 -12.75 -26.74 -11.03
N GLY C 179 -11.57 -26.52 -11.60
CA GLY C 179 -11.41 -25.79 -12.81
C GLY C 179 -11.13 -24.31 -12.62
N GLY C 180 -10.88 -23.66 -13.75
CA GLY C 180 -10.28 -22.34 -13.82
C GLY C 180 -11.27 -21.21 -14.06
N ASP C 181 -12.57 -21.49 -14.04
CA ASP C 181 -13.54 -20.51 -14.45
C ASP C 181 -14.10 -19.70 -13.28
N PRO C 182 -14.76 -18.55 -13.53
CA PRO C 182 -15.21 -17.69 -12.43
C PRO C 182 -16.35 -18.29 -11.60
N ILE C 183 -17.21 -19.11 -12.24
CA ILE C 183 -18.31 -19.80 -11.52
C ILE C 183 -18.25 -21.29 -11.82
N PRO C 184 -17.50 -22.04 -10.98
CA PRO C 184 -17.43 -23.48 -11.14
C PRO C 184 -18.74 -24.13 -10.65
N GLY C 185 -19.01 -25.30 -11.18
CA GLY C 185 -20.13 -26.14 -10.71
C GLY C 185 -19.98 -26.63 -9.29
N MET C 186 -18.74 -26.89 -8.85
CA MET C 186 -18.47 -27.38 -7.50
C MET C 186 -17.35 -26.52 -6.93
N ASN C 187 -17.57 -25.91 -5.77
CA ASN C 187 -16.59 -24.98 -5.22
CA ASN C 187 -16.60 -24.98 -5.20
C ASN C 187 -15.72 -25.69 -4.17
N GLN C 188 -14.77 -24.94 -3.61
CA GLN C 188 -13.76 -25.50 -2.71
C GLN C 188 -14.40 -26.07 -1.44
N ILE C 189 -15.40 -25.35 -0.91
CA ILE C 189 -16.04 -25.77 0.35
C ILE C 189 -16.80 -27.08 0.11
N GLU C 190 -17.49 -27.19 -1.04
CA GLU C 190 -18.23 -28.43 -1.36
C GLU C 190 -17.23 -29.61 -1.32
N ALA C 191 -16.07 -29.44 -1.97
CA ALA C 191 -15.00 -30.48 -2.09
C ALA C 191 -14.35 -30.75 -0.73
N LEU C 192 -14.17 -29.72 0.09
CA LEU C 192 -13.54 -29.88 1.38
C LEU C 192 -14.43 -30.71 2.29
N LYS C 193 -15.74 -30.49 2.21
CA LYS C 193 -16.68 -31.24 3.08
C LYS C 193 -16.58 -32.73 2.73
N LEU C 194 -16.53 -33.03 1.43
CA LEU C 194 -16.40 -34.42 0.97
C LEU C 194 -15.10 -35.04 1.50
N LEU C 195 -13.98 -34.35 1.34
CA LEU C 195 -12.69 -34.92 1.75
C LEU C 195 -12.57 -35.00 3.28
N GLU C 196 -13.15 -34.03 4.01
CA GLU C 196 -13.17 -34.08 5.48
C GLU C 196 -13.83 -35.37 5.97
N ASN C 197 -14.82 -35.88 5.21
CA ASN C 197 -15.65 -36.99 5.70
C ASN C 197 -15.22 -38.32 5.05
N ASP C 198 -14.13 -38.29 4.29
CA ASP C 198 -13.59 -39.46 3.59
C ASP C 198 -12.51 -40.13 4.45
N PRO C 199 -12.74 -41.34 5.03
CA PRO C 199 -11.71 -41.94 5.87
C PRO C 199 -10.37 -42.14 5.17
N GLN C 200 -10.38 -42.40 3.85
CA GLN C 200 -9.14 -42.64 3.11
C GLN C 200 -8.29 -41.36 3.10
N THR C 201 -8.93 -40.19 3.18
CA THR C 201 -8.19 -38.89 3.10
C THR C 201 -7.68 -38.51 4.50
N GLU C 202 -6.36 -38.39 4.66
CA GLU C 202 -5.75 -38.09 5.95
C GLU C 202 -5.18 -36.67 5.97
N ALA C 203 -5.02 -36.09 4.78
CA ALA C 203 -4.60 -34.69 4.63
C ALA C 203 -5.07 -34.17 3.29
N ILE C 204 -5.15 -32.84 3.19
CA ILE C 204 -5.70 -32.17 2.02
C ILE C 204 -4.71 -31.13 1.53
N ILE C 205 -4.53 -31.09 0.22
CA ILE C 205 -3.85 -30.01 -0.45
C ILE C 205 -4.90 -29.14 -1.14
N LEU C 206 -4.83 -27.82 -0.92
CA LEU C 206 -5.69 -26.87 -1.58
C LEU C 206 -4.82 -25.95 -2.44
N ILE C 207 -4.95 -26.07 -3.75
CA ILE C 207 -4.26 -25.25 -4.74
C ILE C 207 -5.23 -24.21 -5.28
N GLY C 208 -4.80 -22.95 -5.27
CA GLY C 208 -5.55 -21.86 -5.79
C GLY C 208 -4.67 -21.00 -6.65
N GLU C 209 -5.23 -19.86 -7.00
CA GLU C 209 -4.58 -18.90 -7.85
C GLU C 209 -5.25 -17.54 -7.67
N ILE C 210 -4.79 -16.55 -8.44
CA ILE C 210 -5.35 -15.22 -8.37
C ILE C 210 -6.81 -15.28 -8.82
N GLY C 211 -7.56 -14.28 -8.40
CA GLY C 211 -8.90 -14.03 -8.84
C GLY C 211 -9.91 -14.63 -7.89
N GLY C 212 -11.00 -13.90 -7.65
CA GLY C 212 -12.06 -14.34 -6.74
C GLY C 212 -11.66 -14.27 -5.29
N THR C 213 -12.56 -14.74 -4.43
CA THR C 213 -12.31 -14.74 -2.99
C THR C 213 -12.60 -16.15 -2.46
N ALA C 214 -12.52 -17.16 -3.32
CA ALA C 214 -12.92 -18.50 -2.92
C ALA C 214 -11.97 -19.12 -1.87
N GLU C 215 -10.66 -18.92 -2.02
CA GLU C 215 -9.69 -19.49 -1.07
C GLU C 215 -9.82 -18.82 0.30
N GLU C 216 -10.10 -17.52 0.33
CA GLU C 216 -10.32 -16.85 1.58
C GLU C 216 -11.57 -17.41 2.28
N GLU C 217 -12.63 -17.67 1.51
CA GLU C 217 -13.88 -18.19 2.10
C GLU C 217 -13.65 -19.63 2.57
N ALA C 218 -12.86 -20.40 1.79
CA ALA C 218 -12.52 -21.75 2.16
C ALA C 218 -11.68 -21.76 3.44
N ALA C 219 -10.75 -20.82 3.57
CA ALA C 219 -9.92 -20.70 4.79
C ALA C 219 -10.79 -20.54 6.06
N GLU C 220 -11.80 -19.67 5.98
CA GLU C 220 -12.74 -19.42 7.08
C GLU C 220 -13.52 -20.70 7.36
N TYR C 221 -13.92 -21.42 6.31
CA TYR C 221 -14.63 -22.68 6.51
C TYR C 221 -13.72 -23.71 7.21
N ILE C 222 -12.48 -23.82 6.72
CA ILE C 222 -11.54 -24.82 7.24
C ILE C 222 -11.30 -24.56 8.74
N LYS C 223 -11.13 -23.29 9.08
CA LYS C 223 -10.79 -22.87 10.47
C LYS C 223 -11.77 -23.55 11.44
N HIS C 224 -13.05 -23.56 11.09
CA HIS C 224 -14.12 -24.01 11.98
C HIS C 224 -14.69 -25.39 11.68
N ASN C 225 -14.38 -26.01 10.54
CA ASN C 225 -15.10 -27.18 10.12
C ASN C 225 -14.22 -28.31 9.57
N VAL C 226 -12.91 -28.12 9.35
CA VAL C 226 -12.06 -29.15 8.83
C VAL C 226 -10.99 -29.49 9.87
N THR C 227 -10.93 -30.74 10.32
CA THR C 227 -10.02 -31.22 11.36
C THR C 227 -8.70 -31.73 10.74
N LYS C 228 -8.73 -32.14 9.48
CA LYS C 228 -7.58 -32.75 8.85
C LYS C 228 -6.62 -31.64 8.45
N PRO C 229 -5.31 -31.92 8.42
CA PRO C 229 -4.35 -30.92 8.00
C PRO C 229 -4.56 -30.52 6.55
N VAL C 230 -4.53 -29.21 6.29
CA VAL C 230 -4.68 -28.67 4.99
C VAL C 230 -3.39 -27.93 4.64
N ILE C 231 -2.88 -28.13 3.43
CA ILE C 231 -1.71 -27.43 2.92
C ILE C 231 -2.12 -26.61 1.71
N GLY C 232 -1.84 -25.30 1.75
CA GLY C 232 -2.22 -24.42 0.70
C GLY C 232 -1.10 -24.02 -0.21
N TYR C 233 -1.42 -23.76 -1.48
CA TYR C 233 -0.47 -23.11 -2.39
C TYR C 233 -1.27 -22.20 -3.32
N ILE C 234 -0.76 -21.00 -3.63
CA ILE C 234 -1.44 -20.06 -4.50
C ILE C 234 -0.45 -19.64 -5.58
N ALA C 235 -0.87 -19.78 -6.84
CA ALA C 235 -0.14 -19.32 -8.00
C ALA C 235 -0.56 -17.89 -8.38
N GLY C 236 0.41 -17.14 -8.94
CA GLY C 236 0.17 -15.83 -9.49
C GLY C 236 0.65 -14.66 -8.64
N VAL C 237 1.64 -14.87 -7.78
CA VAL C 237 2.24 -13.77 -7.02
C VAL C 237 2.77 -12.72 -8.01
N THR C 238 3.36 -13.17 -9.12
CA THR C 238 4.00 -12.24 -10.08
C THR C 238 3.05 -11.76 -11.18
N ALA C 239 1.77 -12.17 -11.14
CA ALA C 239 0.81 -11.82 -12.19
C ALA C 239 0.56 -10.31 -12.18
N PRO C 240 0.61 -9.64 -13.34
CA PRO C 240 0.27 -8.22 -13.42
C PRO C 240 -1.22 -8.03 -13.18
N PRO C 241 -1.62 -7.01 -12.40
CA PRO C 241 -3.04 -6.72 -12.19
C PRO C 241 -3.76 -6.41 -13.51
N GLY C 242 -5.04 -6.76 -13.58
CA GLY C 242 -5.90 -6.34 -14.67
C GLY C 242 -5.74 -7.17 -15.92
N LYS C 243 -4.99 -8.30 -15.85
CA LYS C 243 -4.71 -9.17 -17.00
C LYS C 243 -5.25 -10.59 -16.72
N ARG C 244 -5.95 -11.17 -17.69
CA ARG C 244 -6.37 -12.57 -17.60
C ARG C 244 -5.14 -13.44 -17.84
N MET C 245 -4.83 -14.30 -16.87
CA MET C 245 -3.65 -15.13 -16.96
C MET C 245 -4.07 -16.53 -17.44
N GLY C 246 -4.44 -16.62 -18.73
CA GLY C 246 -4.90 -17.88 -19.34
C GLY C 246 -6.32 -18.26 -18.90
N NEP C 247 -6.47 -18.71 -17.66
CA NEP C 247 -7.76 -19.09 -17.12
C NEP C 247 -8.66 -17.90 -16.99
O NEP C 247 -8.27 -16.85 -16.48
CB NEP C 247 -7.66 -19.72 -15.71
CG NEP C 247 -6.96 -21.05 -15.62
ND1 NEP C 247 -6.42 -21.41 -14.42
CD2 NEP C 247 -6.64 -22.08 -16.55
CE1 NEP C 247 -5.79 -22.59 -14.57
NE2 NEP C 247 -5.95 -23.00 -15.82
P NEP C 247 -5.13 -24.56 -16.34
O1P NEP C 247 -3.95 -24.92 -15.37
O2P NEP C 247 -4.72 -24.25 -17.83
O3P NEP C 247 -6.21 -25.63 -16.14
N ALA C 248 -9.90 -18.04 -17.45
CA ALA C 248 -10.88 -16.96 -17.39
C ALA C 248 -10.99 -16.38 -15.99
N GLY C 249 -10.89 -17.22 -14.94
CA GLY C 249 -11.01 -16.78 -13.55
C GLY C 249 -9.74 -16.19 -12.94
N ALA C 250 -8.63 -16.21 -13.66
CA ALA C 250 -7.32 -15.80 -13.08
C ALA C 250 -7.07 -14.35 -13.47
N ILE C 251 -7.61 -13.44 -12.68
CA ILE C 251 -7.43 -12.02 -12.93
C ILE C 251 -7.59 -11.28 -11.61
N ILE C 252 -6.67 -10.33 -11.39
CA ILE C 252 -6.66 -9.39 -10.29
C ILE C 252 -7.42 -8.15 -10.77
N SER C 253 -8.52 -7.81 -10.11
CA SER C 253 -9.16 -6.55 -10.48
C SER C 253 -9.95 -5.98 -9.31
N GLY C 254 -10.02 -4.65 -9.28
CA GLY C 254 -10.46 -3.92 -8.08
C GLY C 254 -9.47 -4.09 -6.95
N GLY C 255 -8.21 -4.41 -7.31
CA GLY C 255 -7.17 -4.84 -6.36
C GLY C 255 -7.60 -5.97 -5.43
N LYS C 256 -8.70 -6.65 -5.77
CA LYS C 256 -9.12 -7.87 -5.11
C LYS C 256 -8.50 -9.04 -5.90
N GLY C 257 -8.25 -10.19 -5.25
CA GLY C 257 -7.86 -11.40 -5.97
C GLY C 257 -6.37 -11.66 -6.01
N THR C 258 -5.58 -10.92 -5.21
CA THR C 258 -4.13 -11.10 -5.24
C THR C 258 -3.77 -12.38 -4.49
N ALA C 259 -2.61 -12.96 -4.84
CA ALA C 259 -2.11 -14.16 -4.15
C ALA C 259 -1.78 -13.84 -2.69
N GLU C 260 -1.18 -12.67 -2.48
CA GLU C 260 -0.78 -12.28 -1.12
C GLU C 260 -1.96 -12.29 -0.12
N GLU C 261 -3.14 -11.82 -0.51
CA GLU C 261 -4.25 -11.78 0.46
C GLU C 261 -4.78 -13.19 0.74
N LYS C 262 -4.56 -14.13 -0.19
CA LYS C 262 -4.98 -15.50 -0.02
C LYS C 262 -4.03 -16.19 0.97
N PHE C 263 -2.74 -15.98 0.77
CA PHE C 263 -1.76 -16.48 1.71
C PHE C 263 -2.03 -15.91 3.10
N ALA C 264 -2.36 -14.61 3.16
CA ALA C 264 -2.63 -13.92 4.40
C ALA C 264 -3.85 -14.56 5.09
N ALA C 265 -4.88 -14.87 4.30
CA ALA C 265 -6.08 -15.51 4.86
C ALA C 265 -5.72 -16.92 5.40
N PHE C 266 -4.86 -17.67 4.71
CA PHE C 266 -4.47 -18.99 5.24
C PHE C 266 -3.77 -18.81 6.61
N GLU C 267 -2.79 -17.91 6.62
CA GLU C 267 -2.06 -17.55 7.83
C GLU C 267 -3.02 -17.32 9.00
N ALA C 268 -4.00 -16.46 8.73
CA ALA C 268 -4.96 -16.01 9.72
C ALA C 268 -5.85 -17.16 10.20
N ALA C 269 -6.10 -18.17 9.38
CA ALA C 269 -6.97 -19.30 9.76
C ALA C 269 -6.16 -20.47 10.37
N GLY C 270 -4.86 -20.27 10.51
CA GLY C 270 -3.93 -21.30 11.01
C GLY C 270 -3.64 -22.41 10.00
N ILE C 271 -3.82 -22.12 8.70
CA ILE C 271 -3.60 -23.10 7.62
C ILE C 271 -2.16 -23.01 7.10
N ALA C 272 -1.44 -24.12 7.13
CA ALA C 272 -0.10 -24.13 6.58
C ALA C 272 -0.15 -23.88 5.07
N TYR C 273 0.88 -23.25 4.52
CA TYR C 273 1.04 -23.11 3.13
C TYR C 273 2.53 -23.04 2.77
N THR C 274 2.79 -23.24 1.48
CA THR C 274 4.07 -23.01 0.89
C THR C 274 3.97 -21.90 -0.15
N ARG C 275 5.07 -21.17 -0.33
CA ARG C 275 5.19 -20.19 -1.40
C ARG C 275 5.91 -20.76 -2.63
N SER C 276 6.39 -22.01 -2.56
CA SER C 276 7.03 -22.62 -3.68
C SER C 276 6.18 -23.77 -4.23
N PRO C 277 5.90 -23.78 -5.54
CA PRO C 277 5.14 -24.85 -6.15
C PRO C 277 5.91 -26.18 -6.14
N ALA C 278 7.22 -26.13 -5.93
CA ALA C 278 8.09 -27.29 -5.84
C ALA C 278 7.97 -27.98 -4.47
N GLU C 279 7.40 -27.29 -3.46
CA GLU C 279 7.49 -27.75 -2.10
C GLU C 279 6.12 -28.06 -1.47
N ILE C 280 5.12 -28.38 -2.29
CA ILE C 280 3.82 -28.69 -1.77
C ILE C 280 3.88 -30.01 -0.98
N GLY C 281 4.46 -31.04 -1.59
CA GLY C 281 4.70 -32.34 -0.92
C GLY C 281 5.57 -32.19 0.34
N LYS C 282 6.65 -31.43 0.21
CA LYS C 282 7.63 -31.18 1.28
C LYS C 282 6.96 -30.50 2.49
N LYS C 283 6.11 -29.50 2.22
CA LYS C 283 5.40 -28.79 3.27
C LYS C 283 4.43 -29.73 3.98
N LEU C 284 3.74 -30.58 3.22
CA LEU C 284 2.79 -31.54 3.81
C LEU C 284 3.56 -32.49 4.72
N LYS C 285 4.72 -32.96 4.23
CA LYS C 285 5.59 -33.86 5.01
C LYS C 285 6.01 -33.20 6.32
N GLU C 286 6.38 -31.92 6.24
CA GLU C 286 6.80 -31.20 7.44
C GLU C 286 5.66 -31.06 8.44
N VAL C 287 4.46 -30.71 7.95
CA VAL C 287 3.31 -30.44 8.78
C VAL C 287 2.82 -31.75 9.44
N THR C 288 2.75 -32.85 8.69
CA THR C 288 2.20 -34.10 9.19
C THR C 288 3.25 -34.88 10.02
N GLY C 289 4.53 -34.67 9.71
CA GLY C 289 5.66 -35.47 10.27
C GLY C 289 5.72 -36.88 9.69
N TRP C 290 5.04 -37.08 8.55
CA TRP C 290 4.96 -38.38 7.91
C TRP C 290 6.32 -38.82 7.37
N GLU C 291 6.48 -40.14 7.25
CA GLU C 291 7.67 -40.74 6.70
C GLU C 291 7.62 -40.64 5.17
N ASN C 292 8.77 -40.34 4.55
CA ASN C 292 8.96 -40.57 3.13
C ASN C 292 9.56 -41.97 2.94
N LEU C 293 8.73 -42.96 2.65
CA LEU C 293 9.20 -44.34 2.57
C LEU C 293 10.04 -44.54 1.31
N TYR C 294 10.02 -43.57 0.39
CA TYR C 294 10.66 -43.70 -0.90
C TYR C 294 11.99 -42.95 -0.93
N PHE C 295 12.42 -42.38 0.20
CA PHE C 295 13.80 -41.83 0.26
C PHE C 295 14.84 -42.95 0.28
N GLN C 296 14.68 -43.88 1.23
CA GLN C 296 15.64 -44.99 1.49
C GLN C 296 15.56 -46.08 0.40
N MET D 1 -13.51 -8.43 -23.88
CA MET D 1 -13.30 -7.39 -24.96
C MET D 1 -13.91 -6.07 -24.47
N ASN D 2 -13.14 -4.97 -24.56
CA ASN D 2 -13.55 -3.62 -24.17
C ASN D 2 -14.21 -2.92 -25.36
N LEU D 3 -15.18 -2.03 -25.05
CA LEU D 3 -15.79 -1.16 -26.08
C LEU D 3 -15.30 0.26 -25.87
N HIS D 4 -15.27 1.02 -26.98
CA HIS D 4 -15.04 2.45 -26.90
C HIS D 4 -16.23 3.13 -26.24
N GLU D 5 -16.02 4.35 -25.70
CA GLU D 5 -17.10 5.16 -25.15
C GLU D 5 -18.26 5.24 -26.15
N TYR D 6 -17.99 5.55 -27.43
CA TYR D 6 -19.05 5.80 -28.38
C TYR D 6 -19.83 4.51 -28.66
N GLN D 7 -19.14 3.37 -28.67
CA GLN D 7 -19.76 2.07 -28.91
C GLN D 7 -20.61 1.65 -27.69
N ALA D 8 -20.12 1.90 -26.49
CA ALA D 8 -20.85 1.59 -25.24
C ALA D 8 -22.14 2.45 -25.22
N LYS D 9 -22.02 3.70 -25.67
CA LYS D 9 -23.14 4.64 -25.61
C LYS D 9 -24.19 4.19 -26.64
N ASP D 10 -23.74 3.84 -27.85
CA ASP D 10 -24.63 3.37 -28.91
C ASP D 10 -25.42 2.14 -28.41
N LEU D 11 -24.71 1.22 -27.77
CA LEU D 11 -25.28 -0.05 -27.24
CA LEU D 11 -25.29 -0.03 -27.26
C LEU D 11 -26.33 0.26 -26.17
N LEU D 12 -25.93 1.05 -25.15
CA LEU D 12 -26.83 1.35 -24.05
C LEU D 12 -28.04 2.14 -24.55
N GLU D 13 -27.82 3.07 -25.50
CA GLU D 13 -28.94 3.81 -26.11
C GLU D 13 -29.95 2.82 -26.72
N SER D 14 -29.46 1.74 -27.35
CA SER D 14 -30.30 0.76 -28.06
C SER D 14 -31.17 0.02 -27.05
N TYR D 15 -30.77 0.02 -25.77
CA TYR D 15 -31.56 -0.58 -24.69
C TYR D 15 -32.43 0.45 -23.95
N GLY D 16 -32.48 1.68 -24.45
CA GLY D 16 -33.39 2.71 -23.99
C GLY D 16 -32.79 3.65 -22.96
N LEU D 17 -31.50 3.54 -22.67
CA LEU D 17 -30.84 4.47 -21.75
C LEU D 17 -30.58 5.79 -22.48
N LYS D 18 -30.61 6.88 -21.73
CA LYS D 18 -30.25 8.19 -22.31
C LYS D 18 -28.74 8.39 -22.15
N VAL D 19 -28.08 8.87 -23.20
CA VAL D 19 -26.66 9.03 -23.19
C VAL D 19 -26.30 10.43 -23.69
N GLN D 20 -25.14 10.89 -23.27
CA GLN D 20 -24.48 12.08 -23.83
C GLN D 20 -24.06 11.72 -25.26
N LYS D 21 -24.85 12.18 -26.23
CA LYS D 21 -24.69 11.79 -27.62
CA LYS D 21 -24.70 11.81 -27.63
C LYS D 21 -23.48 12.53 -28.22
N GLY D 22 -22.76 11.82 -29.10
CA GLY D 22 -21.57 12.32 -29.80
C GLY D 22 -21.47 11.79 -31.22
N ILE D 23 -20.49 12.31 -31.93
CA ILE D 23 -20.11 11.91 -33.28
C ILE D 23 -18.61 11.60 -33.26
N VAL D 24 -18.24 10.47 -33.86
CA VAL D 24 -16.88 10.05 -33.90
C VAL D 24 -16.22 10.77 -35.07
N ALA D 25 -14.99 11.25 -34.86
CA ALA D 25 -14.19 11.94 -35.90
C ALA D 25 -12.79 11.32 -35.92
N HIS D 26 -12.40 10.87 -37.11
CA HIS D 26 -11.12 10.21 -37.36
C HIS D 26 -10.04 11.24 -37.75
N ASN D 27 -10.44 12.49 -38.07
CA ASN D 27 -9.45 13.56 -38.30
C ASN D 27 -9.98 14.88 -37.77
N PRO D 28 -9.13 15.93 -37.65
CA PRO D 28 -9.52 17.20 -37.01
C PRO D 28 -10.61 17.95 -37.81
N ASN D 29 -10.69 17.63 -39.11
CA ASN D 29 -11.62 18.26 -40.02
C ASN D 29 -13.01 17.66 -39.78
N GLU D 30 -13.08 16.33 -39.67
CA GLU D 30 -14.34 15.65 -39.30
C GLU D 30 -14.81 16.14 -37.93
N ALA D 31 -13.86 16.43 -37.05
CA ALA D 31 -14.16 16.89 -35.70
C ALA D 31 -14.80 18.29 -35.74
N ALA D 32 -14.19 19.22 -36.49
CA ALA D 32 -14.76 20.58 -36.65
C ALA D 32 -16.19 20.49 -37.21
N GLN D 33 -16.39 19.57 -38.16
CA GLN D 33 -17.69 19.31 -38.79
C GLN D 33 -18.69 18.76 -37.75
N ALA D 34 -18.23 17.88 -36.87
CA ALA D 34 -19.08 17.31 -35.82
C ALA D 34 -19.58 18.40 -34.86
N PHE D 35 -18.69 19.31 -34.47
CA PHE D 35 -19.10 20.41 -33.60
C PHE D 35 -20.29 21.16 -34.22
N ASP D 36 -20.13 21.53 -35.50
CA ASP D 36 -21.18 22.21 -36.23
C ASP D 36 -22.44 21.36 -36.27
N GLN D 37 -22.29 20.05 -36.53
CA GLN D 37 -23.44 19.18 -36.70
C GLN D 37 -24.25 19.13 -35.40
N LEU D 38 -23.58 19.16 -34.24
CA LEU D 38 -24.27 19.16 -32.96
C LEU D 38 -25.02 20.49 -32.79
N GLY D 39 -24.37 21.58 -33.15
CA GLY D 39 -25.04 22.88 -33.17
C GLY D 39 -25.11 23.54 -31.80
N GLY D 40 -24.49 22.96 -30.78
CA GLY D 40 -24.51 23.53 -29.42
C GLY D 40 -23.52 24.68 -29.30
N LYS D 41 -23.73 25.53 -28.29
CA LYS D 41 -22.74 26.54 -27.86
C LYS D 41 -21.43 25.85 -27.51
N PHE D 42 -21.55 24.78 -26.72
CA PHE D 42 -20.43 24.06 -26.12
C PHE D 42 -20.50 22.57 -26.52
N ALA D 43 -19.33 21.97 -26.70
CA ALA D 43 -19.19 20.55 -26.90
C ALA D 43 -18.03 20.04 -26.05
N VAL D 44 -17.88 18.73 -25.99
CA VAL D 44 -16.83 18.11 -25.22
C VAL D 44 -16.13 17.10 -26.14
N VAL D 45 -14.84 17.32 -26.36
CA VAL D 45 -14.02 16.49 -27.19
C VAL D 45 -13.28 15.53 -26.27
N LYS D 46 -13.33 14.23 -26.59
CA LYS D 46 -12.80 13.16 -25.71
C LYS D 46 -12.07 12.16 -26.60
N ALA D 47 -10.80 11.85 -26.32
CA ALA D 47 -10.10 10.84 -27.13
C ALA D 47 -10.78 9.49 -26.92
N GLN D 48 -10.92 8.70 -27.99
CA GLN D 48 -11.59 7.38 -27.95
C GLN D 48 -10.51 6.32 -27.82
N VAL D 49 -10.16 6.02 -26.57
CA VAL D 49 -9.32 4.85 -26.25
C VAL D 49 -10.01 3.98 -25.20
N HIS D 50 -9.76 2.67 -25.26
CA HIS D 50 -10.17 1.74 -24.15
C HIS D 50 -9.36 2.05 -22.89
N ALA D 51 -9.75 3.05 -22.10
CA ALA D 51 -9.03 3.32 -20.85
C ALA D 51 -9.67 4.52 -20.14
N GLY D 52 -9.65 4.45 -18.80
CA GLY D 52 -10.23 5.47 -17.93
C GLY D 52 -9.22 6.55 -17.58
N GLY D 53 -9.69 7.54 -16.80
CA GLY D 53 -8.85 8.65 -16.30
C GLY D 53 -8.43 9.66 -17.36
N ARG D 54 -9.02 9.55 -18.57
CA ARG D 54 -8.74 10.39 -19.79
C ARG D 54 -8.77 11.89 -19.42
N GLY D 55 -9.68 12.25 -18.50
CA GLY D 55 -9.87 13.63 -18.01
C GLY D 55 -8.61 14.26 -17.44
N LYS D 56 -7.68 13.44 -16.93
CA LYS D 56 -6.42 13.94 -16.36
C LYS D 56 -5.24 13.75 -17.32
N ALA D 57 -5.29 12.74 -18.20
CA ALA D 57 -4.32 12.67 -19.32
C ALA D 57 -4.54 13.81 -20.32
N GLY D 58 -5.47 14.73 -20.02
CA GLY D 58 -5.78 15.88 -20.89
C GLY D 58 -6.52 15.46 -22.16
N GLY D 59 -7.32 14.38 -22.08
CA GLY D 59 -8.01 13.83 -23.25
C GLY D 59 -9.47 14.25 -23.31
N VAL D 60 -9.91 15.14 -22.41
CA VAL D 60 -11.30 15.56 -22.30
C VAL D 60 -11.32 17.09 -22.19
N LYS D 61 -11.74 17.76 -23.28
CA LYS D 61 -11.71 19.21 -23.35
C LYS D 61 -13.08 19.75 -23.76
N VAL D 62 -13.57 20.75 -23.01
CA VAL D 62 -14.75 21.54 -23.39
C VAL D 62 -14.32 22.47 -24.53
N VAL D 63 -15.24 22.80 -25.43
CA VAL D 63 -14.96 23.66 -26.60
C VAL D 63 -16.21 24.52 -26.88
N LYS D 64 -16.03 25.72 -27.45
CA LYS D 64 -17.18 26.56 -27.73
C LYS D 64 -17.17 27.10 -29.17
N SER D 65 -16.36 26.48 -30.05
CA SER D 65 -16.32 26.79 -31.49
C SER D 65 -15.78 25.59 -32.25
N SER D 66 -15.92 25.58 -33.59
CA SER D 66 -15.42 24.49 -34.46
C SER D 66 -13.90 24.55 -34.62
N GLN D 67 -13.33 25.77 -34.69
CA GLN D 67 -11.89 25.93 -34.68
C GLN D 67 -11.32 25.36 -33.38
N GLU D 68 -11.96 25.64 -32.23
CA GLU D 68 -11.51 25.08 -30.93
C GLU D 68 -11.53 23.54 -31.00
N THR D 69 -12.60 23.00 -31.61
CA THR D 69 -12.75 21.53 -31.78
C THR D 69 -11.60 20.98 -32.64
N ARG D 70 -11.36 21.63 -33.79
CA ARG D 70 -10.26 21.26 -34.71
C ARG D 70 -8.91 21.30 -33.97
N GLU D 71 -8.78 22.28 -33.06
CA GLU D 71 -7.51 22.51 -32.33
C GLU D 71 -7.29 21.38 -31.33
N VAL D 72 -8.33 21.03 -30.56
CA VAL D 72 -8.26 19.94 -29.58
C VAL D 72 -8.02 18.62 -30.32
N ALA D 73 -8.75 18.39 -31.42
CA ALA D 73 -8.67 17.14 -32.22
C ALA D 73 -7.31 16.93 -32.89
N GLU D 74 -6.65 18.02 -33.33
CA GLU D 74 -5.39 17.95 -34.09
C GLU D 74 -4.28 17.27 -33.28
N SER D 75 -4.14 17.78 -32.06
CA SER D 75 -3.21 17.34 -31.06
C SER D 75 -3.55 15.91 -30.64
N LEU D 76 -4.69 15.73 -29.96
CA LEU D 76 -5.00 14.43 -29.32
C LEU D 76 -4.80 13.33 -30.36
N ILE D 77 -5.39 13.46 -31.54
CA ILE D 77 -5.40 12.39 -32.53
C ILE D 77 -3.96 12.13 -32.97
N GLY D 78 -3.70 10.85 -33.28
CA GLY D 78 -2.43 10.41 -33.86
C GLY D 78 -1.37 10.27 -32.78
N LYS D 79 -1.65 10.83 -31.60
CA LYS D 79 -0.80 10.87 -30.40
C LYS D 79 -1.38 9.96 -29.29
N ASN D 80 -0.50 9.26 -28.54
CA ASN D 80 -0.89 8.24 -27.55
C ASN D 80 -1.04 8.87 -26.15
N LEU D 81 -2.02 8.37 -25.38
CA LEU D 81 -2.43 8.99 -24.14
C LEU D 81 -2.04 8.10 -22.94
N VAL D 82 -1.77 8.75 -21.79
CA VAL D 82 -1.27 8.12 -20.58
C VAL D 82 -2.15 8.55 -19.39
N THR D 83 -2.85 7.59 -18.78
CA THR D 83 -3.75 7.85 -17.65
C THR D 83 -3.31 7.02 -16.44
N PHE D 84 -3.82 7.36 -15.24
CA PHE D 84 -3.51 6.61 -13.99
C PHE D 84 -3.85 5.12 -14.18
N GLN D 85 -4.41 4.76 -15.35
CA GLN D 85 -4.89 3.40 -15.64
C GLN D 85 -4.16 2.76 -16.83
N THR D 86 -2.90 3.11 -17.13
CA THR D 86 -2.19 2.20 -18.06
C THR D 86 -0.67 2.41 -18.12
N ASP D 87 -0.04 1.72 -19.09
CA ASP D 87 1.43 1.55 -19.34
C ASP D 87 1.86 2.41 -20.52
N ALA D 88 3.06 3.01 -20.41
CA ALA D 88 3.43 4.29 -21.09
C ALA D 88 3.28 4.22 -22.61
N GLU D 89 3.43 3.05 -23.24
CA GLU D 89 3.16 2.93 -24.71
C GLU D 89 1.77 3.48 -25.06
N GLY D 90 0.81 3.33 -24.11
CA GLY D 90 -0.54 3.89 -24.17
C GLY D 90 -1.30 3.23 -25.30
N GLN D 91 -2.37 3.88 -25.78
CA GLN D 91 -3.14 3.31 -26.88
C GLN D 91 -3.21 4.30 -28.04
N PRO D 92 -3.31 3.80 -29.29
CA PRO D 92 -3.47 4.65 -30.47
C PRO D 92 -4.82 5.38 -30.43
N VAL D 93 -4.78 6.67 -30.77
CA VAL D 93 -5.90 7.62 -30.71
C VAL D 93 -6.29 7.92 -32.14
N ASN D 94 -7.04 6.98 -32.72
CA ASN D 94 -7.34 6.98 -34.11
C ASN D 94 -8.61 7.80 -34.36
N SER D 95 -9.29 8.23 -33.27
CA SER D 95 -10.54 8.99 -33.30
C SER D 95 -10.74 9.80 -32.01
N VAL D 96 -11.57 10.83 -32.11
CA VAL D 96 -12.10 11.51 -30.97
C VAL D 96 -13.61 11.47 -31.15
N GLY D 97 -14.32 11.57 -30.02
CA GLY D 97 -15.72 11.79 -30.00
C GLY D 97 -15.97 13.24 -29.72
N VAL D 98 -16.91 13.83 -30.45
CA VAL D 98 -17.34 15.18 -30.16
C VAL D 98 -18.76 15.06 -29.63
N PHE D 99 -18.93 15.42 -28.35
CA PHE D 99 -20.16 15.16 -27.60
C PHE D 99 -20.86 16.46 -27.17
N GLU D 100 -22.20 16.40 -27.12
CA GLU D 100 -23.03 17.47 -26.56
C GLU D 100 -22.59 17.74 -25.11
N ASP D 101 -22.57 19.02 -24.73
CA ASP D 101 -22.35 19.42 -23.36
C ASP D 101 -23.66 19.16 -22.61
N VAL D 102 -23.62 18.40 -21.51
CA VAL D 102 -24.84 18.15 -20.73
C VAL D 102 -24.82 18.96 -19.43
N TYR D 103 -23.68 19.59 -19.14
CA TYR D 103 -23.47 20.30 -17.89
C TYR D 103 -24.21 21.64 -18.04
N PRO D 104 -24.96 22.12 -17.02
CA PRO D 104 -24.73 21.78 -15.63
C PRO D 104 -25.65 20.64 -15.18
N VAL D 105 -25.11 19.77 -14.34
CA VAL D 105 -25.89 18.68 -13.85
C VAL D 105 -26.15 18.94 -12.36
N THR D 106 -27.38 18.62 -11.91
CA THR D 106 -27.73 18.67 -10.50
C THR D 106 -26.75 17.81 -9.70
N ARG D 107 -26.47 16.60 -10.19
CA ARG D 107 -25.54 15.70 -9.47
C ARG D 107 -24.99 14.59 -10.38
N GLU D 108 -23.92 13.97 -9.88
CA GLU D 108 -23.24 12.86 -10.56
C GLU D 108 -23.35 11.61 -9.67
N LEU D 109 -23.83 10.52 -10.26
CA LEU D 109 -24.01 9.24 -9.57
C LEU D 109 -23.10 8.19 -10.22
N TYR D 110 -22.98 7.05 -9.53
CA TYR D 110 -22.28 5.88 -10.05
C TYR D 110 -23.27 4.74 -10.17
N LEU D 111 -23.22 4.02 -11.29
CA LEU D 111 -23.96 2.77 -11.47
C LEU D 111 -23.11 1.79 -12.28
N GLY D 112 -23.00 0.57 -11.76
CA GLY D 112 -22.33 -0.50 -12.47
C GLY D 112 -22.82 -1.86 -12.08
N ALA D 113 -22.24 -2.89 -12.72
CA ALA D 113 -22.59 -4.27 -12.38
C ALA D 113 -21.46 -5.20 -12.79
N VAL D 114 -21.36 -6.33 -12.08
CA VAL D 114 -20.41 -7.37 -12.35
C VAL D 114 -21.14 -8.70 -12.12
N VAL D 115 -20.53 -9.81 -12.53
CA VAL D 115 -20.93 -11.12 -12.07
C VAL D 115 -20.16 -11.36 -10.78
N ASP D 116 -20.83 -11.28 -9.65
CA ASP D 116 -20.19 -11.44 -8.39
C ASP D 116 -19.84 -12.92 -8.19
N ARG D 117 -18.54 -13.22 -8.03
CA ARG D 117 -18.10 -14.62 -7.99
C ARG D 117 -18.50 -15.27 -6.66
N SER D 118 -18.58 -14.48 -5.61
CA SER D 118 -18.90 -15.03 -4.30
C SER D 118 -20.36 -15.49 -4.23
N SER D 119 -21.29 -14.62 -4.67
CA SER D 119 -22.71 -14.92 -4.60
C SER D 119 -23.12 -15.73 -5.82
N ARG D 120 -22.33 -15.68 -6.89
CA ARG D 120 -22.65 -16.37 -8.17
C ARG D 120 -23.88 -15.70 -8.79
N LYS D 121 -23.96 -14.36 -8.65
CA LYS D 121 -25.12 -13.59 -9.17
C LYS D 121 -24.66 -12.27 -9.79
N VAL D 122 -25.40 -11.83 -10.80
CA VAL D 122 -25.22 -10.50 -11.36
C VAL D 122 -25.54 -9.52 -10.26
N THR D 123 -24.62 -8.60 -9.96
CA THR D 123 -24.77 -7.70 -8.82
C THR D 123 -24.50 -6.26 -9.29
N PHE D 124 -25.49 -5.37 -9.08
CA PHE D 124 -25.32 -3.99 -9.36
C PHE D 124 -24.74 -3.29 -8.13
N MET D 125 -23.98 -2.22 -8.43
CA MET D 125 -23.42 -1.30 -7.45
C MET D 125 -23.83 0.12 -7.85
N ALA D 126 -24.32 0.90 -6.88
CA ALA D 126 -24.73 2.24 -7.14
C ALA D 126 -24.22 3.13 -6.00
N SER D 127 -23.99 4.41 -6.29
CA SER D 127 -23.53 5.31 -5.24
C SER D 127 -23.90 6.75 -5.58
N THR D 128 -24.07 7.54 -4.52
CA THR D 128 -24.19 8.98 -4.66
C THR D 128 -22.88 9.61 -5.12
N GLU D 129 -21.76 8.91 -4.91
CA GLU D 129 -20.43 9.48 -5.13
C GLU D 129 -19.98 9.17 -6.56
N GLY D 130 -20.63 9.79 -7.53
CA GLY D 130 -20.31 9.65 -8.94
C GLY D 130 -19.22 10.60 -9.36
N GLY D 131 -18.56 10.26 -10.47
CA GLY D 131 -17.57 11.12 -11.08
C GLY D 131 -16.24 11.10 -10.33
N VAL D 132 -16.04 10.13 -9.44
CA VAL D 132 -14.78 9.99 -8.72
C VAL D 132 -14.34 8.53 -8.80
N ASP D 133 -13.15 8.25 -8.26
CA ASP D 133 -12.62 6.92 -8.16
C ASP D 133 -13.55 6.13 -7.24
N ILE D 134 -14.28 5.16 -7.78
CA ILE D 134 -15.30 4.45 -6.99
C ILE D 134 -14.65 3.43 -6.05
N GLU D 135 -13.46 2.92 -6.38
CA GLU D 135 -12.76 1.98 -5.50
C GLU D 135 -12.27 2.74 -4.25
N GLU D 136 -11.93 4.01 -4.42
CA GLU D 136 -11.54 4.86 -3.29
C GLU D 136 -12.75 5.05 -2.35
N VAL D 137 -13.92 5.39 -2.91
CA VAL D 137 -15.15 5.52 -2.12
C VAL D 137 -15.43 4.23 -1.35
N ALA D 138 -15.28 3.09 -2.01
CA ALA D 138 -15.71 1.83 -1.44
C ALA D 138 -14.82 1.48 -0.24
N HIS D 139 -13.56 1.93 -0.27
CA HIS D 139 -12.56 1.63 0.75
C HIS D 139 -12.77 2.53 1.96
N ASN D 140 -12.96 3.82 1.70
CA ASN D 140 -13.04 4.89 2.68
C ASN D 140 -14.44 4.94 3.30
N SER D 141 -15.48 4.75 2.47
CA SER D 141 -16.86 4.79 2.92
C SER D 141 -17.69 3.69 2.25
N PRO D 142 -17.53 2.41 2.66
CA PRO D 142 -18.24 1.28 2.06
C PRO D 142 -19.78 1.35 2.14
N GLU D 143 -20.27 2.06 3.17
CA GLU D 143 -21.67 2.23 3.39
C GLU D 143 -22.28 3.08 2.27
N LYS D 144 -21.45 3.84 1.53
CA LYS D 144 -21.95 4.66 0.41
C LYS D 144 -22.11 3.82 -0.87
N ILE D 145 -21.74 2.53 -0.84
CA ILE D 145 -21.89 1.68 -2.05
C ILE D 145 -23.14 0.84 -1.84
N LEU D 146 -24.16 1.02 -2.68
CA LEU D 146 -25.38 0.26 -2.55
C LEU D 146 -25.23 -0.95 -3.47
N LYS D 147 -25.70 -2.11 -3.02
CA LYS D 147 -25.57 -3.33 -3.82
C LYS D 147 -26.95 -4.00 -3.97
N VAL D 148 -27.19 -4.53 -5.17
CA VAL D 148 -28.38 -5.26 -5.51
C VAL D 148 -27.96 -6.55 -6.22
N GLU D 149 -28.27 -7.66 -5.59
CA GLU D 149 -28.09 -8.97 -6.19
C GLU D 149 -29.34 -9.34 -7.01
N VAL D 150 -29.15 -9.85 -8.23
CA VAL D 150 -30.23 -10.18 -9.11
C VAL D 150 -30.48 -11.68 -9.06
N ASP D 151 -31.74 -12.07 -8.82
CA ASP D 151 -32.13 -13.47 -8.88
C ASP D 151 -32.27 -13.86 -10.36
N PRO D 152 -31.60 -14.95 -10.80
CA PRO D 152 -31.58 -15.30 -12.23
C PRO D 152 -32.98 -15.59 -12.81
N LEU D 153 -33.86 -16.21 -12.02
CA LEU D 153 -35.21 -16.53 -12.51
C LEU D 153 -36.02 -15.26 -12.83
N VAL D 154 -36.10 -14.32 -11.89
CA VAL D 154 -37.01 -13.18 -12.03
C VAL D 154 -36.31 -11.99 -12.68
N GLY D 155 -34.99 -11.94 -12.64
CA GLY D 155 -34.28 -10.79 -13.16
C GLY D 155 -34.48 -9.56 -12.27
N LEU D 156 -33.90 -8.43 -12.68
CA LEU D 156 -33.97 -7.21 -11.90
C LEU D 156 -35.41 -6.69 -11.97
N GLN D 157 -35.99 -6.46 -10.79
CA GLN D 157 -37.37 -6.01 -10.70
C GLN D 157 -37.37 -4.50 -10.41
N PRO D 158 -38.42 -3.79 -10.87
CA PRO D 158 -38.56 -2.36 -10.58
C PRO D 158 -38.34 -1.98 -9.11
N PHE D 159 -38.87 -2.76 -8.15
CA PHE D 159 -38.78 -2.38 -6.74
C PHE D 159 -37.32 -2.31 -6.28
N GLN D 160 -36.43 -3.11 -6.89
CA GLN D 160 -35.03 -3.16 -6.49
C GLN D 160 -34.36 -1.86 -6.94
N ALA D 161 -34.64 -1.46 -8.17
CA ALA D 161 -34.17 -0.22 -8.71
C ALA D 161 -34.77 0.97 -7.94
N ARG D 162 -36.02 0.87 -7.50
CA ARG D 162 -36.64 1.94 -6.72
C ARG D 162 -35.97 2.08 -5.35
N GLU D 163 -35.64 0.96 -4.69
CA GLU D 163 -34.96 1.03 -3.39
C GLU D 163 -33.68 1.88 -3.55
N VAL D 164 -32.94 1.60 -4.63
CA VAL D 164 -31.70 2.29 -4.94
C VAL D 164 -31.99 3.77 -5.20
N ALA D 165 -32.97 4.06 -6.05
CA ALA D 165 -33.28 5.44 -6.44
C ALA D 165 -33.57 6.27 -5.18
N PHE D 166 -34.35 5.72 -4.23
CA PHE D 166 -34.71 6.52 -3.04
C PHE D 166 -33.46 6.75 -2.18
N LYS D 167 -32.63 5.71 -2.02
CA LYS D 167 -31.42 5.83 -1.24
C LYS D 167 -30.41 6.76 -1.90
N LEU D 168 -30.48 6.95 -3.21
CA LEU D 168 -29.57 7.90 -3.86
C LEU D 168 -30.12 9.33 -3.71
N GLY D 169 -31.24 9.47 -3.00
CA GLY D 169 -31.95 10.75 -2.86
C GLY D 169 -32.52 11.24 -4.17
N LEU D 170 -32.87 10.36 -5.10
CA LEU D 170 -33.56 10.82 -6.30
C LEU D 170 -35.00 11.20 -5.96
N GLU D 171 -35.54 12.13 -6.73
CA GLU D 171 -36.85 12.76 -6.43
C GLU D 171 -37.74 12.68 -7.68
N GLY D 172 -39.03 12.36 -7.48
CA GLY D 172 -40.07 12.55 -8.50
C GLY D 172 -39.85 11.69 -9.72
N LYS D 173 -39.82 12.33 -10.90
CA LYS D 173 -39.68 11.62 -12.20
C LYS D 173 -38.30 10.94 -12.28
N GLN D 174 -37.32 11.43 -11.52
CA GLN D 174 -35.98 10.86 -11.52
C GLN D 174 -36.05 9.38 -11.09
N ILE D 175 -37.01 9.03 -10.24
CA ILE D 175 -37.07 7.65 -9.73
C ILE D 175 -37.44 6.68 -10.87
N ASN D 176 -38.51 6.95 -11.60
CA ASN D 176 -38.92 6.06 -12.69
C ASN D 176 -37.88 6.08 -13.83
N ASP D 177 -37.23 7.21 -14.09
CA ASP D 177 -36.22 7.28 -15.12
C ASP D 177 -35.03 6.39 -14.71
N PHE D 178 -34.66 6.43 -13.43
CA PHE D 178 -33.57 5.62 -12.91
C PHE D 178 -33.94 4.14 -13.02
N VAL D 179 -35.21 3.82 -12.74
CA VAL D 179 -35.69 2.45 -12.84
C VAL D 179 -35.53 1.95 -14.29
N LYS D 180 -35.95 2.79 -15.25
CA LYS D 180 -35.85 2.39 -16.64
C LYS D 180 -34.37 2.20 -17.02
N THR D 181 -33.48 3.05 -16.47
CA THR D 181 -32.06 3.01 -16.77
C THR D 181 -31.50 1.66 -16.26
N MET D 182 -31.85 1.33 -15.03
CA MET D 182 -31.25 0.14 -14.44
C MET D 182 -31.78 -1.13 -15.12
N LEU D 183 -33.09 -1.20 -15.36
CA LEU D 183 -33.73 -2.36 -16.03
CA LEU D 183 -33.69 -2.38 -16.01
C LEU D 183 -33.12 -2.57 -17.42
N GLY D 184 -32.89 -1.47 -18.13
CA GLY D 184 -32.29 -1.45 -19.43
C GLY D 184 -30.86 -1.98 -19.39
N ALA D 185 -30.12 -1.57 -18.37
CA ALA D 185 -28.75 -2.03 -18.24
C ALA D 185 -28.71 -3.52 -17.92
N TYR D 186 -29.65 -4.03 -17.08
CA TYR D 186 -29.69 -5.48 -16.80
C TYR D 186 -30.01 -6.27 -18.08
N LYS D 187 -30.98 -5.80 -18.85
CA LYS D 187 -31.33 -6.48 -20.10
CA LYS D 187 -31.33 -6.48 -20.10
C LYS D 187 -30.10 -6.52 -21.03
N ALA D 188 -29.41 -5.39 -21.16
CA ALA D 188 -28.18 -5.34 -21.99
C ALA D 188 -27.11 -6.30 -21.44
N PHE D 189 -26.95 -6.33 -20.11
CA PHE D 189 -25.95 -7.17 -19.45
C PHE D 189 -26.13 -8.64 -19.88
N ILE D 190 -27.38 -9.15 -19.78
CA ILE D 190 -27.63 -10.55 -20.09
C ILE D 190 -27.59 -10.79 -21.60
N GLU D 191 -28.28 -9.93 -22.35
CA GLU D 191 -28.43 -10.17 -23.80
C GLU D 191 -27.08 -10.01 -24.51
N CYS D 192 -26.14 -9.23 -23.97
CA CYS D 192 -24.87 -8.96 -24.63
C CYS D 192 -23.69 -9.71 -23.99
N ASP D 193 -23.96 -10.52 -22.96
CA ASP D 193 -22.90 -11.15 -22.21
C ASP D 193 -21.84 -10.16 -21.72
N PHE D 194 -22.28 -9.09 -21.05
CA PHE D 194 -21.35 -8.28 -20.35
C PHE D 194 -20.63 -9.13 -19.30
N ALA D 195 -19.36 -8.78 -19.05
CA ALA D 195 -18.64 -9.21 -17.82
C ALA D 195 -18.78 -8.11 -16.76
N LEU D 196 -18.71 -6.85 -17.20
CA LEU D 196 -18.72 -5.74 -16.28
C LEU D 196 -19.20 -4.49 -17.04
N PHE D 197 -19.89 -3.59 -16.34
CA PHE D 197 -20.02 -2.23 -16.90
C PHE D 197 -20.04 -1.23 -15.76
N GLU D 198 -19.81 0.02 -16.12
CA GLU D 198 -19.87 1.11 -15.21
CA GLU D 198 -19.87 1.13 -15.20
C GLU D 198 -20.39 2.33 -15.98
N ILE D 199 -21.25 3.11 -15.32
CA ILE D 199 -21.61 4.42 -15.80
C ILE D 199 -21.18 5.37 -14.68
N ASN D 200 -20.21 6.22 -15.03
CA ASN D 200 -19.51 7.04 -14.07
C ASN D 200 -18.96 8.23 -14.82
N PRO D 201 -19.63 9.41 -14.80
CA PRO D 201 -20.87 9.60 -14.05
C PRO D 201 -22.15 9.25 -14.81
N LEU D 202 -23.14 8.79 -14.05
CA LEU D 202 -24.54 8.86 -14.40
C LEU D 202 -25.06 10.21 -13.89
N ALA D 203 -25.16 11.20 -14.76
CA ALA D 203 -25.55 12.55 -14.36
C ALA D 203 -27.09 12.68 -14.27
N VAL D 204 -27.55 13.45 -13.27
CA VAL D 204 -28.88 13.99 -13.25
C VAL D 204 -28.81 15.45 -13.72
N ARG D 205 -29.48 15.75 -14.82
CA ARG D 205 -29.44 17.10 -15.40
C ARG D 205 -30.44 17.99 -14.66
N GLU D 206 -30.36 19.31 -14.92
CA GLU D 206 -31.20 20.29 -14.25
C GLU D 206 -32.67 20.03 -14.58
N ASN D 207 -32.95 19.65 -15.84
CA ASN D 207 -34.30 19.27 -16.27
C ASN D 207 -34.72 17.95 -15.63
N GLY D 208 -33.76 17.23 -15.01
CA GLY D 208 -34.01 15.97 -14.25
C GLY D 208 -33.72 14.71 -15.06
N GLU D 209 -33.24 14.87 -16.29
CA GLU D 209 -32.93 13.75 -17.18
C GLU D 209 -31.77 12.98 -16.54
N ILE D 210 -31.83 11.64 -16.64
CA ILE D 210 -30.76 10.79 -16.15
C ILE D 210 -29.89 10.41 -17.35
N VAL D 211 -28.60 10.81 -17.40
CA VAL D 211 -27.81 10.67 -18.62
C VAL D 211 -26.45 10.00 -18.36
N CYS D 212 -26.14 9.00 -19.19
CA CYS D 212 -24.85 8.35 -19.18
C CYS D 212 -23.82 9.27 -19.84
N VAL D 213 -22.85 9.76 -19.05
CA VAL D 213 -21.84 10.67 -19.54
C VAL D 213 -20.59 9.89 -19.94
N ASP D 214 -20.19 8.93 -19.11
CA ASP D 214 -19.05 8.11 -19.43
C ASP D 214 -19.41 6.66 -19.10
C ASP D 214 -19.29 6.68 -18.91
N GLY D 215 -19.45 5.88 -20.20
N GLY D 215 -18.18 5.96 -18.59
CA GLY D 215 -19.80 4.46 -20.27
CA GLY D 215 -18.20 4.64 -17.98
C GLY D 215 -18.58 3.59 -20.58
C GLY D 215 -17.36 3.62 -18.76
N LYS D 216 -18.47 2.51 -19.81
N LYS D 216 -17.84 2.39 -18.82
CA LYS D 216 -17.40 1.52 -19.84
CA LYS D 216 -17.17 1.38 -19.67
C LYS D 216 -18.04 0.12 -19.78
N ILE D 217 -17.76 -0.70 -20.81
CA ILE D 217 -18.37 -2.01 -20.99
C ILE D 217 -17.25 -2.98 -21.36
N ASN D 218 -17.14 -4.05 -20.57
CA ASN D 218 -16.25 -5.11 -20.86
C ASN D 218 -17.12 -6.35 -21.10
N LEU D 219 -16.97 -6.95 -22.28
CA LEU D 219 -17.78 -8.09 -22.64
C LEU D 219 -17.03 -9.39 -22.33
N ASP D 220 -17.79 -10.46 -22.05
CA ASP D 220 -17.25 -11.78 -21.90
C ASP D 220 -16.77 -12.26 -23.28
N SER D 221 -15.45 -12.35 -23.45
CA SER D 221 -14.89 -12.68 -24.78
C SER D 221 -15.29 -14.11 -25.19
N ASN D 222 -15.51 -14.95 -24.19
CA ASN D 222 -15.89 -16.30 -24.49
C ASN D 222 -17.32 -16.41 -24.97
N ALA D 223 -18.12 -15.34 -24.94
CA ALA D 223 -19.46 -15.40 -25.53
C ALA D 223 -19.55 -14.70 -26.90
N LEU D 224 -18.46 -14.15 -27.40
CA LEU D 224 -18.52 -13.32 -28.63
C LEU D 224 -18.94 -14.12 -29.87
N TYR D 225 -18.83 -15.46 -29.80
CA TYR D 225 -19.24 -16.33 -30.90
C TYR D 225 -20.75 -16.22 -31.12
N ARG D 226 -21.53 -15.84 -30.09
CA ARG D 226 -22.94 -15.69 -30.31
C ARG D 226 -23.39 -14.23 -30.42
N HIS D 227 -22.47 -13.28 -30.58
CA HIS D 227 -22.83 -11.86 -30.78
C HIS D 227 -22.02 -11.29 -31.95
N PRO D 228 -22.29 -11.69 -33.21
CA PRO D 228 -21.50 -11.21 -34.33
C PRO D 228 -21.46 -9.67 -34.40
N LYS D 229 -22.60 -9.00 -34.19
CA LYS D 229 -22.63 -7.50 -34.27
C LYS D 229 -21.67 -6.92 -33.23
N LEU D 230 -21.55 -7.54 -32.04
CA LEU D 230 -20.61 -7.01 -31.03
C LEU D 230 -19.16 -7.35 -31.38
N LEU D 231 -18.91 -8.56 -31.87
CA LEU D 231 -17.58 -8.93 -32.26
C LEU D 231 -17.14 -7.99 -33.40
N ALA D 232 -18.07 -7.62 -34.26
CA ALA D 232 -17.72 -6.63 -35.38
C ALA D 232 -17.34 -5.23 -34.83
N LEU D 233 -17.57 -4.95 -33.53
CA LEU D 233 -17.12 -3.70 -32.87
C LEU D 233 -15.65 -3.75 -32.46
N ARG D 234 -15.02 -4.90 -32.56
CA ARG D 234 -13.65 -5.04 -32.07
C ARG D 234 -12.67 -4.08 -32.77
N ASP D 235 -11.84 -3.43 -31.95
CA ASP D 235 -10.81 -2.55 -32.35
C ASP D 235 -9.48 -3.10 -31.81
N LYS D 236 -8.87 -3.98 -32.64
CA LYS D 236 -7.55 -4.61 -32.40
C LYS D 236 -6.46 -3.57 -32.07
N SER D 237 -6.61 -2.33 -32.52
CA SER D 237 -5.57 -1.35 -32.31
C SER D 237 -5.39 -1.00 -30.82
N GLN D 238 -6.39 -1.32 -29.97
CA GLN D 238 -6.28 -1.06 -28.56
C GLN D 238 -5.66 -2.25 -27.82
N GLU D 239 -5.73 -3.46 -28.40
CA GLU D 239 -5.15 -4.71 -27.81
C GLU D 239 -3.62 -4.66 -28.00
N ASN D 240 -2.88 -5.31 -27.11
CA ASN D 240 -1.39 -5.41 -27.20
C ASN D 240 -0.97 -6.32 -28.36
N ALA D 241 -0.09 -5.84 -29.25
CA ALA D 241 0.24 -6.53 -30.51
C ALA D 241 0.74 -7.96 -30.25
N LYS D 242 1.67 -8.11 -29.29
CA LYS D 242 2.21 -9.42 -28.95
C LYS D 242 1.13 -10.37 -28.40
N GLU D 243 0.28 -9.86 -27.51
CA GLU D 243 -0.80 -10.66 -26.96
C GLU D 243 -1.66 -11.14 -28.13
N LEU D 244 -1.94 -10.19 -29.03
CA LEU D 244 -2.82 -10.42 -30.15
C LEU D 244 -2.21 -11.49 -31.07
N LYS D 245 -0.95 -11.26 -31.46
CA LYS D 245 -0.15 -12.22 -32.24
C LYS D 245 -0.20 -13.62 -31.62
N ALA D 246 -0.04 -13.72 -30.29
CA ALA D 246 0.03 -15.02 -29.59
C ALA D 246 -1.28 -15.82 -29.77
N SER D 247 -2.40 -15.14 -29.57
CA SER D 247 -3.74 -15.73 -29.63
C SER D 247 -3.95 -16.34 -31.03
N GLU D 248 -3.48 -15.64 -32.06
CA GLU D 248 -3.59 -16.11 -33.45
C GLU D 248 -2.74 -17.38 -33.66
N HIS D 249 -2.01 -17.82 -32.63
CA HIS D 249 -1.18 -19.02 -32.72
C HIS D 249 -1.54 -20.04 -31.64
N GLU D 250 -2.73 -19.89 -31.02
CA GLU D 250 -3.18 -20.78 -29.91
C GLU D 250 -2.16 -20.73 -28.76
N LEU D 251 -1.55 -19.56 -28.57
CA LEU D 251 -0.72 -19.27 -27.40
C LEU D 251 -1.46 -18.21 -26.57
N ASN D 252 -1.24 -18.21 -25.26
CA ASN D 252 -1.68 -17.13 -24.38
C ASN D 252 -0.44 -16.49 -23.76
N TYR D 253 -0.22 -15.22 -24.05
CA TYR D 253 1.00 -14.50 -23.68
C TYR D 253 0.65 -13.21 -22.96
N VAL D 254 1.42 -12.88 -21.93
CA VAL D 254 1.35 -11.59 -21.19
C VAL D 254 2.79 -11.15 -20.90
N ALA D 255 3.19 -9.91 -21.30
CA ALA D 255 4.55 -9.39 -21.08
C ALA D 255 4.70 -8.84 -19.65
N LEU D 256 5.86 -9.12 -19.05
CA LEU D 256 6.33 -8.51 -17.82
C LEU D 256 7.61 -7.76 -18.14
N GLU D 257 8.31 -7.25 -17.13
CA GLU D 257 9.49 -6.35 -17.34
C GLU D 257 10.85 -7.03 -17.12
N GLY D 258 10.85 -8.29 -16.72
CA GLY D 258 12.04 -9.00 -16.33
C GLY D 258 12.81 -9.56 -17.53
N ASN D 259 13.74 -10.46 -17.25
CA ASN D 259 14.70 -10.88 -18.33
C ASN D 259 14.79 -12.38 -18.47
N ILE D 260 13.93 -13.12 -17.78
CA ILE D 260 13.88 -14.55 -17.97
C ILE D 260 12.57 -14.91 -18.67
N GLY D 261 12.72 -15.46 -19.89
CA GLY D 261 11.55 -15.86 -20.68
C GLY D 261 11.03 -17.19 -20.19
N CYS D 262 9.73 -17.43 -20.34
CA CYS D 262 9.03 -18.61 -19.81
CA CYS D 262 9.29 -18.76 -20.00
C CYS D 262 8.10 -19.20 -20.87
N MET D 263 8.09 -20.52 -20.98
CA MET D 263 7.22 -21.24 -21.86
C MET D 263 6.73 -22.46 -21.11
N VAL D 264 5.43 -22.53 -20.86
CA VAL D 264 4.84 -23.56 -19.97
C VAL D 264 3.52 -24.04 -20.56
N ASN D 265 3.16 -25.29 -20.25
CA ASN D 265 1.83 -25.82 -20.62
C ASN D 265 0.94 -25.80 -19.40
N GLY D 266 -0.13 -24.98 -19.45
CA GLY D 266 -1.11 -24.91 -18.38
C GLY D 266 -0.98 -23.55 -17.69
N ALA D 267 -2.09 -22.84 -17.52
CA ALA D 267 -2.03 -21.47 -17.01
C ALA D 267 -1.60 -21.42 -15.54
N GLY D 268 -2.11 -22.33 -14.71
CA GLY D 268 -1.71 -22.40 -13.31
C GLY D 268 -0.19 -22.61 -13.20
N LEU D 269 0.30 -23.56 -13.99
CA LEU D 269 1.71 -23.94 -13.95
C LEU D 269 2.54 -22.78 -14.52
N ALA D 270 1.99 -22.06 -15.51
CA ALA D 270 2.73 -20.93 -16.07
C ALA D 270 2.90 -19.85 -14.99
N MET D 271 1.85 -19.55 -14.24
CA MET D 271 1.94 -18.55 -13.14
C MET D 271 2.93 -19.06 -12.07
N ALA D 272 2.85 -20.36 -11.74
CA ALA D 272 3.66 -20.89 -10.65
C ALA D 272 5.13 -20.86 -11.08
N THR D 273 5.38 -21.04 -12.38
CA THR D 273 6.74 -21.08 -12.93
C THR D 273 7.34 -19.68 -12.82
N MET D 274 6.54 -18.66 -13.14
CA MET D 274 7.02 -17.29 -13.02
C MET D 274 7.31 -17.03 -11.54
N ASP D 275 6.46 -17.57 -10.65
CA ASP D 275 6.58 -17.31 -9.25
C ASP D 275 7.84 -17.97 -8.70
N ILE D 276 8.17 -19.20 -9.14
CA ILE D 276 9.33 -19.88 -8.58
C ILE D 276 10.62 -19.23 -9.11
N ILE D 277 10.60 -18.69 -10.34
CA ILE D 277 11.75 -17.95 -10.84
C ILE D 277 12.04 -16.79 -9.90
N GLN D 278 11.01 -16.04 -9.51
CA GLN D 278 11.18 -14.92 -8.60
C GLN D 278 11.70 -15.40 -7.23
N LEU D 279 11.17 -16.51 -6.70
CA LEU D 279 11.72 -17.09 -5.44
C LEU D 279 13.22 -17.35 -5.54
N TYR D 280 13.73 -17.76 -6.71
CA TYR D 280 15.15 -18.09 -6.89
C TYR D 280 15.99 -16.86 -7.34
N GLY D 281 15.40 -15.68 -7.31
CA GLY D 281 16.10 -14.41 -7.52
C GLY D 281 16.17 -13.98 -8.97
N GLY D 282 15.27 -14.51 -9.81
CA GLY D 282 15.15 -14.08 -11.21
C GLY D 282 13.90 -13.24 -11.43
N LYS D 283 13.82 -12.56 -12.58
CA LYS D 283 12.66 -11.76 -12.88
C LYS D 283 12.04 -12.27 -14.17
N PRO D 284 10.84 -12.91 -14.09
CA PRO D 284 10.17 -13.41 -15.29
C PRO D 284 9.87 -12.27 -16.30
N ALA D 285 10.12 -12.54 -17.59
CA ALA D 285 9.90 -11.61 -18.69
C ALA D 285 8.47 -11.70 -19.24
N ASN D 286 7.78 -12.79 -18.93
CA ASN D 286 6.50 -13.03 -19.51
C ASN D 286 5.80 -14.21 -18.85
N PHE D 287 4.49 -14.24 -19.07
CA PHE D 287 3.64 -15.40 -18.94
C PHE D 287 3.44 -15.98 -20.34
N LEU D 288 3.60 -17.30 -20.51
CA LEU D 288 3.24 -17.95 -21.80
C LEU D 288 2.76 -19.39 -21.53
N ASP D 289 1.48 -19.61 -21.85
CA ASP D 289 0.91 -20.92 -21.81
C ASP D 289 0.81 -21.47 -23.23
N VAL D 290 1.54 -22.56 -23.53
CA VAL D 290 1.56 -23.10 -24.87
C VAL D 290 0.38 -24.05 -25.10
N GLY D 291 -0.35 -24.42 -24.05
CA GLY D 291 -1.57 -25.23 -24.20
C GLY D 291 -1.28 -26.72 -24.29
N GLY D 292 -2.36 -27.51 -24.44
CA GLY D 292 -2.41 -28.96 -24.19
C GLY D 292 -1.64 -29.83 -25.19
N GLY D 293 -1.47 -29.37 -26.44
CA GLY D 293 -0.84 -30.16 -27.51
C GLY D 293 0.12 -29.34 -28.35
N ALA D 294 1.29 -29.03 -27.77
CA ALA D 294 2.34 -28.20 -28.41
C ALA D 294 2.80 -28.83 -29.73
N THR D 295 3.58 -28.07 -30.51
CA THR D 295 4.20 -28.52 -31.78
C THR D 295 5.53 -27.78 -31.99
N LYS D 296 6.28 -28.17 -33.02
CA LYS D 296 7.55 -27.53 -33.39
C LYS D 296 7.31 -26.07 -33.79
N GLU D 297 6.26 -25.84 -34.59
CA GLU D 297 5.95 -24.49 -35.09
C GLU D 297 5.37 -23.63 -33.95
N ARG D 298 4.69 -24.25 -32.98
CA ARG D 298 4.21 -23.50 -31.79
C ARG D 298 5.39 -23.06 -30.91
N VAL D 299 6.36 -23.97 -30.72
CA VAL D 299 7.53 -23.65 -29.94
C VAL D 299 8.30 -22.52 -30.66
N ILE D 300 8.23 -22.51 -32.00
CA ILE D 300 8.95 -21.50 -32.77
C ILE D 300 8.34 -20.14 -32.43
N GLU D 301 7.01 -20.06 -32.55
CA GLU D 301 6.28 -18.82 -32.36
CA GLU D 301 6.32 -18.81 -32.37
C GLU D 301 6.51 -18.36 -30.92
N ALA D 302 6.53 -19.33 -30.00
CA ALA D 302 6.78 -19.07 -28.58
C ALA D 302 8.14 -18.38 -28.39
N PHE D 303 9.21 -18.91 -29.02
CA PHE D 303 10.54 -18.33 -28.86
C PHE D 303 10.55 -16.88 -29.40
N LYS D 304 9.91 -16.71 -30.58
CA LYS D 304 9.88 -15.43 -31.24
C LYS D 304 9.12 -14.43 -30.38
N LEU D 305 8.02 -14.86 -29.74
CA LEU D 305 7.30 -13.96 -28.87
C LEU D 305 8.21 -13.57 -27.70
N ILE D 306 8.85 -14.59 -27.10
CA ILE D 306 9.64 -14.35 -25.91
C ILE D 306 10.80 -13.39 -26.23
N LEU D 307 11.62 -13.80 -27.20
CA LEU D 307 12.86 -13.07 -27.59
C LEU D 307 12.63 -11.73 -28.32
N ASP D 308 11.43 -11.40 -28.78
CA ASP D 308 11.24 -10.06 -29.36
C ASP D 308 11.53 -9.00 -28.27
N ASP D 309 11.41 -9.39 -26.99
CA ASP D 309 11.95 -8.56 -25.89
C ASP D 309 13.48 -8.69 -25.90
N GLU D 310 14.15 -7.62 -26.30
CA GLU D 310 15.62 -7.63 -26.45
C GLU D 310 16.27 -7.67 -25.06
N ASN D 311 15.45 -7.61 -24.00
CA ASN D 311 15.94 -7.72 -22.61
C ASN D 311 15.94 -9.18 -22.10
N VAL D 312 15.39 -10.14 -22.85
CA VAL D 312 15.38 -11.54 -22.39
C VAL D 312 16.80 -12.12 -22.50
N LYS D 313 17.33 -12.63 -21.38
CA LYS D 313 18.73 -13.08 -21.32
C LYS D 313 18.83 -14.58 -21.10
N ALA D 314 17.70 -15.25 -20.83
CA ALA D 314 17.63 -16.71 -20.60
C ALA D 314 16.17 -17.16 -20.75
N ILE D 315 15.95 -18.45 -21.01
CA ILE D 315 14.61 -18.96 -21.15
C ILE D 315 14.48 -20.26 -20.35
N LEU D 316 13.34 -20.40 -19.68
CA LEU D 316 12.94 -21.68 -19.05
C LEU D 316 11.75 -22.25 -19.81
N ILE D 317 11.93 -23.47 -20.34
CA ILE D 317 10.86 -24.27 -20.89
C ILE D 317 10.48 -25.29 -19.81
N ASN D 318 9.21 -25.31 -19.43
CA ASN D 318 8.72 -26.19 -18.36
C ASN D 318 7.45 -26.84 -18.87
N ILE D 319 7.59 -28.07 -19.37
CA ILE D 319 6.48 -28.83 -19.90
C ILE D 319 6.28 -30.09 -19.03
N PHE D 320 5.10 -30.19 -18.43
CA PHE D 320 4.63 -31.35 -17.72
C PHE D 320 3.61 -32.08 -18.60
N GLY D 321 4.05 -33.19 -19.21
CA GLY D 321 3.27 -33.85 -20.30
C GLY D 321 2.20 -34.79 -19.76
N CYS D 326 7.36 -36.05 -24.72
CA CYS D 326 8.64 -35.57 -24.20
C CYS D 326 9.77 -35.89 -25.20
N ASP D 327 9.67 -37.07 -25.84
CA ASP D 327 10.40 -37.41 -27.07
C ASP D 327 10.16 -36.28 -28.10
N MET D 328 8.88 -36.07 -28.41
CA MET D 328 8.38 -35.06 -29.34
C MET D 328 8.99 -33.69 -29.01
N ILE D 329 8.75 -33.25 -27.76
CA ILE D 329 8.97 -31.88 -27.31
C ILE D 329 10.45 -31.54 -27.52
N ALA D 330 11.33 -32.49 -27.20
CA ALA D 330 12.78 -32.30 -27.22
C ALA D 330 13.24 -32.00 -28.65
N GLU D 331 12.68 -32.70 -29.63
CA GLU D 331 13.05 -32.48 -31.05
C GLU D 331 12.53 -31.12 -31.51
N ALA D 332 11.29 -30.79 -31.12
CA ALA D 332 10.68 -29.50 -31.45
C ALA D 332 11.57 -28.34 -30.98
N ILE D 333 11.99 -28.40 -29.70
CA ILE D 333 12.87 -27.38 -29.12
C ILE D 333 14.16 -27.30 -29.94
N ILE D 334 14.76 -28.45 -30.29
CA ILE D 334 16.05 -28.45 -31.02
C ILE D 334 15.89 -27.71 -32.35
N GLU D 335 14.87 -28.09 -33.13
CA GLU D 335 14.60 -27.51 -34.47
C GLU D 335 14.22 -26.04 -34.35
N ALA D 336 13.46 -25.70 -33.31
CA ALA D 336 13.13 -24.30 -33.03
C ALA D 336 14.41 -23.50 -32.77
N VAL D 337 15.26 -23.99 -31.85
CA VAL D 337 16.49 -23.28 -31.42
C VAL D 337 17.33 -22.91 -32.65
N LYS D 338 17.48 -23.86 -33.56
CA LYS D 338 18.27 -23.66 -34.80
C LYS D 338 17.63 -22.57 -35.66
N GLU D 339 16.32 -22.71 -35.92
CA GLU D 339 15.64 -21.86 -36.90
C GLU D 339 15.63 -20.39 -36.43
N VAL D 340 15.35 -20.17 -35.14
CA VAL D 340 15.27 -18.83 -34.57
C VAL D 340 16.67 -18.30 -34.23
N ASN D 341 17.73 -19.11 -34.36
CA ASN D 341 19.10 -18.73 -33.97
C ASN D 341 19.14 -18.31 -32.49
N VAL D 342 18.78 -19.20 -31.58
CA VAL D 342 18.68 -18.79 -30.17
C VAL D 342 20.09 -18.74 -29.57
N THR D 343 20.48 -17.58 -29.01
CA THR D 343 21.82 -17.42 -28.43
C THR D 343 21.82 -17.40 -26.90
N VAL D 344 20.65 -17.28 -26.26
CA VAL D 344 20.56 -17.25 -24.80
C VAL D 344 20.54 -18.68 -24.24
N PRO D 345 20.96 -18.88 -22.98
CA PRO D 345 20.79 -20.14 -22.29
C PRO D 345 19.29 -20.52 -22.28
N VAL D 346 19.04 -21.80 -22.51
CA VAL D 346 17.74 -22.38 -22.49
C VAL D 346 17.78 -23.58 -21.54
N VAL D 347 17.01 -23.47 -20.46
CA VAL D 347 16.84 -24.56 -19.51
C VAL D 347 15.53 -25.26 -19.87
N VAL D 348 15.55 -26.60 -19.86
CA VAL D 348 14.44 -27.39 -20.25
C VAL D 348 14.11 -28.37 -19.12
N ARG D 349 12.91 -28.26 -18.58
CA ARG D 349 12.38 -29.20 -17.58
C ARG D 349 11.27 -29.94 -18.31
N LEU D 350 11.48 -31.24 -18.55
CA LEU D 350 10.46 -32.13 -19.11
C LEU D 350 10.06 -33.18 -18.07
N GLU D 351 8.77 -33.46 -17.96
CA GLU D 351 8.20 -34.42 -17.00
C GLU D 351 6.96 -35.04 -17.63
N GLY D 352 6.60 -36.26 -17.21
CA GLY D 352 5.51 -37.05 -17.85
C GLY D 352 6.05 -37.91 -18.99
N GLY D 366 22.44 -32.10 -29.57
CA GLY D 366 23.52 -31.36 -30.21
C GLY D 366 23.81 -30.02 -29.53
N LEU D 367 22.73 -29.27 -29.24
CA LEU D 367 22.81 -27.85 -28.83
C LEU D 367 23.25 -27.71 -27.38
N LYS D 368 23.55 -26.48 -26.96
CA LYS D 368 23.77 -26.15 -25.55
C LYS D 368 22.42 -25.80 -24.89
N LEU D 369 21.72 -26.84 -24.43
CA LEU D 369 20.44 -26.77 -23.74
C LEU D 369 20.63 -27.45 -22.39
N ILE D 370 20.16 -26.80 -21.32
CA ILE D 370 20.46 -27.20 -19.96
C ILE D 370 19.29 -28.02 -19.43
N PRO D 371 19.51 -29.32 -19.12
CA PRO D 371 18.46 -30.20 -18.60
C PRO D 371 18.19 -29.87 -17.12
N ALA D 372 16.93 -29.87 -16.72
CA ALA D 372 16.56 -29.71 -15.34
C ALA D 372 15.73 -30.91 -14.92
N ASP D 373 15.89 -31.29 -13.66
CA ASP D 373 15.26 -32.46 -13.09
C ASP D 373 13.78 -32.11 -12.84
N GLY D 374 13.52 -31.36 -11.76
CA GLY D 374 12.19 -30.87 -11.40
C GLY D 374 12.12 -29.35 -11.41
N LEU D 375 11.07 -28.81 -10.80
CA LEU D 375 10.71 -27.38 -10.86
C LEU D 375 11.78 -26.51 -10.15
N ALA D 376 12.22 -26.93 -8.95
CA ALA D 376 13.19 -26.16 -8.17
C ALA D 376 14.55 -26.09 -8.90
N ASP D 377 14.98 -27.25 -9.41
CA ASP D 377 16.22 -27.39 -10.19
C ASP D 377 16.18 -26.45 -11.42
N ALA D 378 15.02 -26.42 -12.09
CA ALA D 378 14.83 -25.64 -13.29
C ALA D 378 14.94 -24.14 -12.98
N ALA D 379 14.19 -23.69 -11.96
CA ALA D 379 14.26 -22.27 -11.50
C ALA D 379 15.71 -21.90 -11.15
N ASP D 380 16.34 -22.74 -10.34
CA ASP D 380 17.73 -22.50 -9.88
C ASP D 380 18.65 -22.34 -11.10
N LYS D 381 18.56 -23.29 -12.03
CA LYS D 381 19.42 -23.31 -13.17
C LYS D 381 19.22 -22.09 -14.06
N VAL D 382 17.97 -21.66 -14.27
CA VAL D 382 17.75 -20.61 -15.27
C VAL D 382 18.25 -19.29 -14.70
N VAL D 383 18.08 -19.10 -13.38
CA VAL D 383 18.59 -17.91 -12.74
C VAL D 383 20.12 -17.92 -12.80
N LYS D 384 20.73 -19.07 -12.48
CA LYS D 384 22.22 -19.14 -12.49
C LYS D 384 22.76 -18.95 -13.91
N SER D 385 21.96 -19.27 -14.93
CA SER D 385 22.39 -19.16 -16.30
C SER D 385 22.64 -17.69 -16.67
N LEU D 386 22.09 -16.74 -15.92
CA LEU D 386 22.34 -15.33 -16.18
C LEU D 386 23.80 -14.96 -15.82
N GLY D 387 24.43 -15.74 -14.92
CA GLY D 387 25.84 -15.52 -14.54
C GLY D 387 25.95 -14.58 -13.35
N1A COA E . 27.07 6.95 31.33
C2A COA E . 27.90 6.38 30.45
N3A COA E . 27.57 5.26 29.78
C4A COA E . 26.33 4.67 29.98
C5A COA E . 25.35 5.32 30.88
C6A COA E . 25.79 6.50 31.61
N6A COA E . 24.95 7.10 32.47
N7A COA E . 24.19 4.58 30.88
C8A COA E . 24.39 3.58 29.99
N9A COA E . 25.65 3.66 29.46
C1B COA E . 26.20 2.72 28.48
C2B COA E . 25.68 1.28 28.55
O2B COA E . 26.18 0.52 29.69
C3B COA E . 26.13 0.78 27.16
O3B COA E . 27.49 0.27 27.24
P3B COA E . 27.77 -1.27 27.41
O7A COA E . 29.27 -1.49 27.52
O8A COA E . 27.06 -1.61 28.71
O9A COA E . 27.09 -1.98 26.27
C4B COA E . 26.09 2.08 26.29
O4B COA E . 25.73 3.13 27.18
C5B COA E . 25.12 2.09 25.13
O5B COA E . 25.51 1.06 24.19
P1A COA E . 24.46 0.10 23.49
O1A COA E . 25.23 -0.99 22.72
O2A COA E . 23.39 -0.42 24.43
O3A COA E . 23.61 1.10 22.60
P2A COA E . 23.95 1.61 21.14
O4A COA E . 23.35 0.52 20.23
O5A COA E . 25.37 2.09 20.98
O6A COA E . 22.83 2.81 20.93
CBP COA E . 22.50 5.21 20.85
CCP COA E . 22.97 4.04 21.67
CDP COA E . 22.62 6.48 21.68
CEP COA E . 23.47 5.38 19.70
CAP COA E . 21.04 4.95 20.43
OAP COA E . 20.27 4.76 21.63
C9P COA E . 20.49 6.08 19.57
O9P COA E . 20.05 7.13 20.04
N8P COA E . 20.56 5.88 18.25
C7P COA E . 20.20 6.92 17.28
C6P COA E . 21.28 7.98 17.16
C5P COA E . 20.90 8.95 16.04
O5P COA E . 20.35 8.56 15.00
N4P COA E . 21.19 10.22 16.26
C3P COA E . 20.96 11.25 15.31
C2P COA E . 22.03 11.19 14.27
S1P COA E . 21.91 12.59 13.15
MG MG F . 17.45 10.79 11.98
C1 EDO G . -1.71 8.41 18.14
O1 EDO G . -1.96 8.14 19.53
C2 EDO G . -2.96 8.17 17.27
O2 EDO G . -3.92 9.17 17.57
C1 EDO H . -1.62 36.27 31.96
O1 EDO H . -2.26 37.28 31.16
C2 EDO H . -1.89 36.57 33.43
O2 EDO H . -1.55 37.93 33.66
N1A COA I . -23.96 -33.57 -26.92
C2A COA I . -23.04 -34.50 -27.17
N3A COA I . -22.09 -34.30 -28.12
C4A COA I . -21.98 -33.13 -28.84
C5A COA I . -22.92 -32.05 -28.60
C6A COA I . -23.95 -32.36 -27.62
N6A COA I . -24.86 -31.37 -27.43
N7A COA I . -22.60 -31.01 -29.40
C8A COA I . -21.50 -31.34 -30.14
N9A COA I . -21.13 -32.59 -29.77
C1B COA I . -19.99 -33.37 -30.26
C2B COA I . -19.61 -33.10 -31.74
O2B COA I . -20.65 -33.69 -32.56
C3B COA I . -18.21 -33.76 -31.75
O3B COA I . -18.30 -35.14 -32.12
P3B COA I . -18.10 -35.63 -33.69
O7A COA I . -16.83 -34.96 -34.20
O8A COA I . -18.26 -37.16 -33.63
O9A COA I . -19.24 -35.00 -34.42
C4B COA I . -17.75 -33.58 -30.27
O4B COA I . -18.84 -33.14 -29.48
C5B COA I . -16.66 -32.56 -30.21
O5B COA I . -15.46 -33.17 -30.73
P1A COA I . -14.51 -32.30 -31.70
O1A COA I . -15.28 -31.31 -32.51
O2A COA I . -13.48 -33.29 -32.27
O3A COA I . -13.84 -31.32 -30.58
P2A COA I . -12.51 -31.65 -29.72
O4A COA I . -12.73 -33.02 -29.13
O5A COA I . -11.38 -31.25 -30.67
O6A COA I . -12.60 -30.43 -28.63
CBP COA I . -13.04 -29.74 -26.36
CCP COA I . -13.62 -30.45 -27.61
CDP COA I . -14.10 -29.59 -25.27
CEP COA I . -11.93 -30.63 -25.82
CAP COA I . -12.48 -28.36 -26.68
OAP COA I . -13.55 -27.53 -27.24
C9P COA I . -11.83 -27.66 -25.47
O9P COA I . -12.47 -27.09 -24.59
N8P COA I . -10.48 -27.71 -25.36
C7P COA I . -9.82 -27.24 -24.18
C6P COA I . -10.00 -28.22 -23.02
C5P COA I . -9.21 -27.76 -21.81
O5P COA I . -8.07 -27.34 -21.95
N4P COA I . -9.82 -27.89 -20.61
C3P COA I . -9.19 -27.64 -19.35
C2P COA I . -8.26 -28.78 -18.97
S1P COA I . -7.50 -28.49 -17.35
MG MG J . -5.67 -24.45 -19.41
C1 EDO K . -29.66 -1.71 -2.05
O1 EDO K . -29.18 -1.10 -0.84
C2 EDO K . -31.11 -1.33 -2.28
O2 EDO K . -31.77 -1.29 -1.02
C1 EDO L . 16.70 -10.88 -12.74
O1 EDO L . 16.34 -12.12 -13.41
C2 EDO L . 18.19 -10.75 -12.46
O2 EDO L . 18.89 -10.27 -13.64
#